data_3V4X
#
_entry.id   3V4X
#
_cell.length_a   108.333
_cell.length_b   52.756
_cell.length_c   117.576
_cell.angle_alpha   90.00
_cell.angle_beta   99.51
_cell.angle_gamma   90.00
#
_symmetry.space_group_name_H-M   'P 1 21 1'
#
loop_
_entity.id
_entity.type
_entity.pdbx_description
1 polymer 'HMG-CoA synthase'
2 non-polymer '(7R,12R,13R)-13-formyl-12,14-dihydroxy-3,5,7-trimethyltetradeca-2,4-dienoic acid'
3 water water
#
_entity_poly.entity_id   1
_entity_poly.type   'polypeptide(L)'
_entity_poly.pdbx_seq_one_letter_code
;GSTGSMTIGIDKISFFVPPYYIDMTALAEARNVDPGKFHIGIGQDQMAVNPISQDIVTFAANAAEAILTKEDKEAIDMVI
VGTESSIDESKAAAVVLHRLMGIQPFARSFEIKEACYGATAGLQLAKNHVALHPDKKVLVVAADIAKYGLNSGGEPTQGA
GAVAMLVSSEPRILALKEDNVMLTQDIYDFWRPTGHPYPMVDGPLSNETYIQSFAQVWDEHKKRTGLDFADYDALAFHIP
YTKMGKKALLAKISDQTEAEQERILARYEESIIYSRRVGNLYTGSLYLGLISLLENATTLTAGNQIGLFSYGSGAVAEFF
TGELVAGYQNHLQKETHLALLDNRTELSIAEYEAMFAETLDTDIDQTLEDELKYSISAINNTVRSYRN
;
_entity_poly.pdbx_strand_id   A,B,C,D
#
loop_
_chem_comp.id
_chem_comp.type
_chem_comp.name
_chem_comp.formula
F24 non-polymer '(7R,12R,13R)-13-formyl-12,14-dihydroxy-3,5,7-trimethyltetradeca-2,4-dienoic acid' 'C18 H30 O5'
#
# COMPACT_ATOMS: atom_id res chain seq x y z
N SER A 2 -21.37 43.02 -24.87
CA SER A 2 -22.24 41.83 -25.06
C SER A 2 -22.89 41.35 -23.77
N THR A 3 -24.06 40.75 -23.91
CA THR A 3 -24.73 40.05 -22.82
C THR A 3 -25.06 38.64 -23.28
N GLY A 4 -25.50 37.80 -22.36
CA GLY A 4 -25.86 36.43 -22.69
C GLY A 4 -24.76 35.44 -22.30
N SER A 5 -23.62 35.97 -21.88
CA SER A 5 -22.52 35.12 -21.43
C SER A 5 -22.93 34.34 -20.19
N MET A 6 -22.31 33.18 -20.01
CA MET A 6 -22.54 32.38 -18.83
C MET A 6 -22.14 33.16 -17.58
N THR A 7 -23.00 33.14 -16.57
CA THR A 7 -22.62 33.66 -15.26
C THR A 7 -22.38 32.51 -14.29
N ILE A 8 -21.45 32.73 -13.35
CA ILE A 8 -21.09 31.71 -12.38
C ILE A 8 -20.92 32.39 -11.03
N GLY A 9 -21.43 31.78 -9.97
CA GLY A 9 -21.25 32.34 -8.65
C GLY A 9 -22.11 31.70 -7.58
N ILE A 10 -22.52 32.51 -6.61
CA ILE A 10 -23.25 32.01 -5.47
C ILE A 10 -24.75 31.94 -5.76
N ASP A 11 -25.29 30.72 -5.76
CA ASP A 11 -26.70 30.50 -6.03
C ASP A 11 -27.53 30.57 -4.76
N LYS A 12 -27.00 29.99 -3.69
CA LYS A 12 -27.65 30.01 -2.38
C LYS A 12 -26.58 30.08 -1.30
N ILE A 13 -26.91 30.71 -0.18
CA ILE A 13 -25.95 30.86 0.93
C ILE A 13 -26.68 30.95 2.27
N SER A 14 -26.11 30.30 3.28
CA SER A 14 -26.71 30.31 4.61
C SER A 14 -25.64 30.09 5.68
N PHE A 15 -25.95 30.42 6.92
CA PHE A 15 -25.03 30.15 8.03
C PHE A 15 -25.75 29.39 9.14
N PHE A 16 -24.94 28.75 9.99
CA PHE A 16 -25.44 28.10 11.17
C PHE A 16 -24.50 28.38 12.34
N VAL A 17 -25.09 28.59 13.51
CA VAL A 17 -24.33 28.73 14.76
C VAL A 17 -24.95 27.83 15.83
N PRO A 18 -24.16 27.44 16.83
CA PRO A 18 -24.71 26.59 17.88
C PRO A 18 -25.83 27.30 18.64
N PRO A 19 -26.69 26.53 19.32
CA PRO A 19 -27.82 27.09 20.05
C PRO A 19 -27.47 27.71 21.40
N TYR A 20 -26.23 28.19 21.56
CA TYR A 20 -25.80 28.80 22.82
C TYR A 20 -25.01 30.09 22.59
N TYR A 21 -25.14 31.04 23.50
CA TYR A 21 -24.28 32.22 23.50
C TYR A 21 -24.06 32.76 24.90
N ILE A 22 -23.02 33.58 25.05
CA ILE A 22 -22.84 34.36 26.26
C ILE A 22 -22.82 35.84 25.88
N ASP A 23 -23.52 36.66 26.66
CA ASP A 23 -23.59 38.08 26.40
C ASP A 23 -22.33 38.77 26.87
N MET A 24 -21.86 39.74 26.09
CA MET A 24 -20.59 40.41 26.36
C MET A 24 -20.63 41.24 27.65
N THR A 25 -21.82 41.65 28.07
CA THR A 25 -21.94 42.35 29.34
C THR A 25 -21.64 41.38 30.47
N ALA A 26 -22.17 40.17 30.38
CA ALA A 26 -21.93 39.17 31.41
C ALA A 26 -20.45 38.81 31.44
N LEU A 27 -19.85 38.67 30.26
CA LEU A 27 -18.43 38.36 30.18
C LEU A 27 -17.63 39.51 30.78
N ALA A 28 -17.93 40.73 30.32
CA ALA A 28 -17.21 41.91 30.77
C ALA A 28 -17.18 42.00 32.29
N GLU A 29 -18.33 41.76 32.91
CA GLU A 29 -18.45 41.84 34.36
C GLU A 29 -17.61 40.76 35.02
N ALA A 30 -17.61 39.56 34.47
CA ALA A 30 -16.80 38.47 35.02
C ALA A 30 -15.31 38.77 34.86
N ARG A 31 -14.95 39.51 33.82
CA ARG A 31 -13.55 39.83 33.54
C ARG A 31 -13.12 41.14 34.17
N ASN A 32 -13.99 41.73 34.99
CA ASN A 32 -13.73 43.03 35.62
C ASN A 32 -13.31 44.06 34.58
N VAL A 33 -14.21 44.29 33.63
CA VAL A 33 -13.94 45.18 32.51
C VAL A 33 -15.25 45.87 32.14
N ASP A 34 -15.16 47.10 31.64
CA ASP A 34 -16.36 47.84 31.23
C ASP A 34 -17.00 47.15 30.03
N PRO A 35 -18.30 46.82 30.14
CA PRO A 35 -18.98 46.13 29.03
C PRO A 35 -18.84 46.89 27.72
N GLY A 36 -18.75 48.21 27.81
CA GLY A 36 -18.58 49.03 26.63
C GLY A 36 -17.31 48.68 25.87
N LYS A 37 -16.32 48.17 26.59
CA LYS A 37 -15.05 47.80 25.97
C LYS A 37 -15.22 46.64 25.00
N PHE A 38 -16.13 45.73 25.31
CA PHE A 38 -16.42 44.60 24.45
C PHE A 38 -17.47 44.98 23.40
N HIS A 39 -18.56 45.60 23.86
CA HIS A 39 -19.67 45.95 23.00
C HIS A 39 -19.30 46.97 21.92
N ILE A 40 -18.41 47.90 22.27
CA ILE A 40 -18.12 49.03 21.39
C ILE A 40 -16.66 49.09 20.98
N GLY A 41 -15.76 48.91 21.94
CA GLY A 41 -14.33 48.94 21.68
C GLY A 41 -13.88 47.83 20.77
N ILE A 42 -14.39 46.62 21.03
CA ILE A 42 -14.08 45.46 20.20
C ILE A 42 -15.17 45.31 19.15
N GLY A 43 -16.41 45.56 19.56
CA GLY A 43 -17.54 45.56 18.65
C GLY A 43 -18.28 44.23 18.56
N GLN A 44 -18.38 43.53 19.69
CA GLN A 44 -19.09 42.26 19.74
C GLN A 44 -20.12 42.29 20.86
N ASP A 45 -21.26 41.63 20.64
CA ASP A 45 -22.36 41.67 21.60
C ASP A 45 -22.71 40.31 22.18
N GLN A 46 -22.72 39.29 21.33
CA GLN A 46 -23.04 37.94 21.75
C GLN A 46 -22.07 36.95 21.12
N MET A 47 -21.47 36.11 21.96
CA MET A 47 -20.48 35.13 21.53
C MET A 47 -21.12 33.75 21.37
N ALA A 48 -21.06 33.21 20.16
CA ALA A 48 -21.51 31.85 19.93
C ALA A 48 -20.56 30.88 20.61
N VAL A 49 -21.12 29.91 21.34
CA VAL A 49 -20.34 28.91 22.04
C VAL A 49 -20.94 27.54 21.77
N ASN A 50 -20.09 26.51 21.71
CA ASN A 50 -20.56 25.16 21.44
C ASN A 50 -20.00 24.13 22.42
N PRO A 51 -20.78 23.07 22.68
CA PRO A 51 -20.33 21.93 23.49
C PRO A 51 -19.53 20.94 22.65
N ILE A 52 -18.87 19.99 23.30
CA ILE A 52 -18.02 19.03 22.60
C ILE A 52 -18.81 18.08 21.70
N SER A 53 -20.13 18.11 21.79
CA SER A 53 -20.98 17.25 20.98
C SER A 53 -21.28 17.89 19.62
N GLN A 54 -20.67 19.04 19.36
CA GLN A 54 -20.84 19.72 18.09
C GLN A 54 -19.48 20.12 17.51
N ASP A 55 -19.19 19.64 16.30
CA ASP A 55 -17.93 19.95 15.65
C ASP A 55 -18.17 20.58 14.28
N ILE A 56 -17.11 20.78 13.51
CA ILE A 56 -17.25 21.43 12.21
C ILE A 56 -18.21 20.66 11.30
N VAL A 57 -18.25 19.34 11.44
CA VAL A 57 -19.17 18.53 10.65
C VAL A 57 -20.61 18.87 11.01
N THR A 58 -20.89 18.98 12.31
CA THR A 58 -22.20 19.37 12.80
C THR A 58 -22.65 20.68 12.17
N PHE A 59 -21.79 21.69 12.24
CA PHE A 59 -22.13 23.01 11.77
C PHE A 59 -22.26 23.04 10.24
N ALA A 60 -21.31 22.38 9.57
CA ALA A 60 -21.32 22.34 8.12
C ALA A 60 -22.58 21.66 7.61
N ALA A 61 -22.94 20.55 8.25
CA ALA A 61 -24.12 19.80 7.85
C ALA A 61 -25.39 20.62 8.03
N ASN A 62 -25.51 21.29 9.18
CA ASN A 62 -26.68 22.11 9.44
C ASN A 62 -26.82 23.28 8.47
N ALA A 63 -25.71 23.95 8.19
CA ALA A 63 -25.71 25.06 7.25
C ALA A 63 -26.09 24.60 5.85
N ALA A 64 -25.47 23.51 5.39
CA ALA A 64 -25.73 23.00 4.05
C ALA A 64 -27.16 22.49 3.91
N GLU A 65 -27.69 21.87 4.95
CA GLU A 65 -29.04 21.32 4.86
C GLU A 65 -30.07 22.43 4.63
N ALA A 66 -29.74 23.64 5.05
CA ALA A 66 -30.68 24.75 4.93
C ALA A 66 -30.86 25.20 3.49
N ILE A 67 -29.92 24.83 2.61
CA ILE A 67 -29.96 25.30 1.22
C ILE A 67 -30.07 24.20 0.15
N LEU A 68 -29.66 22.98 0.46
CA LEU A 68 -29.61 21.92 -0.55
C LEU A 68 -30.97 21.27 -0.85
N THR A 69 -31.29 21.16 -2.14
CA THR A 69 -32.50 20.48 -2.57
C THR A 69 -32.15 19.16 -3.26
N LYS A 70 -33.17 18.41 -3.66
CA LYS A 70 -32.97 17.17 -4.38
C LYS A 70 -32.12 17.35 -5.64
N GLU A 71 -32.47 18.33 -6.47
CA GLU A 71 -31.75 18.55 -7.72
C GLU A 71 -30.30 18.98 -7.48
N ASP A 72 -30.06 19.77 -6.44
CA ASP A 72 -28.71 20.16 -6.08
C ASP A 72 -27.88 18.93 -5.77
N LYS A 73 -28.46 18.03 -4.99
CA LYS A 73 -27.73 16.85 -4.54
C LYS A 73 -27.36 15.96 -5.73
N GLU A 74 -28.12 16.04 -6.82
CA GLU A 74 -27.86 15.25 -8.02
C GLU A 74 -26.81 15.91 -8.92
N ALA A 75 -26.67 17.22 -8.82
CA ALA A 75 -25.79 17.98 -9.72
C ALA A 75 -24.43 18.30 -9.11
N ILE A 76 -24.31 18.16 -7.79
CA ILE A 76 -23.03 18.42 -7.12
C ILE A 76 -22.07 17.26 -7.36
N ASP A 77 -20.89 17.57 -7.89
CA ASP A 77 -19.84 16.56 -8.02
C ASP A 77 -18.55 16.99 -7.35
N MET A 78 -18.60 18.03 -6.54
CA MET A 78 -17.46 18.39 -5.71
C MET A 78 -17.92 18.99 -4.39
N VAL A 79 -17.35 18.52 -3.29
CA VAL A 79 -17.70 19.00 -1.95
C VAL A 79 -16.46 19.48 -1.22
N ILE A 80 -16.46 20.74 -0.81
CA ILE A 80 -15.28 21.34 -0.21
C ILE A 80 -15.57 21.96 1.14
N VAL A 81 -14.73 21.65 2.11
CA VAL A 81 -14.81 22.28 3.42
C VAL A 81 -13.54 23.08 3.64
N GLY A 82 -13.70 24.37 3.93
CA GLY A 82 -12.57 25.20 4.28
C GLY A 82 -12.59 25.41 5.78
N THR A 83 -11.50 25.04 6.45
CA THR A 83 -11.46 25.11 7.91
C THR A 83 -10.04 25.19 8.44
N GLU A 84 -9.92 25.68 9.67
CA GLU A 84 -8.67 25.58 10.42
C GLU A 84 -8.94 24.92 11.77
N SER A 85 -10.01 24.12 11.83
CA SER A 85 -10.43 23.43 13.06
C SER A 85 -10.68 21.96 12.79
N SER A 86 -9.83 21.35 11.98
CA SER A 86 -9.98 19.96 11.58
C SER A 86 -10.00 19.02 12.78
N ILE A 87 -10.67 17.88 12.61
CA ILE A 87 -10.76 16.88 13.67
C ILE A 87 -9.94 15.64 13.29
N ASP A 88 -9.43 15.62 12.07
CA ASP A 88 -8.59 14.52 11.61
C ASP A 88 -7.44 15.13 10.81
N GLU A 89 -6.29 14.46 10.84
CA GLU A 89 -5.11 14.92 10.12
C GLU A 89 -5.06 14.36 8.70
N SER A 90 -5.91 13.37 8.41
CA SER A 90 -5.91 12.72 7.10
C SER A 90 -7.26 12.81 6.40
N LYS A 91 -8.31 12.34 7.06
CA LYS A 91 -9.63 12.29 6.45
C LYS A 91 -10.30 13.66 6.42
N ALA A 92 -10.65 14.12 5.23
CA ALA A 92 -11.29 15.42 5.07
C ALA A 92 -12.68 15.42 5.67
N ALA A 93 -13.02 16.48 6.41
CA ALA A 93 -14.35 16.62 6.98
C ALA A 93 -15.43 16.60 5.89
N ALA A 94 -15.02 16.98 4.68
CA ALA A 94 -15.92 17.02 3.54
C ALA A 94 -16.51 15.65 3.21
N VAL A 95 -15.75 14.59 3.49
CA VAL A 95 -16.21 13.24 3.20
C VAL A 95 -17.47 12.90 4.00
N VAL A 96 -17.47 13.25 5.28
CA VAL A 96 -18.62 12.99 6.14
C VAL A 96 -19.79 13.88 5.75
N LEU A 97 -19.49 15.12 5.40
CA LEU A 97 -20.51 16.05 4.94
C LEU A 97 -21.20 15.48 3.71
N HIS A 98 -20.42 14.94 2.78
CA HIS A 98 -20.96 14.36 1.56
C HIS A 98 -21.98 13.27 1.86
N ARG A 99 -21.67 12.40 2.82
CA ARG A 99 -22.62 11.35 3.20
C ARG A 99 -23.87 11.93 3.83
N LEU A 100 -23.69 12.79 4.83
CA LEU A 100 -24.81 13.32 5.60
C LEU A 100 -25.78 14.12 4.73
N MET A 101 -25.27 14.76 3.69
CA MET A 101 -26.11 15.57 2.81
C MET A 101 -26.76 14.74 1.72
N GLY A 102 -26.43 13.46 1.63
CA GLY A 102 -27.02 12.59 0.63
C GLY A 102 -26.69 13.01 -0.80
N ILE A 103 -25.52 13.60 -0.98
CA ILE A 103 -25.06 14.02 -2.31
C ILE A 103 -24.69 12.81 -3.15
N GLN A 104 -24.92 12.89 -4.46
CA GLN A 104 -24.67 11.76 -5.35
C GLN A 104 -23.22 11.28 -5.23
N PRO A 105 -23.00 9.97 -5.38
CA PRO A 105 -21.72 9.34 -5.02
C PRO A 105 -20.53 9.73 -5.88
N PHE A 106 -20.74 10.03 -7.15
CA PHE A 106 -19.62 10.30 -8.06
C PHE A 106 -19.14 11.74 -7.99
N ALA A 107 -18.59 12.08 -6.84
CA ALA A 107 -18.11 13.44 -6.55
C ALA A 107 -16.76 13.34 -5.84
N ARG A 108 -15.97 14.41 -5.92
CA ARG A 108 -14.73 14.47 -5.15
C ARG A 108 -14.93 15.38 -3.94
N SER A 109 -14.32 15.01 -2.81
CA SER A 109 -14.49 15.74 -1.56
C SER A 109 -13.14 15.94 -0.89
N PHE A 110 -12.89 17.16 -0.41
CA PHE A 110 -11.65 17.44 0.27
C PHE A 110 -11.74 18.70 1.13
N GLU A 111 -10.70 18.90 1.93
CA GLU A 111 -10.62 19.96 2.89
C GLU A 111 -9.54 20.94 2.43
N ILE A 112 -9.77 22.23 2.59
CA ILE A 112 -8.75 23.24 2.28
C ILE A 112 -8.36 23.97 3.55
N LYS A 113 -7.06 24.12 3.77
CA LYS A 113 -6.54 24.78 4.96
C LYS A 113 -5.62 25.93 4.60
N GLU A 114 -5.98 27.12 5.08
CA GLU A 114 -5.11 28.28 5.10
C GLU A 114 -5.83 29.32 5.94
N ALA A 115 -5.77 29.14 7.25
CA ALA A 115 -6.41 30.04 8.20
C ALA A 115 -7.84 30.38 7.76
N CYS A 116 -8.17 31.67 7.78
CA CYS A 116 -9.54 32.09 7.47
C CYS A 116 -9.78 32.31 5.98
N TYR A 117 -8.86 31.83 5.15
CA TYR A 117 -8.95 32.03 3.70
C TYR A 117 -9.42 30.76 2.97
N GLY A 118 -9.42 29.63 3.68
CA GLY A 118 -9.70 28.33 3.09
C GLY A 118 -10.96 28.25 2.25
N ALA A 119 -12.06 28.82 2.74
CA ALA A 119 -13.34 28.76 2.04
C ALA A 119 -13.31 29.60 0.76
N THR A 120 -12.54 30.68 0.78
CA THR A 120 -12.40 31.52 -0.40
C THR A 120 -11.67 30.77 -1.52
N ALA A 121 -10.62 30.05 -1.16
CA ALA A 121 -9.90 29.21 -2.11
C ALA A 121 -10.88 28.24 -2.75
N GLY A 122 -11.76 27.67 -1.92
CA GLY A 122 -12.77 26.74 -2.38
C GLY A 122 -13.74 27.42 -3.33
N LEU A 123 -14.14 28.64 -3.03
CA LEU A 123 -15.13 29.34 -3.84
C LEU A 123 -14.61 29.60 -5.24
N GLN A 124 -13.40 30.12 -5.36
CA GLN A 124 -12.86 30.46 -6.67
C GLN A 124 -12.56 29.20 -7.50
N LEU A 125 -12.08 28.16 -6.85
CA LEU A 125 -11.80 26.92 -7.56
C LEU A 125 -13.10 26.30 -8.04
N ALA A 126 -14.16 26.42 -7.25
CA ALA A 126 -15.47 25.90 -7.62
C ALA A 126 -15.96 26.63 -8.86
N LYS A 127 -15.80 27.94 -8.84
CA LYS A 127 -16.17 28.79 -9.96
C LYS A 127 -15.54 28.29 -11.26
N ASN A 128 -14.23 28.06 -11.24
CA ASN A 128 -13.52 27.55 -12.41
C ASN A 128 -14.02 26.18 -12.83
N HIS A 129 -14.31 25.34 -11.85
CA HIS A 129 -14.83 24.00 -12.12
C HIS A 129 -16.15 24.08 -12.89
N VAL A 130 -17.05 24.93 -12.42
CA VAL A 130 -18.35 25.10 -13.06
C VAL A 130 -18.23 25.73 -14.43
N ALA A 131 -17.25 26.61 -14.60
CA ALA A 131 -16.99 27.23 -15.88
C ALA A 131 -16.69 26.16 -16.95
N LEU A 132 -15.96 25.13 -16.55
CA LEU A 132 -15.60 24.05 -17.45
C LEU A 132 -16.72 22.99 -17.50
N HIS A 133 -17.57 22.97 -16.47
CA HIS A 133 -18.64 21.99 -16.36
C HIS A 133 -19.93 22.67 -15.90
N PRO A 134 -20.57 23.44 -16.78
CA PRO A 134 -21.70 24.32 -16.41
C PRO A 134 -22.94 23.59 -15.91
N ASP A 135 -23.03 22.27 -16.12
CA ASP A 135 -24.18 21.51 -15.66
C ASP A 135 -23.98 21.02 -14.22
N LYS A 136 -22.92 21.26 -13.66
CA LYS A 136 -22.58 20.68 -12.36
C LYS A 136 -22.57 21.75 -11.27
N LYS A 137 -22.56 21.47 -10.07
CA LYS A 137 -22.54 22.42 -8.98
C LYS A 137 -21.51 22.00 -7.97
N VAL A 138 -21.15 22.91 -7.07
CA VAL A 138 -20.18 22.64 -6.02
C VAL A 138 -20.72 23.14 -4.70
N LEU A 139 -20.58 22.31 -3.66
CA LEU A 139 -20.88 22.74 -2.31
C LEU A 139 -19.59 23.20 -1.64
N VAL A 140 -19.54 24.46 -1.26
CA VAL A 140 -18.40 25.00 -0.52
C VAL A 140 -18.87 25.46 0.85
N VAL A 141 -18.29 24.89 1.90
CA VAL A 141 -18.69 25.25 3.25
C VAL A 141 -17.51 25.70 4.09
N ALA A 142 -17.63 26.88 4.68
CA ALA A 142 -16.68 27.34 5.69
C ALA A 142 -17.17 26.83 7.03
N ALA A 143 -16.27 26.24 7.82
CA ALA A 143 -16.64 25.74 9.14
C ALA A 143 -15.46 25.91 10.09
N ASP A 144 -15.75 26.41 11.29
CA ASP A 144 -14.71 26.68 12.27
C ASP A 144 -15.25 26.93 13.67
N ILE A 145 -14.33 26.95 14.63
CA ILE A 145 -14.61 27.07 16.04
C ILE A 145 -13.48 27.94 16.54
N ALA A 146 -13.78 29.21 16.77
CA ALA A 146 -12.76 30.19 17.10
C ALA A 146 -12.66 30.38 18.61
N LYS A 147 -11.71 29.70 19.23
CA LYS A 147 -11.50 29.78 20.67
C LYS A 147 -10.06 30.19 20.97
N TYR A 148 -9.90 31.26 21.74
CA TYR A 148 -8.58 31.78 22.06
C TYR A 148 -8.14 31.37 23.46
N GLY A 149 -9.09 31.28 24.38
CA GLY A 149 -8.80 30.91 25.75
C GLY A 149 -9.49 31.81 26.76
N LEU A 150 -9.90 31.24 27.89
CA LEU A 150 -10.49 32.01 28.96
C LEU A 150 -9.51 33.08 29.44
N ASN A 151 -9.99 34.31 29.57
CA ASN A 151 -9.18 35.43 30.03
C ASN A 151 -8.10 35.87 29.05
N SER A 152 -8.22 35.43 27.79
CA SER A 152 -7.29 35.85 26.75
C SER A 152 -7.77 37.13 26.09
N GLY A 153 -6.85 37.86 25.46
CA GLY A 153 -7.19 39.08 24.78
C GLY A 153 -8.22 38.84 23.68
N GLY A 154 -8.14 37.68 23.06
CA GLY A 154 -8.99 37.37 21.93
C GLY A 154 -10.35 36.80 22.32
N GLU A 155 -10.54 36.53 23.61
CA GLU A 155 -11.76 35.88 24.08
C GLU A 155 -13.06 36.54 23.59
N PRO A 156 -13.13 37.88 23.65
CA PRO A 156 -14.39 38.54 23.26
C PRO A 156 -14.70 38.43 21.76
N THR A 157 -13.71 38.04 20.96
CA THR A 157 -13.88 37.94 19.52
C THR A 157 -14.31 36.53 19.08
N GLN A 158 -14.31 35.60 20.04
CA GLN A 158 -14.58 34.19 19.77
C GLN A 158 -15.93 33.96 19.08
N GLY A 159 -16.05 32.80 18.45
CA GLY A 159 -17.29 32.41 17.81
C GLY A 159 -17.22 30.97 17.32
N ALA A 160 -18.28 30.54 16.63
CA ALA A 160 -18.34 29.17 16.13
C ALA A 160 -19.54 29.01 15.20
N GLY A 161 -19.38 28.19 14.16
CA GLY A 161 -20.45 27.95 13.22
C GLY A 161 -19.94 27.61 11.84
N ALA A 162 -20.78 27.84 10.84
CA ALA A 162 -20.43 27.53 9.46
C ALA A 162 -21.25 28.37 8.48
N VAL A 163 -20.69 28.56 7.29
CA VAL A 163 -21.39 29.21 6.19
C VAL A 163 -21.30 28.32 4.95
N ALA A 164 -22.45 27.90 4.43
CA ALA A 164 -22.50 27.04 3.27
C ALA A 164 -22.90 27.80 2.02
N MET A 165 -22.25 27.51 0.90
CA MET A 165 -22.55 28.16 -0.36
C MET A 165 -22.73 27.13 -1.46
N LEU A 166 -23.73 27.34 -2.30
CA LEU A 166 -23.91 26.51 -3.49
C LEU A 166 -23.43 27.30 -4.71
N VAL A 167 -22.41 26.78 -5.37
CA VAL A 167 -21.87 27.45 -6.55
C VAL A 167 -22.41 26.78 -7.80
N SER A 168 -22.89 27.59 -8.73
CA SER A 168 -23.43 27.06 -9.98
C SER A 168 -23.41 28.14 -11.06
N SER A 169 -23.75 27.72 -12.28
CA SER A 169 -23.97 28.65 -13.38
C SER A 169 -25.34 29.30 -13.18
N GLU A 170 -25.52 30.46 -13.79
CA GLU A 170 -26.76 31.23 -13.62
C GLU A 170 -27.15 31.29 -12.15
N PRO A 171 -26.22 31.73 -11.30
CA PRO A 171 -26.51 31.80 -9.87
C PRO A 171 -27.62 32.82 -9.61
N ARG A 172 -28.44 32.58 -8.60
CA ARG A 172 -29.57 33.45 -8.31
C ARG A 172 -29.22 34.63 -7.38
N ILE A 173 -28.05 34.59 -6.75
CA ILE A 173 -27.69 35.65 -5.80
C ILE A 173 -26.53 36.53 -6.29
N LEU A 174 -25.34 35.95 -6.42
CA LEU A 174 -24.15 36.74 -6.74
C LEU A 174 -23.36 36.15 -7.91
N ALA A 175 -23.20 36.92 -8.97
CA ALA A 175 -22.39 36.51 -10.12
C ALA A 175 -20.97 37.02 -9.94
N LEU A 176 -20.01 36.11 -9.94
CA LEU A 176 -18.61 36.46 -9.65
C LEU A 176 -17.86 36.90 -10.90
N LYS A 177 -17.00 37.90 -10.72
CA LYS A 177 -16.20 38.46 -11.82
C LYS A 177 -14.83 37.79 -11.89
N GLU A 178 -14.08 38.08 -12.95
CA GLU A 178 -12.74 37.55 -13.11
C GLU A 178 -11.70 38.64 -12.87
N ASP A 179 -11.84 39.37 -11.78
CA ASP A 179 -10.96 40.48 -11.47
C ASP A 179 -10.13 40.22 -10.22
N ASN A 180 -10.00 38.95 -9.87
CA ASN A 180 -9.31 38.54 -8.65
C ASN A 180 -7.88 39.09 -8.54
N VAL A 181 -7.54 39.59 -7.36
CA VAL A 181 -6.15 39.92 -7.04
C VAL A 181 -5.74 39.20 -5.76
N MET A 182 -4.72 38.36 -5.87
CA MET A 182 -4.30 37.48 -4.79
C MET A 182 -2.95 37.96 -4.24
N LEU A 183 -2.62 37.54 -3.02
CA LEU A 183 -1.36 37.93 -2.40
C LEU A 183 -0.96 36.91 -1.35
N THR A 184 0.31 36.51 -1.36
CA THR A 184 0.88 35.64 -0.33
C THR A 184 2.13 36.28 0.28
N GLN A 185 2.19 36.31 1.60
CA GLN A 185 3.37 36.75 2.35
C GLN A 185 3.64 35.74 3.46
N ASP A 186 4.91 35.48 3.75
CA ASP A 186 5.25 34.56 4.84
C ASP A 186 5.41 35.31 6.15
N ILE A 187 4.35 35.34 6.94
CA ILE A 187 4.30 36.14 8.17
C ILE A 187 3.61 35.35 9.27
N TYR A 188 4.22 35.33 10.46
CA TYR A 188 3.66 34.57 11.57
C TYR A 188 2.90 35.47 12.53
N ASP A 189 1.73 35.93 12.06
CA ASP A 189 0.86 36.78 12.86
C ASP A 189 -0.07 35.93 13.71
N PHE A 190 -0.47 34.79 13.17
CA PHE A 190 -1.39 33.87 13.84
C PHE A 190 -1.18 32.50 13.22
N TRP A 191 -0.95 31.50 14.06
CA TRP A 191 -0.76 30.14 13.59
C TRP A 191 -1.06 29.14 14.70
N ARG A 192 -1.14 27.86 14.37
CA ARG A 192 -1.46 26.85 15.37
C ARG A 192 -0.70 25.56 15.10
N PRO A 193 0.50 25.42 15.70
CA PRO A 193 1.34 24.24 15.50
C PRO A 193 0.63 22.97 15.93
N THR A 194 1.01 21.86 15.31
CA THR A 194 0.45 20.56 15.67
C THR A 194 0.55 20.42 17.18
N GLY A 195 -0.54 19.99 17.81
CA GLY A 195 -0.54 19.76 19.25
C GLY A 195 -1.05 20.93 20.07
N HIS A 196 -1.30 22.06 19.42
CA HIS A 196 -1.82 23.24 20.11
C HIS A 196 -3.34 23.33 19.96
N PRO A 197 -4.08 23.13 21.07
CA PRO A 197 -5.53 23.30 21.00
C PRO A 197 -5.95 24.75 20.77
N TYR A 198 -5.11 25.69 21.20
CA TYR A 198 -5.37 27.10 20.99
C TYR A 198 -4.26 27.71 20.14
N PRO A 199 -4.57 28.81 19.44
CA PRO A 199 -3.61 29.40 18.51
C PRO A 199 -2.51 30.22 19.19
N MET A 200 -1.40 30.33 18.47
CA MET A 200 -0.35 31.29 18.79
C MET A 200 -0.70 32.56 18.04
N VAL A 201 -0.66 33.70 18.71
CA VAL A 201 -1.05 34.95 18.05
C VAL A 201 -0.27 36.16 18.52
N ASP A 202 0.21 36.93 17.55
CA ASP A 202 0.79 38.23 17.80
C ASP A 202 -0.22 39.27 17.35
N GLY A 203 -1.06 39.71 18.27
CA GLY A 203 -2.16 40.61 17.95
C GLY A 203 -1.75 41.80 17.11
N PRO A 204 -0.76 42.56 17.58
CA PRO A 204 -0.19 43.69 16.84
C PRO A 204 0.18 43.37 15.40
N LEU A 205 0.98 42.32 15.23
CA LEU A 205 1.46 41.93 13.91
C LEU A 205 0.31 41.52 13.02
N SER A 206 -0.70 40.87 13.61
CA SER A 206 -1.85 40.39 12.86
C SER A 206 -2.66 41.57 12.34
N ASN A 207 -2.99 42.50 13.23
CA ASN A 207 -3.76 43.67 12.86
C ASN A 207 -3.01 44.50 11.80
N GLU A 208 -1.71 44.67 12.00
CA GLU A 208 -0.91 45.42 11.04
C GLU A 208 -0.93 44.74 9.67
N THR A 209 -0.75 43.43 9.66
CA THR A 209 -0.68 42.65 8.41
C THR A 209 -2.03 42.60 7.70
N TYR A 210 -3.08 42.45 8.50
CA TYR A 210 -4.45 42.45 7.99
C TYR A 210 -4.75 43.76 7.27
N ILE A 211 -4.52 44.88 7.95
CA ILE A 211 -4.81 46.20 7.39
C ILE A 211 -4.00 46.47 6.12
N GLN A 212 -2.72 46.12 6.15
CA GLN A 212 -1.83 46.40 5.03
C GLN A 212 -2.10 45.45 3.85
N SER A 213 -2.61 44.26 4.15
CA SER A 213 -2.94 43.30 3.10
C SER A 213 -4.12 43.77 2.27
N PHE A 214 -5.11 44.39 2.91
CA PHE A 214 -6.23 44.95 2.17
C PHE A 214 -5.74 46.11 1.30
N ALA A 215 -4.97 47.01 1.89
CA ALA A 215 -4.40 48.12 1.14
C ALA A 215 -3.67 47.62 -0.10
N GLN A 216 -2.90 46.54 0.08
CA GLN A 216 -2.04 46.04 -0.98
C GLN A 216 -2.81 45.42 -2.14
N VAL A 217 -3.79 44.56 -1.84
CA VAL A 217 -4.59 43.95 -2.90
C VAL A 217 -5.51 44.98 -3.53
N TRP A 218 -5.98 45.94 -2.74
CA TRP A 218 -6.87 46.97 -3.27
C TRP A 218 -6.13 47.85 -4.27
N ASP A 219 -4.94 48.29 -3.89
CA ASP A 219 -4.14 49.15 -4.77
C ASP A 219 -3.83 48.44 -6.07
N GLU A 220 -3.48 47.17 -5.99
CA GLU A 220 -3.16 46.40 -7.18
C GLU A 220 -4.41 46.25 -8.05
N HIS A 221 -5.54 45.96 -7.40
CA HIS A 221 -6.80 45.84 -8.12
C HIS A 221 -7.12 47.13 -8.85
N LYS A 222 -7.03 48.25 -8.13
CA LYS A 222 -7.31 49.57 -8.68
C LYS A 222 -6.38 49.83 -9.87
N LYS A 223 -5.13 49.40 -9.76
CA LYS A 223 -4.16 49.57 -10.83
C LYS A 223 -4.48 48.71 -12.05
N ARG A 224 -5.04 47.53 -11.81
CA ARG A 224 -5.37 46.63 -12.90
C ARG A 224 -6.68 47.02 -13.58
N THR A 225 -7.65 47.47 -12.79
CA THR A 225 -9.00 47.63 -13.31
C THR A 225 -9.47 49.07 -13.44
N GLY A 226 -8.83 49.98 -12.72
CA GLY A 226 -9.20 51.39 -12.74
C GLY A 226 -10.41 51.71 -11.89
N LEU A 227 -11.03 50.69 -11.32
CA LEU A 227 -12.18 50.85 -10.43
C LEU A 227 -11.78 51.39 -9.05
N ASP A 228 -12.61 52.25 -8.50
CA ASP A 228 -12.35 52.85 -7.19
C ASP A 228 -13.56 52.61 -6.29
N PHE A 229 -13.49 53.09 -5.05
CA PHE A 229 -14.57 52.90 -4.10
C PHE A 229 -15.92 53.40 -4.62
N ALA A 230 -15.89 54.49 -5.39
CA ALA A 230 -17.12 55.02 -5.97
C ALA A 230 -17.82 53.99 -6.86
N ASP A 231 -17.05 53.03 -7.37
CA ASP A 231 -17.62 52.02 -8.27
C ASP A 231 -18.18 50.81 -7.52
N TYR A 232 -18.07 50.84 -6.20
CA TYR A 232 -18.57 49.73 -5.38
C TYR A 232 -19.75 50.18 -4.52
N ASP A 233 -20.85 49.45 -4.65
CA ASP A 233 -22.05 49.73 -3.87
C ASP A 233 -21.91 49.23 -2.44
N ALA A 234 -21.06 48.23 -2.23
CA ALA A 234 -20.79 47.72 -0.89
C ALA A 234 -19.52 46.87 -0.85
N LEU A 235 -18.92 46.77 0.33
CA LEU A 235 -17.73 45.96 0.52
C LEU A 235 -17.91 45.01 1.70
N ALA A 236 -17.69 43.73 1.46
CA ALA A 236 -17.73 42.73 2.53
C ALA A 236 -16.31 42.33 2.89
N PHE A 237 -16.03 42.21 4.18
CA PHE A 237 -14.68 41.99 4.67
C PHE A 237 -14.63 40.77 5.57
N HIS A 238 -13.58 39.97 5.43
CA HIS A 238 -13.21 39.11 6.53
C HIS A 238 -12.76 40.05 7.63
N ILE A 239 -13.07 39.69 8.87
CA ILE A 239 -12.68 40.49 10.02
C ILE A 239 -12.30 39.62 11.19
N PRO A 240 -11.25 40.00 11.93
CA PRO A 240 -10.92 39.34 13.20
C PRO A 240 -11.93 39.75 14.27
N TYR A 241 -12.40 40.99 14.19
CA TYR A 241 -13.53 41.48 14.97
C TYR A 241 -14.03 42.79 14.34
N THR A 242 -15.26 43.17 14.63
CA THR A 242 -15.95 44.21 13.85
C THR A 242 -15.21 45.56 13.81
N LYS A 243 -14.58 45.93 14.91
CA LYS A 243 -13.92 47.24 14.97
C LYS A 243 -12.67 47.27 14.11
N MET A 244 -11.92 46.17 14.10
CA MET A 244 -10.69 46.11 13.32
C MET A 244 -11.03 46.15 11.83
N GLY A 245 -12.14 45.52 11.46
CA GLY A 245 -12.62 45.57 10.09
C GLY A 245 -12.88 47.01 9.66
N LYS A 246 -13.56 47.77 10.53
CA LYS A 246 -13.86 49.17 10.25
C LYS A 246 -12.57 49.98 10.13
N LYS A 247 -11.56 49.62 10.91
CA LYS A 247 -10.29 50.32 10.90
C LYS A 247 -9.49 50.08 9.62
N ALA A 248 -9.56 48.87 9.09
CA ALA A 248 -8.89 48.55 7.82
C ALA A 248 -9.55 49.32 6.68
N LEU A 249 -10.87 49.40 6.74
CA LEU A 249 -11.66 50.13 5.76
C LEU A 249 -11.39 51.63 5.88
N LEU A 250 -11.47 52.14 7.10
CA LEU A 250 -11.22 53.55 7.37
C LEU A 250 -9.85 54.00 6.87
N ALA A 251 -8.85 53.14 7.04
CA ALA A 251 -7.48 53.49 6.67
C ALA A 251 -7.33 53.69 5.17
N LYS A 252 -8.18 53.03 4.38
CA LYS A 252 -8.01 53.06 2.94
C LYS A 252 -8.93 54.08 2.24
N ILE A 253 -9.99 54.50 2.92
CA ILE A 253 -10.93 55.45 2.32
C ILE A 253 -10.74 56.86 2.87
N SER A 254 -9.59 57.09 3.50
CA SER A 254 -9.27 58.39 4.07
C SER A 254 -9.35 59.53 3.06
N ASP A 255 -9.12 59.22 1.79
CA ASP A 255 -9.05 60.22 0.74
C ASP A 255 -10.34 60.33 -0.05
N GLN A 256 -11.39 59.67 0.43
CA GLN A 256 -12.70 59.74 -0.21
C GLN A 256 -13.48 60.93 0.35
N THR A 257 -14.48 61.39 -0.39
CA THR A 257 -15.28 62.52 0.07
C THR A 257 -16.09 62.10 1.29
N GLU A 258 -16.55 63.09 2.05
CA GLU A 258 -17.36 62.85 3.24
C GLU A 258 -18.54 61.92 2.94
N ALA A 259 -19.25 62.20 1.86
CA ALA A 259 -20.46 61.47 1.50
C ALA A 259 -20.20 60.00 1.13
N GLU A 260 -19.07 59.75 0.49
CA GLU A 260 -18.73 58.40 0.05
C GLU A 260 -18.27 57.56 1.24
N GLN A 261 -17.56 58.21 2.17
CA GLN A 261 -17.15 57.54 3.40
C GLN A 261 -18.37 57.11 4.21
N GLU A 262 -19.36 58.00 4.31
CA GLU A 262 -20.58 57.69 5.05
C GLU A 262 -21.35 56.54 4.39
N ARG A 263 -21.47 56.61 3.07
CA ARG A 263 -22.16 55.57 2.30
C ARG A 263 -21.49 54.23 2.53
N ILE A 264 -20.16 54.19 2.35
CA ILE A 264 -19.41 52.96 2.46
C ILE A 264 -19.44 52.41 3.89
N LEU A 265 -19.30 53.31 4.87
CA LEU A 265 -19.29 52.90 6.28
C LEU A 265 -20.67 52.38 6.69
N ALA A 266 -21.71 52.95 6.11
CA ALA A 266 -23.08 52.50 6.41
C ALA A 266 -23.26 51.08 5.89
N ARG A 267 -22.68 50.79 4.73
CA ARG A 267 -22.73 49.45 4.18
C ARG A 267 -21.99 48.50 5.12
N TYR A 268 -20.83 48.91 5.60
CA TYR A 268 -20.07 48.07 6.50
C TYR A 268 -20.91 47.70 7.72
N GLU A 269 -21.57 48.70 8.31
CA GLU A 269 -22.39 48.45 9.49
C GLU A 269 -23.44 47.37 9.21
N GLU A 270 -24.02 47.42 8.01
CA GLU A 270 -25.01 46.43 7.62
C GLU A 270 -24.38 45.04 7.53
N SER A 271 -23.11 44.99 7.13
CA SER A 271 -22.41 43.72 6.93
C SER A 271 -22.01 43.04 8.23
N ILE A 272 -22.04 43.78 9.33
CA ILE A 272 -21.62 43.23 10.61
C ILE A 272 -22.77 43.06 11.61
N ILE A 273 -24.00 43.20 11.15
CA ILE A 273 -25.16 42.97 12.01
C ILE A 273 -25.07 41.58 12.65
N TYR A 274 -24.95 40.55 11.83
CA TYR A 274 -24.93 39.17 12.33
C TYR A 274 -23.65 38.83 13.11
N SER A 275 -22.50 39.32 12.65
CA SER A 275 -21.25 39.05 13.32
C SER A 275 -21.27 39.57 14.76
N ARG A 276 -21.96 40.68 15.00
CA ARG A 276 -22.08 41.21 16.35
C ARG A 276 -22.78 40.23 17.29
N ARG A 277 -23.65 39.39 16.75
CA ARG A 277 -24.41 38.43 17.55
C ARG A 277 -23.83 37.02 17.49
N VAL A 278 -22.67 36.87 16.85
CA VAL A 278 -22.09 35.55 16.60
C VAL A 278 -20.62 35.46 17.00
N GLY A 279 -19.83 36.45 16.57
CA GLY A 279 -18.39 36.40 16.78
C GLY A 279 -17.69 35.90 15.53
N ASN A 280 -16.40 35.59 15.65
CA ASN A 280 -15.60 35.20 14.50
C ASN A 280 -15.80 33.76 14.09
N LEU A 281 -16.10 33.56 12.81
CA LEU A 281 -16.27 32.23 12.24
C LEU A 281 -15.02 31.83 11.46
N TYR A 282 -13.92 32.54 11.67
CA TYR A 282 -12.71 32.35 10.88
C TYR A 282 -13.02 32.29 9.38
N THR A 283 -12.96 31.10 8.79
CA THR A 283 -13.17 30.96 7.35
C THR A 283 -14.51 31.54 6.89
N GLY A 284 -15.50 31.49 7.77
CA GLY A 284 -16.84 31.93 7.41
C GLY A 284 -17.13 33.41 7.66
N SER A 285 -16.19 34.13 8.25
CA SER A 285 -16.44 35.52 8.66
C SER A 285 -16.82 36.42 7.47
N LEU A 286 -16.05 36.35 6.39
CA LEU A 286 -16.32 37.15 5.20
C LEU A 286 -17.72 36.84 4.66
N TYR A 287 -18.06 35.57 4.63
CA TYR A 287 -19.29 35.14 3.99
C TYR A 287 -20.51 35.34 4.89
N LEU A 288 -20.30 35.39 6.20
CA LEU A 288 -21.36 35.80 7.11
C LEU A 288 -21.63 37.28 6.86
N GLY A 289 -20.56 38.02 6.62
CA GLY A 289 -20.67 39.43 6.30
C GLY A 289 -21.47 39.65 5.03
N LEU A 290 -21.30 38.78 4.05
CA LEU A 290 -22.04 38.89 2.81
C LEU A 290 -23.53 38.66 3.05
N ILE A 291 -23.86 37.61 3.78
CA ILE A 291 -25.25 37.31 4.11
C ILE A 291 -25.87 38.45 4.88
N SER A 292 -25.13 38.97 5.84
CA SER A 292 -25.61 40.05 6.69
C SER A 292 -25.92 41.27 5.83
N LEU A 293 -24.99 41.60 4.93
CA LEU A 293 -25.16 42.74 4.05
C LEU A 293 -26.45 42.56 3.25
N LEU A 294 -26.59 41.40 2.63
CA LEU A 294 -27.70 41.16 1.72
C LEU A 294 -29.05 41.12 2.44
N GLU A 295 -29.06 40.66 3.68
CA GLU A 295 -30.32 40.49 4.41
C GLU A 295 -30.68 41.70 5.26
N ASN A 296 -29.71 42.57 5.55
CA ASN A 296 -29.99 43.74 6.38
C ASN A 296 -30.05 45.05 5.58
N ALA A 297 -29.38 45.09 4.44
CA ALA A 297 -29.48 46.25 3.57
C ALA A 297 -30.89 46.29 2.99
N THR A 298 -31.39 47.49 2.72
CA THR A 298 -32.70 47.64 2.10
C THR A 298 -32.62 48.44 0.79
N THR A 299 -31.47 49.03 0.51
CA THR A 299 -31.32 49.88 -0.66
C THR A 299 -30.40 49.26 -1.72
N LEU A 300 -29.88 48.06 -1.46
CA LEU A 300 -29.10 47.35 -2.46
C LEU A 300 -30.06 46.79 -3.50
N THR A 301 -29.59 46.69 -4.75
CA THR A 301 -30.45 46.29 -5.84
C THR A 301 -29.69 45.52 -6.93
N ALA A 302 -30.44 44.86 -7.80
CA ALA A 302 -29.88 44.15 -8.95
C ALA A 302 -28.89 45.03 -9.70
N GLY A 303 -27.74 44.48 -10.04
CA GLY A 303 -26.74 45.19 -10.81
C GLY A 303 -25.65 45.83 -9.96
N ASN A 304 -25.90 45.96 -8.65
CA ASN A 304 -24.90 46.53 -7.76
C ASN A 304 -23.64 45.68 -7.70
N GLN A 305 -22.51 46.37 -7.52
CA GLN A 305 -21.21 45.72 -7.45
C GLN A 305 -20.79 45.59 -6.00
N ILE A 306 -20.46 44.36 -5.60
CA ILE A 306 -20.02 44.06 -4.25
C ILE A 306 -18.56 43.64 -4.25
N GLY A 307 -17.75 44.34 -3.46
CA GLY A 307 -16.35 43.99 -3.31
C GLY A 307 -16.15 43.10 -2.09
N LEU A 308 -15.35 42.04 -2.25
CA LEU A 308 -15.10 41.12 -1.15
C LEU A 308 -13.62 41.00 -0.87
N PHE A 309 -13.25 41.23 0.39
CA PHE A 309 -11.87 41.07 0.81
C PHE A 309 -11.73 39.85 1.73
N SER A 310 -10.94 38.88 1.30
CA SER A 310 -10.69 37.69 2.10
C SER A 310 -9.27 37.72 2.65
N TYR A 311 -9.10 37.23 3.87
CA TYR A 311 -7.80 37.20 4.53
C TYR A 311 -7.55 35.88 5.24
N GLY A 312 -6.29 35.45 5.24
CA GLY A 312 -5.87 34.28 5.98
C GLY A 312 -4.56 34.59 6.66
N SER A 313 -4.47 34.40 7.98
CA SER A 313 -3.19 34.61 8.68
C SER A 313 -2.16 33.67 8.07
N GLY A 314 -0.90 34.09 8.02
CA GLY A 314 0.13 33.23 7.46
C GLY A 314 1.13 33.84 6.50
N ALA A 315 0.70 34.71 5.57
CA ALA A 315 -0.68 35.15 5.39
C ALA A 315 -1.03 35.23 3.91
N VAL A 316 -2.30 34.97 3.59
CA VAL A 316 -2.80 35.07 2.22
C VAL A 316 -4.00 36.01 2.17
N ALA A 317 -4.18 36.69 1.05
CA ALA A 317 -5.31 37.61 0.93
C ALA A 317 -5.80 37.65 -0.51
N GLU A 318 -7.04 38.09 -0.69
CA GLU A 318 -7.62 38.19 -2.02
C GLU A 318 -8.73 39.23 -2.05
N PHE A 319 -8.78 40.00 -3.13
CA PHE A 319 -9.91 40.89 -3.38
C PHE A 319 -10.58 40.48 -4.70
N PHE A 320 -11.89 40.32 -4.68
CA PHE A 320 -12.63 39.97 -5.89
C PHE A 320 -14.02 40.57 -5.86
N THR A 321 -14.70 40.55 -7.00
CA THR A 321 -15.97 41.26 -7.15
C THR A 321 -17.12 40.35 -7.53
N GLY A 322 -18.31 40.68 -7.04
CA GLY A 322 -19.52 40.00 -7.45
C GLY A 322 -20.58 41.02 -7.82
N GLU A 323 -21.52 40.61 -8.65
CA GLU A 323 -22.66 41.47 -8.99
C GLU A 323 -23.96 40.82 -8.53
N LEU A 324 -24.79 41.61 -7.86
CA LEU A 324 -26.07 41.10 -7.38
C LEU A 324 -26.96 40.75 -8.57
N VAL A 325 -27.58 39.58 -8.49
CA VAL A 325 -28.44 39.07 -9.55
C VAL A 325 -29.88 39.44 -9.25
N ALA A 326 -30.58 39.97 -10.24
CA ALA A 326 -31.99 40.34 -10.08
C ALA A 326 -32.78 39.17 -9.53
N GLY A 327 -33.61 39.45 -8.52
CA GLY A 327 -34.41 38.43 -7.87
C GLY A 327 -33.75 37.85 -6.64
N TYR A 328 -32.52 38.26 -6.35
CA TYR A 328 -31.76 37.67 -5.25
C TYR A 328 -32.46 37.81 -3.90
N GLN A 329 -33.23 38.86 -3.74
CA GLN A 329 -33.90 39.14 -2.47
C GLN A 329 -34.96 38.08 -2.15
N ASN A 330 -35.31 37.27 -3.14
CA ASN A 330 -36.29 36.22 -2.96
C ASN A 330 -35.64 34.87 -2.65
N HIS A 331 -34.31 34.86 -2.50
CA HIS A 331 -33.58 33.61 -2.27
C HIS A 331 -32.61 33.72 -1.09
N LEU A 332 -32.98 34.53 -0.12
CA LEU A 332 -32.20 34.65 1.11
C LEU A 332 -32.89 33.88 2.22
N GLN A 333 -32.35 33.92 3.43
CA GLN A 333 -32.89 33.15 4.53
C GLN A 333 -33.02 33.99 5.81
N LYS A 334 -33.44 35.24 5.66
CA LYS A 334 -33.49 36.16 6.80
C LYS A 334 -34.32 35.63 7.97
N GLU A 335 -35.54 35.20 7.67
CA GLU A 335 -36.44 34.70 8.70
C GLU A 335 -35.79 33.55 9.47
N THR A 336 -35.14 32.65 8.74
CA THR A 336 -34.53 31.46 9.34
C THR A 336 -33.34 31.84 10.21
N HIS A 337 -32.58 32.83 9.75
CA HIS A 337 -31.39 33.25 10.47
C HIS A 337 -31.74 33.97 11.76
N LEU A 338 -32.76 34.83 11.70
CA LEU A 338 -33.22 35.55 12.88
C LEU A 338 -33.79 34.59 13.91
N ALA A 339 -34.55 33.61 13.44
CA ALA A 339 -35.10 32.59 14.33
C ALA A 339 -33.98 31.77 14.94
N LEU A 340 -32.94 31.52 14.14
CA LEU A 340 -31.79 30.76 14.60
C LEU A 340 -31.07 31.49 15.71
N LEU A 341 -30.89 32.79 15.55
CA LEU A 341 -30.20 33.60 16.56
C LEU A 341 -31.06 33.81 17.81
N ASP A 342 -32.37 33.93 17.63
CA ASP A 342 -33.26 34.25 18.74
C ASP A 342 -33.57 33.04 19.64
N ASN A 343 -33.39 31.83 19.11
CA ASN A 343 -33.75 30.64 19.87
C ASN A 343 -32.58 30.03 20.63
N ARG A 344 -31.52 30.81 20.86
CA ARG A 344 -30.36 30.31 21.59
C ARG A 344 -30.53 30.50 23.10
N THR A 345 -29.85 29.66 23.87
CA THR A 345 -29.85 29.80 25.32
C THR A 345 -28.75 30.75 25.76
N GLU A 346 -29.08 31.63 26.69
CA GLU A 346 -28.10 32.55 27.24
C GLU A 346 -27.36 31.90 28.40
N LEU A 347 -26.07 31.64 28.20
CA LEU A 347 -25.26 30.96 29.21
C LEU A 347 -24.81 31.93 30.30
N SER A 348 -24.80 31.44 31.53
CA SER A 348 -24.17 32.16 32.63
C SER A 348 -22.67 32.04 32.46
N ILE A 349 -21.92 32.90 33.14
CA ILE A 349 -20.46 32.83 33.07
C ILE A 349 -19.97 31.45 33.49
N ALA A 350 -20.63 30.86 34.49
CA ALA A 350 -20.25 29.54 34.98
C ALA A 350 -20.52 28.47 33.92
N GLU A 351 -21.67 28.58 33.27
CA GLU A 351 -22.05 27.64 32.22
C GLU A 351 -21.15 27.80 30.99
N TYR A 352 -20.77 29.03 30.70
CA TYR A 352 -19.89 29.32 29.57
C TYR A 352 -18.52 28.71 29.79
N GLU A 353 -17.91 29.00 30.94
CA GLU A 353 -16.55 28.57 31.20
C GLU A 353 -16.44 27.05 31.28
N ALA A 354 -17.53 26.39 31.66
CA ALA A 354 -17.55 24.93 31.75
C ALA A 354 -17.66 24.31 30.37
N MET A 355 -18.56 24.84 29.56
CA MET A 355 -18.74 24.35 28.19
C MET A 355 -17.46 24.57 27.39
N PHE A 356 -16.83 25.73 27.60
CA PHE A 356 -15.61 26.10 26.89
C PHE A 356 -14.44 25.18 27.24
N ALA A 357 -14.34 24.83 28.53
CA ALA A 357 -13.20 24.08 29.04
C ALA A 357 -13.28 22.60 28.71
N GLU A 358 -14.50 22.06 28.63
CA GLU A 358 -14.70 20.64 28.39
C GLU A 358 -13.97 20.21 27.12
N THR A 359 -13.34 19.04 27.17
CA THR A 359 -12.62 18.53 26.01
C THR A 359 -13.10 17.13 25.64
N LEU A 360 -13.18 16.86 24.35
CA LEU A 360 -13.53 15.53 23.87
C LEU A 360 -12.27 14.68 23.77
N ASP A 361 -12.20 13.62 24.58
CA ASP A 361 -11.10 12.67 24.50
C ASP A 361 -11.55 11.53 23.61
N THR A 362 -11.06 11.54 22.37
CA THR A 362 -11.47 10.55 21.38
C THR A 362 -10.89 9.17 21.65
N ASP A 363 -9.96 9.08 22.59
CA ASP A 363 -9.38 7.78 22.95
C ASP A 363 -10.29 6.97 23.86
N ILE A 364 -11.34 7.61 24.38
CA ILE A 364 -12.29 6.94 25.27
C ILE A 364 -13.63 6.77 24.55
N ASP A 365 -14.09 5.53 24.40
CA ASP A 365 -15.41 5.29 23.82
C ASP A 365 -16.44 5.92 24.75
N GLN A 366 -17.45 6.56 24.18
CA GLN A 366 -18.44 7.27 24.98
C GLN A 366 -19.69 7.59 24.17
N THR A 367 -20.75 8.00 24.86
CA THR A 367 -21.99 8.42 24.23
C THR A 367 -22.24 9.88 24.56
N LEU A 368 -22.76 10.63 23.60
CA LEU A 368 -23.03 12.04 23.79
C LEU A 368 -24.49 12.33 23.45
N GLU A 369 -25.15 13.11 24.30
CA GLU A 369 -26.56 13.40 24.13
C GLU A 369 -26.77 14.86 23.75
N ASP A 370 -27.52 15.09 22.67
CA ASP A 370 -27.73 16.43 22.15
C ASP A 370 -28.90 16.42 21.18
N GLU A 371 -29.72 17.47 21.21
CA GLU A 371 -30.93 17.49 20.40
C GLU A 371 -30.64 17.92 18.97
N LEU A 372 -29.51 18.59 18.77
CA LEU A 372 -29.18 19.13 17.45
C LEU A 372 -28.93 18.04 16.41
N LYS A 373 -29.54 18.19 15.25
CA LYS A 373 -29.30 17.28 14.14
C LYS A 373 -27.84 17.39 13.70
N TYR A 374 -27.24 16.24 13.40
CA TYR A 374 -25.83 16.16 12.98
C TYR A 374 -24.84 16.40 14.11
N SER A 375 -25.31 16.36 15.36
CA SER A 375 -24.42 16.42 16.51
C SER A 375 -23.80 15.05 16.69
N ILE A 376 -22.71 14.98 17.46
CA ILE A 376 -22.04 13.72 17.74
C ILE A 376 -22.89 12.88 18.69
N SER A 377 -23.09 11.61 18.33
CA SER A 377 -23.94 10.72 19.11
C SER A 377 -23.12 9.72 19.90
N ALA A 378 -21.90 9.45 19.44
CA ALA A 378 -21.02 8.51 20.12
C ALA A 378 -19.60 8.55 19.57
N ILE A 379 -18.65 8.09 20.38
CA ILE A 379 -17.28 7.85 19.92
C ILE A 379 -16.97 6.38 20.10
N ASN A 380 -16.53 5.72 19.03
CA ASN A 380 -16.11 4.33 19.12
C ASN A 380 -14.80 4.12 18.38
N ASN A 381 -13.76 3.74 19.11
CA ASN A 381 -12.43 3.56 18.55
C ASN A 381 -11.97 4.84 17.85
N THR A 382 -12.28 5.98 18.49
CA THR A 382 -11.91 7.31 18.00
C THR A 382 -12.82 7.80 16.87
N VAL A 383 -13.72 6.95 16.39
CA VAL A 383 -14.59 7.32 15.27
C VAL A 383 -15.88 7.97 15.74
N ARG A 384 -16.18 9.14 15.18
CA ARG A 384 -17.37 9.89 15.56
C ARG A 384 -18.57 9.42 14.76
N SER A 385 -19.66 9.11 15.47
CA SER A 385 -20.95 8.89 14.83
C SER A 385 -21.80 10.14 14.99
N TYR A 386 -22.65 10.42 14.00
CA TYR A 386 -23.50 11.60 14.04
C TYR A 386 -24.97 11.25 13.87
N ARG A 387 -25.84 12.18 14.28
CA ARG A 387 -27.26 12.04 14.00
C ARG A 387 -27.55 12.44 12.55
N ASN A 388 -28.55 11.80 11.97
CA ASN A 388 -28.82 11.94 10.54
C ASN A 388 -30.26 11.56 10.22
N THR B 3 -3.69 21.50 -31.70
CA THR B 3 -3.68 21.75 -30.26
C THR B 3 -4.00 23.24 -30.00
N GLY B 4 -3.93 23.68 -28.74
CA GLY B 4 -4.27 25.09 -28.39
C GLY B 4 -4.13 25.36 -26.91
N SER B 5 -4.57 26.52 -26.46
CA SER B 5 -4.42 26.91 -25.07
C SER B 5 -5.28 26.06 -24.14
N MET B 6 -6.31 25.41 -24.69
CA MET B 6 -7.13 24.50 -23.89
C MET B 6 -6.45 23.15 -23.68
N THR B 7 -5.30 22.95 -24.31
CA THR B 7 -4.49 21.78 -24.04
C THR B 7 -3.67 22.09 -22.79
N ILE B 8 -3.91 21.35 -21.72
CA ILE B 8 -3.41 21.73 -20.40
C ILE B 8 -3.01 20.51 -19.61
N GLY B 9 -2.03 20.67 -18.73
CA GLY B 9 -1.61 19.57 -17.87
C GLY B 9 -0.23 19.76 -17.28
N ILE B 10 0.54 18.66 -17.24
CA ILE B 10 1.83 18.64 -16.54
C ILE B 10 2.98 19.02 -17.45
N ASP B 11 3.61 20.14 -17.13
CA ASP B 11 4.69 20.69 -17.93
C ASP B 11 6.04 20.13 -17.46
N LYS B 12 6.20 20.06 -16.14
CA LYS B 12 7.41 19.53 -15.55
C LYS B 12 7.07 18.79 -14.27
N ILE B 13 7.89 17.81 -13.91
CA ILE B 13 7.59 16.98 -12.77
C ILE B 13 8.88 16.34 -12.24
N SER B 14 9.02 16.34 -10.92
CA SER B 14 10.20 15.77 -10.28
C SER B 14 9.89 15.35 -8.84
N PHE B 15 10.73 14.50 -8.28
CA PHE B 15 10.51 14.08 -6.90
C PHE B 15 11.77 14.28 -6.06
N PHE B 16 11.58 14.32 -4.74
CA PHE B 16 12.70 14.36 -3.81
C PHE B 16 12.43 13.40 -2.66
N VAL B 17 13.47 12.71 -2.23
CA VAL B 17 13.41 11.86 -1.07
C VAL B 17 14.62 12.19 -0.20
N PRO B 18 14.51 11.97 1.12
CA PRO B 18 15.64 12.25 2.00
C PRO B 18 16.88 11.44 1.64
N PRO B 19 18.05 11.85 2.13
CA PRO B 19 19.34 11.25 1.78
C PRO B 19 19.66 9.98 2.56
N TYR B 20 18.63 9.29 3.06
CA TYR B 20 18.85 8.05 3.80
C TYR B 20 17.85 6.98 3.42
N TYR B 21 18.24 5.73 3.59
CA TYR B 21 17.34 4.61 3.40
C TYR B 21 17.81 3.40 4.19
N ILE B 22 16.91 2.46 4.41
CA ILE B 22 17.28 1.14 4.94
C ILE B 22 16.92 0.06 3.94
N ASP B 23 17.70 -1.01 3.93
CA ASP B 23 17.47 -2.13 3.03
C ASP B 23 16.43 -3.08 3.65
N MET B 24 15.53 -3.58 2.83
CA MET B 24 14.41 -4.37 3.35
C MET B 24 14.84 -5.77 3.80
N THR B 25 15.98 -6.25 3.30
CA THR B 25 16.53 -7.52 3.79
C THR B 25 17.09 -7.31 5.19
N ALA B 26 17.72 -6.16 5.40
CA ALA B 26 18.22 -5.80 6.72
C ALA B 26 17.05 -5.69 7.71
N LEU B 27 15.96 -5.06 7.28
CA LEU B 27 14.80 -4.88 8.14
C LEU B 27 14.12 -6.21 8.44
N ALA B 28 14.02 -7.07 7.42
CA ALA B 28 13.37 -8.36 7.58
C ALA B 28 14.12 -9.19 8.62
N GLU B 29 15.44 -9.13 8.57
CA GLU B 29 16.28 -9.87 9.50
C GLU B 29 16.12 -9.34 10.92
N ALA B 30 16.00 -8.02 11.05
CA ALA B 30 15.78 -7.38 12.33
C ALA B 30 14.41 -7.77 12.88
N ARG B 31 13.45 -7.99 12.00
CA ARG B 31 12.09 -8.36 12.39
C ARG B 31 11.88 -9.87 12.38
N ASN B 32 12.95 -10.61 12.06
CA ASN B 32 12.86 -12.06 11.96
C ASN B 32 11.77 -12.47 10.98
N VAL B 33 11.87 -11.95 9.77
CA VAL B 33 10.95 -12.25 8.68
C VAL B 33 11.76 -12.69 7.47
N ASP B 34 11.22 -13.61 6.68
CA ASP B 34 11.86 -13.96 5.42
C ASP B 34 11.96 -12.71 4.57
N PRO B 35 13.18 -12.35 4.13
CA PRO B 35 13.33 -11.14 3.33
C PRO B 35 12.40 -11.15 2.12
N GLY B 36 12.11 -12.34 1.61
CA GLY B 36 11.22 -12.49 0.47
C GLY B 36 9.83 -11.94 0.73
N LYS B 37 9.37 -11.98 1.97
CA LYS B 37 8.03 -11.50 2.28
C LYS B 37 7.96 -9.99 2.08
N PHE B 38 9.08 -9.31 2.28
CA PHE B 38 9.14 -7.87 2.05
C PHE B 38 9.42 -7.57 0.59
N HIS B 39 10.45 -8.19 0.03
CA HIS B 39 10.85 -7.93 -1.36
C HIS B 39 9.78 -8.33 -2.37
N ILE B 40 9.13 -9.47 -2.14
CA ILE B 40 8.19 -10.03 -3.10
C ILE B 40 6.76 -9.96 -2.58
N GLY B 41 6.56 -10.43 -1.35
CA GLY B 41 5.23 -10.41 -0.74
C GLY B 41 4.64 -9.02 -0.76
N ILE B 42 5.27 -8.10 -0.04
CA ILE B 42 4.84 -6.70 0.01
C ILE B 42 5.29 -5.95 -1.24
N GLY B 43 6.52 -6.21 -1.66
CA GLY B 43 7.05 -5.66 -2.90
C GLY B 43 7.86 -4.38 -2.72
N GLN B 44 8.64 -4.31 -1.65
CA GLN B 44 9.48 -3.15 -1.37
C GLN B 44 10.93 -3.58 -1.16
N ASP B 45 11.87 -2.75 -1.60
CA ASP B 45 13.30 -3.09 -1.57
C ASP B 45 14.11 -2.14 -0.69
N GLN B 46 13.88 -0.84 -0.85
CA GLN B 46 14.55 0.17 -0.03
C GLN B 46 13.53 1.18 0.50
N MET B 47 13.67 1.55 1.77
CA MET B 47 12.72 2.44 2.42
C MET B 47 13.38 3.79 2.71
N ALA B 48 12.74 4.87 2.27
CA ALA B 48 13.21 6.22 2.53
C ALA B 48 12.96 6.59 4.00
N VAL B 49 13.96 7.18 4.64
CA VAL B 49 13.88 7.57 6.03
C VAL B 49 14.49 8.96 6.22
N ASN B 50 13.97 9.71 7.19
CA ASN B 50 14.45 11.08 7.45
C ASN B 50 14.51 11.39 8.94
N PRO B 51 15.43 12.27 9.34
CA PRO B 51 15.57 12.76 10.72
C PRO B 51 14.56 13.87 11.03
N ILE B 52 14.45 14.24 12.30
CA ILE B 52 13.48 15.23 12.75
C ILE B 52 13.75 16.63 12.18
N SER B 53 14.93 16.82 11.62
CA SER B 53 15.31 18.09 11.01
C SER B 53 14.76 18.25 9.59
N GLN B 54 13.97 17.28 9.14
CA GLN B 54 13.40 17.34 7.80
C GLN B 54 11.90 17.09 7.82
N ASP B 55 11.13 18.04 7.27
CA ASP B 55 9.67 17.96 7.25
C ASP B 55 9.16 18.13 5.83
N ILE B 56 7.84 18.25 5.68
CA ILE B 56 7.25 18.36 4.34
C ILE B 56 7.74 19.58 3.58
N VAL B 57 8.09 20.64 4.29
CA VAL B 57 8.61 21.83 3.62
C VAL B 57 9.97 21.55 3.02
N THR B 58 10.82 20.88 3.79
CA THR B 58 12.13 20.45 3.31
C THR B 58 12.00 19.72 1.98
N PHE B 59 11.10 18.74 1.94
CA PHE B 59 10.93 17.90 0.76
C PHE B 59 10.29 18.66 -0.40
N ALA B 60 9.23 19.42 -0.11
CA ALA B 60 8.52 20.16 -1.13
C ALA B 60 9.43 21.19 -1.79
N ALA B 61 10.25 21.86 -1.00
CA ALA B 61 11.13 22.90 -1.52
C ALA B 61 12.23 22.30 -2.39
N ASN B 62 12.83 21.21 -1.92
CA ASN B 62 13.87 20.53 -2.69
C ASN B 62 13.30 19.99 -4.01
N ALA B 63 12.10 19.43 -3.96
CA ALA B 63 11.46 18.90 -5.16
C ALA B 63 11.14 20.02 -6.15
N ALA B 64 10.52 21.09 -5.68
CA ALA B 64 10.12 22.20 -6.54
C ALA B 64 11.31 22.93 -7.15
N GLU B 65 12.36 23.13 -6.35
CA GLU B 65 13.55 23.83 -6.82
C GLU B 65 14.09 23.18 -8.10
N ALA B 66 13.95 21.86 -8.18
CA ALA B 66 14.50 21.09 -9.28
C ALA B 66 13.82 21.37 -10.62
N ILE B 67 12.65 22.00 -10.61
CA ILE B 67 11.91 22.24 -11.85
C ILE B 67 11.57 23.71 -12.15
N LEU B 68 11.80 24.60 -11.19
CA LEU B 68 11.40 26.00 -11.37
C LEU B 68 12.48 26.86 -12.00
N THR B 69 12.11 27.60 -13.04
CA THR B 69 12.99 28.59 -13.64
C THR B 69 12.52 29.98 -13.26
N LYS B 70 13.28 30.99 -13.65
CA LYS B 70 12.93 32.38 -13.35
C LYS B 70 11.58 32.74 -13.97
N GLU B 71 11.34 32.31 -15.21
CA GLU B 71 10.07 32.59 -15.87
C GLU B 71 8.90 31.90 -15.16
N ASP B 72 9.09 30.68 -14.69
CA ASP B 72 8.03 29.97 -13.98
C ASP B 72 7.63 30.77 -12.76
N LYS B 73 8.63 31.20 -12.00
CA LYS B 73 8.40 31.91 -10.75
C LYS B 73 7.61 33.18 -10.95
N GLU B 74 7.69 33.77 -12.14
CA GLU B 74 6.94 34.99 -12.44
C GLU B 74 5.54 34.68 -12.95
N ALA B 75 5.35 33.47 -13.49
CA ALA B 75 4.09 33.10 -14.13
C ALA B 75 3.15 32.33 -13.21
N ILE B 76 3.70 31.79 -12.12
CA ILE B 76 2.90 31.08 -11.13
C ILE B 76 2.11 32.06 -10.27
N ASP B 77 0.79 31.89 -10.20
CA ASP B 77 -0.03 32.71 -9.31
C ASP B 77 -0.90 31.85 -8.40
N MET B 78 -0.58 30.57 -8.30
CA MET B 78 -1.19 29.71 -7.30
C MET B 78 -0.22 28.62 -6.88
N VAL B 79 -0.08 28.42 -5.56
CA VAL B 79 0.79 27.39 -5.02
C VAL B 79 -0.01 26.48 -4.10
N ILE B 80 -0.02 25.18 -4.39
CA ILE B 80 -0.83 24.22 -3.64
C ILE B 80 0.00 23.07 -3.10
N VAL B 81 -0.16 22.77 -1.83
CA VAL B 81 0.50 21.61 -1.26
C VAL B 81 -0.55 20.61 -0.79
N GLY B 82 -0.49 19.39 -1.32
CA GLY B 82 -1.36 18.32 -0.88
C GLY B 82 -0.62 17.46 0.11
N THR B 83 -1.18 17.27 1.31
CA THR B 83 -0.50 16.53 2.35
C THR B 83 -1.44 16.00 3.42
N GLU B 84 -1.01 14.96 4.12
CA GLU B 84 -1.68 14.51 5.33
C GLU B 84 -0.68 14.48 6.48
N SER B 85 0.38 15.27 6.32
CA SER B 85 1.46 15.29 7.29
C SER B 85 1.77 16.72 7.70
N SER B 86 0.71 17.49 7.95
CA SER B 86 0.83 18.93 8.21
C SER B 86 1.60 19.21 9.51
N ILE B 87 2.19 20.40 9.56
CA ILE B 87 2.93 20.85 10.75
C ILE B 87 2.21 22.00 11.45
N ASP B 88 1.13 22.49 10.84
CA ASP B 88 0.30 23.54 11.42
C ASP B 88 -1.17 23.24 11.13
N GLU B 89 -2.07 23.66 12.02
CA GLU B 89 -3.50 23.42 11.85
C GLU B 89 -4.17 24.59 11.12
N SER B 90 -3.43 25.68 10.96
CA SER B 90 -3.98 26.89 10.37
C SER B 90 -3.15 27.35 9.17
N LYS B 91 -1.85 27.55 9.38
CA LYS B 91 -0.99 28.07 8.33
C LYS B 91 -0.62 26.99 7.29
N ALA B 92 -0.96 27.24 6.02
CA ALA B 92 -0.67 26.31 4.93
C ALA B 92 0.82 26.21 4.65
N ALA B 93 1.32 24.97 4.53
CA ALA B 93 2.73 24.75 4.20
C ALA B 93 3.09 25.42 2.88
N ALA B 94 2.09 25.66 2.04
CA ALA B 94 2.30 26.27 0.73
C ALA B 94 2.82 27.70 0.86
N VAL B 95 2.51 28.36 1.98
CA VAL B 95 2.93 29.74 2.19
C VAL B 95 4.44 29.83 2.31
N VAL B 96 5.04 28.99 3.14
CA VAL B 96 6.49 29.01 3.27
C VAL B 96 7.18 28.50 2.00
N LEU B 97 6.53 27.56 1.31
CA LEU B 97 7.05 27.09 0.04
C LEU B 97 7.09 28.25 -0.96
N HIS B 98 6.03 29.04 -0.98
CA HIS B 98 5.96 30.21 -1.84
C HIS B 98 7.19 31.11 -1.62
N ARG B 99 7.50 31.39 -0.37
CA ARG B 99 8.64 32.23 -0.04
C ARG B 99 9.96 31.61 -0.50
N LEU B 100 10.18 30.36 -0.13
CA LEU B 100 11.46 29.69 -0.40
C LEU B 100 11.76 29.63 -1.89
N MET B 101 10.72 29.41 -2.70
CA MET B 101 10.88 29.28 -4.14
C MET B 101 11.00 30.64 -4.84
N GLY B 102 10.73 31.73 -4.11
CA GLY B 102 10.86 33.07 -4.66
C GLY B 102 9.81 33.39 -5.70
N ILE B 103 8.66 32.73 -5.61
CA ILE B 103 7.58 32.96 -6.55
C ILE B 103 7.04 34.38 -6.37
N GLN B 104 6.52 34.97 -7.44
CA GLN B 104 6.01 36.34 -7.40
C GLN B 104 4.86 36.46 -6.39
N PRO B 105 4.73 37.63 -5.75
CA PRO B 105 3.87 37.81 -4.58
C PRO B 105 2.36 37.72 -4.82
N PHE B 106 1.89 38.13 -6.00
CA PHE B 106 0.45 38.15 -6.26
C PHE B 106 -0.07 36.76 -6.65
N ALA B 107 -0.02 35.86 -5.69
CA ALA B 107 -0.43 34.48 -5.87
C ALA B 107 -1.21 34.04 -4.63
N ARG B 108 -2.12 33.09 -4.81
CA ARG B 108 -2.81 32.50 -3.66
C ARG B 108 -2.12 31.18 -3.33
N SER B 109 -2.04 30.86 -2.03
CA SER B 109 -1.39 29.63 -1.59
C SER B 109 -2.24 28.94 -0.53
N PHE B 110 -2.34 27.62 -0.62
CA PHE B 110 -3.09 26.87 0.40
C PHE B 110 -2.72 25.39 0.42
N GLU B 111 -3.30 24.68 1.38
CA GLU B 111 -3.03 23.28 1.62
C GLU B 111 -4.31 22.49 1.36
N ILE B 112 -4.21 21.33 0.72
CA ILE B 112 -5.36 20.46 0.56
C ILE B 112 -5.17 19.19 1.38
N LYS B 113 -6.23 18.77 2.07
CA LYS B 113 -6.18 17.56 2.87
C LYS B 113 -7.29 16.58 2.51
N GLU B 114 -6.89 15.41 2.06
CA GLU B 114 -7.78 14.26 1.93
C GLU B 114 -6.90 13.03 1.74
N ALA B 115 -6.22 12.62 2.80
CA ALA B 115 -5.36 11.44 2.77
C ALA B 115 -4.38 11.53 1.60
N CYS B 116 -4.31 10.47 0.80
CA CYS B 116 -3.34 10.40 -0.30
C CYS B 116 -3.90 11.02 -1.58
N TYR B 117 -5.07 11.63 -1.48
CA TYR B 117 -5.75 12.20 -2.64
C TYR B 117 -5.50 13.70 -2.79
N GLY B 118 -4.89 14.31 -1.79
CA GLY B 118 -4.74 15.76 -1.72
C GLY B 118 -4.12 16.43 -2.93
N ALA B 119 -3.03 15.85 -3.45
CA ALA B 119 -2.32 16.45 -4.58
C ALA B 119 -3.12 16.34 -5.87
N THR B 120 -3.91 15.29 -6.01
CA THR B 120 -4.77 15.11 -7.18
C THR B 120 -5.81 16.21 -7.25
N ALA B 121 -6.43 16.53 -6.12
CA ALA B 121 -7.37 17.63 -6.05
C ALA B 121 -6.68 18.90 -6.54
N GLY B 122 -5.46 19.12 -6.08
CA GLY B 122 -4.69 20.29 -6.49
C GLY B 122 -4.46 20.31 -7.99
N LEU B 123 -4.10 19.16 -8.55
CA LEU B 123 -3.83 19.05 -9.97
C LEU B 123 -5.07 19.39 -10.80
N GLN B 124 -6.22 18.88 -10.38
CA GLN B 124 -7.44 19.08 -11.15
C GLN B 124 -7.89 20.53 -11.13
N LEU B 125 -7.80 21.18 -9.98
CA LEU B 125 -8.21 22.58 -9.89
C LEU B 125 -7.17 23.48 -10.55
N ALA B 126 -5.92 23.03 -10.58
CA ALA B 126 -4.87 23.75 -11.28
C ALA B 126 -5.15 23.77 -12.77
N LYS B 127 -5.58 22.63 -13.30
CA LYS B 127 -5.88 22.51 -14.72
C LYS B 127 -7.02 23.43 -15.12
N ASN B 128 -8.03 23.53 -14.26
CA ASN B 128 -9.15 24.43 -14.53
C ASN B 128 -8.70 25.89 -14.53
N HIS B 129 -7.85 26.22 -13.56
CA HIS B 129 -7.32 27.58 -13.43
C HIS B 129 -6.58 28.02 -14.69
N VAL B 130 -5.71 27.15 -15.19
CA VAL B 130 -4.88 27.50 -16.33
C VAL B 130 -5.69 27.58 -17.63
N ALA B 131 -6.78 26.83 -17.72
CA ALA B 131 -7.64 26.89 -18.89
C ALA B 131 -8.26 28.28 -19.00
N LEU B 132 -8.62 28.84 -17.85
CA LEU B 132 -9.21 30.17 -17.79
C LEU B 132 -8.15 31.27 -17.76
N HIS B 133 -6.91 30.89 -17.45
CA HIS B 133 -5.80 31.84 -17.43
C HIS B 133 -4.57 31.21 -18.07
N PRO B 134 -4.62 30.99 -19.39
CA PRO B 134 -3.58 30.23 -20.11
C PRO B 134 -2.19 30.85 -20.03
N ASP B 135 -2.08 32.09 -19.59
CA ASP B 135 -0.79 32.74 -19.42
C ASP B 135 -0.16 32.41 -18.06
N LYS B 136 -0.94 31.80 -17.18
CA LYS B 136 -0.48 31.53 -15.82
C LYS B 136 -0.09 30.07 -15.61
N LYS B 137 0.69 29.81 -14.57
CA LYS B 137 1.08 28.46 -14.22
C LYS B 137 0.73 28.19 -12.76
N VAL B 138 0.70 26.91 -12.39
CA VAL B 138 0.38 26.53 -11.02
C VAL B 138 1.40 25.51 -10.52
N LEU B 139 1.87 25.72 -9.29
CA LEU B 139 2.76 24.77 -8.66
C LEU B 139 1.98 23.89 -7.70
N VAL B 140 1.98 22.59 -7.97
CA VAL B 140 1.31 21.63 -7.11
C VAL B 140 2.33 20.64 -6.58
N VAL B 141 2.43 20.56 -5.26
CA VAL B 141 3.39 19.65 -4.64
C VAL B 141 2.71 18.70 -3.66
N ALA B 142 2.95 17.41 -3.86
CA ALA B 142 2.56 16.38 -2.90
C ALA B 142 3.73 16.20 -1.95
N ALA B 143 3.45 16.18 -0.65
CA ALA B 143 4.52 16.01 0.34
C ALA B 143 3.98 15.29 1.56
N ASP B 144 4.71 14.28 2.01
CA ASP B 144 4.27 13.45 3.12
C ASP B 144 5.42 12.66 3.74
N ILE B 145 5.29 12.40 5.04
CA ILE B 145 6.09 11.41 5.73
C ILE B 145 5.17 10.30 6.23
N ALA B 146 5.31 9.11 5.64
CA ALA B 146 4.43 7.99 5.97
C ALA B 146 5.07 7.08 7.00
N LYS B 147 4.59 7.18 8.23
CA LYS B 147 5.11 6.39 9.34
C LYS B 147 4.00 5.61 10.01
N TYR B 148 4.25 4.34 10.27
CA TYR B 148 3.27 3.49 10.96
C TYR B 148 3.75 3.09 12.34
N GLY B 149 5.07 3.02 12.53
CA GLY B 149 5.64 2.67 13.82
C GLY B 149 6.56 1.46 13.78
N LEU B 150 7.56 1.44 14.66
CA LEU B 150 8.46 0.31 14.73
C LEU B 150 7.69 -0.94 15.11
N ASN B 151 7.93 -2.03 14.38
CA ASN B 151 7.28 -3.32 14.63
C ASN B 151 5.78 -3.34 14.30
N SER B 152 5.31 -2.32 13.62
CA SER B 152 3.93 -2.28 13.15
C SER B 152 3.81 -3.13 11.89
N GLY B 153 2.58 -3.50 11.56
CA GLY B 153 2.33 -4.23 10.32
C GLY B 153 2.65 -3.38 9.11
N GLY B 154 2.49 -2.07 9.25
CA GLY B 154 2.66 -1.16 8.12
C GLY B 154 4.08 -0.67 7.92
N GLU B 155 4.97 -1.01 8.85
CA GLU B 155 6.34 -0.49 8.82
C GLU B 155 7.05 -0.65 7.48
N PRO B 156 7.01 -1.85 6.88
CA PRO B 156 7.72 -2.05 5.61
C PRO B 156 7.15 -1.25 4.43
N THR B 157 6.01 -0.60 4.61
CA THR B 157 5.39 0.20 3.55
C THR B 157 5.79 1.68 3.64
N GLN B 158 6.49 2.05 4.71
CA GLN B 158 6.81 3.45 5.00
C GLN B 158 7.62 4.12 3.91
N GLY B 159 7.64 5.44 3.94
CA GLY B 159 8.37 6.24 2.98
C GLY B 159 8.31 7.70 3.37
N ALA B 160 8.92 8.56 2.56
CA ALA B 160 8.98 9.97 2.84
C ALA B 160 9.53 10.72 1.64
N GLY B 161 8.95 11.89 1.35
CA GLY B 161 9.41 12.71 0.25
C GLY B 161 8.32 13.58 -0.33
N ALA B 162 8.54 14.05 -1.55
CA ALA B 162 7.60 14.96 -2.20
C ALA B 162 7.69 14.85 -3.72
N VAL B 163 6.60 15.20 -4.40
CA VAL B 163 6.57 15.26 -5.85
C VAL B 163 6.04 16.61 -6.27
N ALA B 164 6.84 17.35 -7.03
CA ALA B 164 6.44 18.67 -7.50
C ALA B 164 6.02 18.60 -8.96
N MET B 165 4.92 19.27 -9.28
CA MET B 165 4.42 19.35 -10.65
C MET B 165 4.18 20.80 -11.02
N LEU B 166 4.62 21.18 -12.22
CA LEU B 166 4.29 22.49 -12.77
C LEU B 166 3.18 22.31 -13.80
N VAL B 167 2.03 22.92 -13.55
CA VAL B 167 0.89 22.77 -14.44
C VAL B 167 0.74 24.01 -15.31
N SER B 168 0.51 23.81 -16.60
CA SER B 168 0.41 24.92 -17.53
C SER B 168 -0.36 24.55 -18.79
N SER B 169 -0.66 25.58 -19.57
CA SER B 169 -1.24 25.41 -20.89
C SER B 169 -0.12 24.97 -21.84
N GLU B 170 -0.47 24.19 -22.86
CA GLU B 170 0.52 23.66 -23.78
C GLU B 170 1.71 23.06 -23.03
N PRO B 171 1.42 22.09 -22.15
CA PRO B 171 2.42 21.43 -21.31
C PRO B 171 3.36 20.54 -22.14
N ARG B 172 4.58 20.34 -21.65
CA ARG B 172 5.59 19.60 -22.39
C ARG B 172 5.60 18.10 -22.13
N ILE B 173 4.87 17.64 -21.12
CA ILE B 173 4.91 16.22 -20.76
C ILE B 173 3.57 15.50 -20.97
N LEU B 174 2.56 15.87 -20.18
CA LEU B 174 1.31 15.13 -20.16
C LEU B 174 0.09 16.05 -20.27
N ALA B 175 -0.67 15.90 -21.36
CA ALA B 175 -1.88 16.69 -21.57
C ALA B 175 -3.07 15.96 -20.95
N LEU B 176 -3.77 16.63 -20.04
CA LEU B 176 -4.88 16.02 -19.32
C LEU B 176 -6.19 16.12 -20.08
N LYS B 177 -6.94 15.02 -20.10
CA LYS B 177 -8.22 14.96 -20.78
C LYS B 177 -9.37 15.31 -19.85
N GLU B 178 -10.55 15.55 -20.42
CA GLU B 178 -11.72 15.91 -19.64
C GLU B 178 -12.62 14.70 -19.45
N ASP B 179 -12.08 13.64 -18.85
CA ASP B 179 -12.82 12.40 -18.69
C ASP B 179 -12.87 11.93 -17.23
N ASN B 180 -12.64 12.85 -16.30
CA ASN B 180 -12.54 12.51 -14.89
C ASN B 180 -13.79 11.79 -14.36
N VAL B 181 -13.57 10.70 -13.61
CA VAL B 181 -14.64 10.07 -12.84
C VAL B 181 -14.22 10.01 -11.39
N MET B 182 -15.00 10.65 -10.53
CA MET B 182 -14.68 10.77 -9.11
C MET B 182 -15.68 10.00 -8.26
N LEU B 183 -15.28 9.68 -7.04
CA LEU B 183 -16.13 8.93 -6.12
C LEU B 183 -15.82 9.26 -4.67
N THR B 184 -16.87 9.47 -3.87
CA THR B 184 -16.70 9.66 -2.43
C THR B 184 -17.56 8.66 -1.66
N GLN B 185 -16.95 8.03 -0.67
CA GLN B 185 -17.65 7.12 0.25
C GLN B 185 -17.15 7.43 1.65
N ASP B 186 -18.01 7.26 2.65
CA ASP B 186 -17.62 7.53 4.04
C ASP B 186 -17.22 6.24 4.74
N ILE B 187 -15.94 5.92 4.68
CA ILE B 187 -15.41 4.65 5.19
C ILE B 187 -14.18 4.89 6.06
N TYR B 188 -14.12 4.25 7.22
CA TYR B 188 -12.98 4.41 8.11
C TYR B 188 -11.97 3.27 7.96
N ASP B 189 -11.27 3.26 6.85
CA ASP B 189 -10.26 2.26 6.58
C ASP B 189 -8.91 2.71 7.14
N PHE B 190 -8.67 4.02 7.05
CA PHE B 190 -7.44 4.62 7.51
C PHE B 190 -7.74 6.08 7.83
N TRP B 191 -7.30 6.53 9.00
CA TRP B 191 -7.49 7.91 9.39
C TRP B 191 -6.52 8.25 10.53
N ARG B 192 -6.45 9.51 10.91
CA ARG B 192 -5.53 9.91 11.98
C ARG B 192 -6.10 11.08 12.78
N PRO B 193 -6.81 10.77 13.86
CA PRO B 193 -7.39 11.78 14.74
C PRO B 193 -6.37 12.81 15.22
N THR B 194 -6.85 14.03 15.44
CA THR B 194 -6.01 15.07 16.02
C THR B 194 -5.38 14.53 17.30
N GLY B 195 -4.06 14.68 17.42
CA GLY B 195 -3.35 14.22 18.59
C GLY B 195 -2.71 12.86 18.41
N HIS B 196 -2.92 12.24 17.26
CA HIS B 196 -2.28 10.97 16.96
C HIS B 196 -1.11 11.17 16.00
N PRO B 197 0.12 10.87 16.47
CA PRO B 197 1.28 10.96 15.57
C PRO B 197 1.26 9.87 14.49
N TYR B 198 0.63 8.74 14.82
CA TYR B 198 0.53 7.62 13.88
C TYR B 198 -0.93 7.37 13.53
N PRO B 199 -1.18 6.81 12.33
CA PRO B 199 -2.56 6.64 11.85
C PRO B 199 -3.29 5.45 12.46
N MET B 200 -4.61 5.54 12.55
CA MET B 200 -5.46 4.40 12.86
C MET B 200 -5.72 3.66 11.55
N VAL B 201 -5.61 2.33 11.55
CA VAL B 201 -5.82 1.60 10.31
C VAL B 201 -6.52 0.26 10.48
N ASP B 202 -7.38 -0.03 9.51
CA ASP B 202 -8.06 -1.31 9.41
C ASP B 202 -7.59 -1.94 8.10
N GLY B 203 -6.58 -2.80 8.20
CA GLY B 203 -5.93 -3.37 7.03
C GLY B 203 -6.91 -3.93 6.00
N PRO B 204 -7.65 -4.97 6.40
CA PRO B 204 -8.64 -5.63 5.53
C PRO B 204 -9.58 -4.65 4.85
N LEU B 205 -10.12 -3.71 5.63
CA LEU B 205 -11.07 -2.75 5.09
C LEU B 205 -10.41 -1.85 4.07
N SER B 206 -9.20 -1.39 4.37
CA SER B 206 -8.48 -0.49 3.48
C SER B 206 -8.17 -1.18 2.15
N ASN B 207 -7.66 -2.40 2.22
CA ASN B 207 -7.34 -3.13 1.01
C ASN B 207 -8.58 -3.38 0.17
N GLU B 208 -9.64 -3.84 0.81
CA GLU B 208 -10.89 -4.12 0.11
C GLU B 208 -11.45 -2.85 -0.54
N THR B 209 -11.55 -1.79 0.24
CA THR B 209 -12.07 -0.51 -0.25
C THR B 209 -11.25 0.05 -1.40
N TYR B 210 -9.93 0.02 -1.25
CA TYR B 210 -9.03 0.45 -2.30
C TYR B 210 -9.32 -0.32 -3.58
N ILE B 211 -9.42 -1.64 -3.48
CA ILE B 211 -9.64 -2.47 -4.66
C ILE B 211 -10.99 -2.17 -5.31
N GLN B 212 -12.05 -2.13 -4.51
CA GLN B 212 -13.40 -1.90 -5.04
C GLN B 212 -13.58 -0.46 -5.53
N SER B 213 -12.84 0.47 -4.94
CA SER B 213 -12.88 1.86 -5.39
C SER B 213 -12.46 1.94 -6.85
N PHE B 214 -11.31 1.35 -7.18
CA PHE B 214 -10.84 1.35 -8.55
C PHE B 214 -11.88 0.72 -9.47
N ALA B 215 -12.39 -0.43 -9.07
CA ALA B 215 -13.40 -1.12 -9.87
C ALA B 215 -14.56 -0.20 -10.19
N GLN B 216 -15.04 0.50 -9.17
CA GLN B 216 -16.20 1.38 -9.31
C GLN B 216 -15.96 2.55 -10.25
N VAL B 217 -14.86 3.29 -10.05
CA VAL B 217 -14.59 4.43 -10.92
C VAL B 217 -14.24 3.96 -12.33
N TRP B 218 -13.62 2.80 -12.45
CA TRP B 218 -13.29 2.27 -13.77
C TRP B 218 -14.55 1.85 -14.53
N ASP B 219 -15.45 1.16 -13.84
CA ASP B 219 -16.69 0.73 -14.45
C ASP B 219 -17.52 1.93 -14.91
N GLU B 220 -17.63 2.94 -14.07
CA GLU B 220 -18.38 4.13 -14.42
C GLU B 220 -17.70 4.86 -15.58
N HIS B 221 -16.38 4.91 -15.54
CA HIS B 221 -15.61 5.58 -16.58
C HIS B 221 -15.82 4.90 -17.94
N LYS B 222 -15.81 3.57 -17.93
CA LYS B 222 -16.06 2.79 -19.13
C LYS B 222 -17.48 3.04 -19.63
N LYS B 223 -18.41 3.14 -18.68
CA LYS B 223 -19.81 3.39 -18.98
C LYS B 223 -20.02 4.76 -19.62
N ARG B 224 -19.25 5.75 -19.18
CA ARG B 224 -19.39 7.11 -19.69
C ARG B 224 -18.67 7.31 -21.02
N THR B 225 -17.49 6.71 -21.16
CA THR B 225 -16.63 7.00 -22.30
C THR B 225 -16.51 5.86 -23.31
N GLY B 226 -16.84 4.64 -22.88
CA GLY B 226 -16.76 3.49 -23.75
C GLY B 226 -15.33 2.96 -23.92
N LEU B 227 -14.37 3.61 -23.29
CA LEU B 227 -12.97 3.19 -23.35
C LEU B 227 -12.72 1.96 -22.47
N ASP B 228 -11.79 1.12 -22.89
CA ASP B 228 -11.47 -0.10 -22.15
C ASP B 228 -9.95 -0.21 -22.01
N PHE B 229 -9.48 -1.28 -21.39
CA PHE B 229 -8.06 -1.45 -21.13
C PHE B 229 -7.24 -1.43 -22.42
N ALA B 230 -7.83 -1.93 -23.52
CA ALA B 230 -7.12 -1.98 -24.79
C ALA B 230 -6.77 -0.59 -25.33
N ASP B 231 -7.51 0.42 -24.89
CA ASP B 231 -7.29 1.79 -25.35
C ASP B 231 -6.27 2.52 -24.47
N TYR B 232 -5.73 1.83 -23.47
CA TYR B 232 -4.73 2.43 -22.60
C TYR B 232 -3.35 1.81 -22.81
N ASP B 233 -2.36 2.68 -22.99
CA ASP B 233 -0.99 2.26 -23.17
C ASP B 233 -0.33 1.94 -21.84
N ALA B 234 -0.88 2.49 -20.76
CA ALA B 234 -0.35 2.25 -19.43
C ALA B 234 -1.29 2.80 -18.38
N LEU B 235 -1.22 2.24 -17.18
CA LEU B 235 -1.97 2.75 -16.05
C LEU B 235 -1.03 3.00 -14.87
N ALA B 236 -1.11 4.19 -14.29
CA ALA B 236 -0.37 4.51 -13.08
C ALA B 236 -1.34 4.58 -11.90
N PHE B 237 -0.96 3.98 -10.79
CA PHE B 237 -1.83 3.89 -9.62
C PHE B 237 -1.24 4.51 -8.39
N HIS B 238 -2.09 5.09 -7.55
CA HIS B 238 -1.72 5.26 -6.17
C HIS B 238 -1.66 3.86 -5.59
N ILE B 239 -0.67 3.64 -4.73
CA ILE B 239 -0.54 2.35 -4.05
C ILE B 239 -0.10 2.56 -2.61
N PRO B 240 -0.67 1.77 -1.68
CA PRO B 240 -0.18 1.70 -0.31
C PRO B 240 1.11 0.92 -0.26
N TYR B 241 1.23 -0.06 -1.15
CA TYR B 241 2.47 -0.76 -1.42
C TYR B 241 2.30 -1.55 -2.72
N THR B 242 3.42 -1.95 -3.34
CA THR B 242 3.39 -2.38 -4.74
C THR B 242 2.50 -3.59 -5.00
N LYS B 243 2.47 -4.55 -4.08
CA LYS B 243 1.65 -5.74 -4.28
C LYS B 243 0.16 -5.40 -4.36
N MET B 244 -0.29 -4.45 -3.55
CA MET B 244 -1.71 -4.11 -3.52
C MET B 244 -2.16 -3.47 -4.82
N GLY B 245 -1.32 -2.63 -5.40
CA GLY B 245 -1.61 -2.05 -6.70
C GLY B 245 -1.83 -3.15 -7.72
N LYS B 246 -0.98 -4.17 -7.68
CA LYS B 246 -1.10 -5.30 -8.60
C LYS B 246 -2.41 -6.05 -8.39
N LYS B 247 -2.78 -6.26 -7.13
CA LYS B 247 -4.02 -6.95 -6.80
C LYS B 247 -5.24 -6.22 -7.35
N ALA B 248 -5.30 -4.91 -7.11
CA ALA B 248 -6.42 -4.11 -7.59
C ALA B 248 -6.53 -4.21 -9.10
N LEU B 249 -5.38 -4.17 -9.76
CA LEU B 249 -5.30 -4.22 -11.21
C LEU B 249 -5.70 -5.60 -11.73
N LEU B 250 -5.15 -6.65 -11.12
CA LEU B 250 -5.46 -8.02 -11.52
C LEU B 250 -6.95 -8.31 -11.39
N ALA B 251 -7.57 -7.81 -10.33
CA ALA B 251 -8.97 -8.05 -10.06
C ALA B 251 -9.87 -7.53 -11.18
N LYS B 252 -9.45 -6.44 -11.82
CA LYS B 252 -10.32 -5.75 -12.78
C LYS B 252 -10.02 -6.13 -14.24
N ILE B 253 -8.80 -6.57 -14.51
CA ILE B 253 -8.41 -6.92 -15.87
C ILE B 253 -8.61 -8.41 -16.14
N SER B 254 -9.32 -9.08 -15.24
CA SER B 254 -9.51 -10.53 -15.32
C SER B 254 -10.20 -11.00 -16.61
N ASP B 255 -11.12 -10.19 -17.12
CA ASP B 255 -11.90 -10.58 -18.29
C ASP B 255 -11.19 -10.26 -19.61
N GLN B 256 -10.02 -9.64 -19.52
CA GLN B 256 -9.25 -9.28 -20.71
C GLN B 256 -8.47 -10.48 -21.23
N THR B 257 -8.10 -10.45 -22.51
CA THR B 257 -7.22 -11.48 -23.06
C THR B 257 -5.93 -11.48 -22.25
N GLU B 258 -5.23 -12.60 -22.22
CA GLU B 258 -4.00 -12.68 -21.45
C GLU B 258 -2.93 -11.77 -22.03
N ALA B 259 -3.04 -11.47 -23.32
CA ALA B 259 -2.07 -10.62 -23.99
C ALA B 259 -2.21 -9.17 -23.53
N GLU B 260 -3.45 -8.73 -23.35
CA GLU B 260 -3.73 -7.40 -22.84
C GLU B 260 -3.34 -7.31 -21.36
N GLN B 261 -3.61 -8.38 -20.62
CA GLN B 261 -3.26 -8.43 -19.21
C GLN B 261 -1.75 -8.29 -19.04
N GLU B 262 -1.00 -9.10 -19.77
CA GLU B 262 0.45 -9.08 -19.66
C GLU B 262 1.03 -7.72 -20.02
N ARG B 263 0.44 -7.07 -21.01
CA ARG B 263 0.89 -5.77 -21.47
C ARG B 263 0.73 -4.72 -20.37
N ILE B 264 -0.44 -4.72 -19.75
CA ILE B 264 -0.75 -3.75 -18.69
C ILE B 264 0.06 -4.04 -17.44
N LEU B 265 0.21 -5.33 -17.13
CA LEU B 265 0.99 -5.72 -15.96
C LEU B 265 2.46 -5.31 -16.12
N ALA B 266 2.95 -5.36 -17.35
CA ALA B 266 4.33 -4.97 -17.65
C ALA B 266 4.51 -3.46 -17.42
N ARG B 267 3.56 -2.68 -17.92
CA ARG B 267 3.58 -1.24 -17.69
C ARG B 267 3.54 -0.94 -16.19
N TYR B 268 2.78 -1.73 -15.45
CA TYR B 268 2.68 -1.53 -14.01
C TYR B 268 4.04 -1.71 -13.34
N GLU B 269 4.78 -2.75 -13.76
CA GLU B 269 6.09 -3.02 -13.19
C GLU B 269 7.04 -1.85 -13.39
N GLU B 270 6.92 -1.17 -14.53
CA GLU B 270 7.75 -0.01 -14.81
C GLU B 270 7.36 1.18 -13.94
N SER B 271 6.09 1.26 -13.57
CA SER B 271 5.60 2.37 -12.77
C SER B 271 6.03 2.27 -11.31
N ILE B 272 6.45 1.09 -10.88
CA ILE B 272 6.82 0.87 -9.48
C ILE B 272 8.32 0.76 -9.26
N ILE B 273 9.11 1.01 -10.30
CA ILE B 273 10.56 0.95 -10.19
C ILE B 273 11.04 1.83 -9.04
N TYR B 274 10.64 3.09 -9.06
CA TYR B 274 11.08 4.03 -8.04
C TYR B 274 10.44 3.76 -6.68
N SER B 275 9.16 3.44 -6.69
CA SER B 275 8.45 3.11 -5.45
C SER B 275 9.15 2.01 -4.67
N ARG B 276 9.68 1.01 -5.38
CA ARG B 276 10.39 -0.08 -4.74
C ARG B 276 11.60 0.43 -3.95
N ARG B 277 12.17 1.54 -4.38
CA ARG B 277 13.38 2.07 -3.76
C ARG B 277 13.10 3.23 -2.80
N VAL B 278 11.84 3.58 -2.62
CA VAL B 278 11.47 4.75 -1.82
C VAL B 278 10.44 4.44 -0.73
N GLY B 279 9.35 3.78 -1.13
CA GLY B 279 8.25 3.50 -0.22
C GLY B 279 7.04 4.35 -0.53
N ASN B 280 6.08 4.37 0.39
CA ASN B 280 4.84 5.13 0.22
C ASN B 280 5.07 6.61 0.44
N LEU B 281 4.68 7.43 -0.54
CA LEU B 281 4.74 8.88 -0.40
C LEU B 281 3.35 9.47 -0.13
N TYR B 282 2.40 8.59 0.16
CA TYR B 282 1.00 9.00 0.34
C TYR B 282 0.50 9.83 -0.85
N THR B 283 0.34 11.14 -0.66
CA THR B 283 -0.15 12.00 -1.74
C THR B 283 0.73 11.90 -2.98
N GLY B 284 2.00 11.59 -2.80
CA GLY B 284 2.97 11.59 -3.90
C GLY B 284 3.10 10.25 -4.62
N SER B 285 2.44 9.23 -4.10
CA SER B 285 2.60 7.87 -4.60
C SER B 285 2.18 7.71 -6.07
N LEU B 286 0.98 8.15 -6.40
CA LEU B 286 0.51 8.10 -7.79
C LEU B 286 1.51 8.77 -8.73
N TYR B 287 1.99 9.94 -8.34
CA TYR B 287 2.79 10.77 -9.24
C TYR B 287 4.25 10.33 -9.29
N LEU B 288 4.72 9.66 -8.24
CA LEU B 288 6.01 9.01 -8.29
C LEU B 288 5.91 7.87 -9.31
N GLY B 289 4.76 7.23 -9.34
CA GLY B 289 4.49 6.17 -10.30
C GLY B 289 4.51 6.69 -11.72
N LEU B 290 3.95 7.87 -11.93
CA LEU B 290 3.94 8.50 -13.25
C LEU B 290 5.38 8.83 -13.70
N ILE B 291 6.16 9.43 -12.80
CA ILE B 291 7.55 9.71 -13.10
C ILE B 291 8.30 8.42 -13.43
N SER B 292 8.08 7.40 -12.61
CA SER B 292 8.76 6.11 -12.78
C SER B 292 8.41 5.49 -14.12
N LEU B 293 7.13 5.59 -14.47
CA LEU B 293 6.64 5.05 -15.73
C LEU B 293 7.35 5.71 -16.91
N LEU B 294 7.44 7.03 -16.88
CA LEU B 294 7.95 7.77 -18.03
C LEU B 294 9.48 7.71 -18.15
N GLU B 295 10.15 7.53 -17.03
CA GLU B 295 11.61 7.48 -17.04
C GLU B 295 12.17 6.06 -17.19
N ASN B 296 11.35 5.05 -16.89
CA ASN B 296 11.80 3.67 -16.98
C ASN B 296 11.23 2.90 -18.15
N ALA B 297 10.07 3.33 -18.64
CA ALA B 297 9.53 2.76 -19.87
C ALA B 297 10.47 3.14 -21.01
N THR B 298 10.65 2.23 -21.96
CA THR B 298 11.47 2.52 -23.14
C THR B 298 10.62 2.51 -24.40
N THR B 299 9.41 1.95 -24.32
CA THR B 299 8.58 1.77 -25.50
C THR B 299 7.40 2.72 -25.57
N LEU B 300 7.25 3.58 -24.57
CA LEU B 300 6.19 4.60 -24.61
C LEU B 300 6.59 5.68 -25.60
N THR B 301 5.60 6.24 -26.28
CA THR B 301 5.83 7.27 -27.29
C THR B 301 4.78 8.35 -27.18
N ALA B 302 5.08 9.54 -27.71
CA ALA B 302 4.11 10.62 -27.75
C ALA B 302 2.82 10.12 -28.38
N GLY B 303 1.69 10.56 -27.84
CA GLY B 303 0.40 10.15 -28.36
C GLY B 303 -0.25 9.05 -27.55
N ASN B 304 0.54 8.32 -26.77
CA ASN B 304 0.02 7.25 -25.92
C ASN B 304 -0.90 7.79 -24.82
N GLN B 305 -1.91 7.00 -24.46
CA GLN B 305 -2.84 7.38 -23.42
C GLN B 305 -2.44 6.74 -22.10
N ILE B 306 -2.35 7.57 -21.06
CA ILE B 306 -2.00 7.13 -19.72
C ILE B 306 -3.19 7.28 -18.78
N GLY B 307 -3.63 6.18 -18.19
CA GLY B 307 -4.68 6.22 -17.20
C GLY B 307 -4.06 6.41 -15.82
N LEU B 308 -4.70 7.24 -15.00
CA LEU B 308 -4.23 7.51 -13.64
C LEU B 308 -5.35 7.28 -12.63
N PHE B 309 -5.06 6.47 -11.63
CA PHE B 309 -6.02 6.20 -10.56
C PHE B 309 -5.52 6.78 -9.24
N SER B 310 -6.24 7.77 -8.73
CA SER B 310 -5.88 8.37 -7.46
C SER B 310 -6.82 7.87 -6.39
N TYR B 311 -6.28 7.68 -5.19
CA TYR B 311 -7.07 7.19 -4.07
C TYR B 311 -6.72 7.94 -2.79
N GLY B 312 -7.74 8.13 -1.96
CA GLY B 312 -7.54 8.69 -0.64
C GLY B 312 -8.38 7.95 0.39
N SER B 313 -7.77 7.48 1.48
CA SER B 313 -8.53 6.78 2.50
C SER B 313 -9.60 7.72 3.02
N GLY B 314 -10.73 7.17 3.45
CA GLY B 314 -11.78 8.00 4.00
C GLY B 314 -13.21 7.83 3.48
N ALA B 315 -13.42 7.63 2.18
CA ALA B 315 -12.39 7.50 1.17
C ALA B 315 -12.84 8.19 -0.13
N VAL B 316 -11.86 8.71 -0.87
CA VAL B 316 -12.13 9.38 -2.14
C VAL B 316 -11.28 8.79 -3.25
N ALA B 317 -11.83 8.69 -4.46
CA ALA B 317 -11.07 8.12 -5.57
C ALA B 317 -11.38 8.86 -6.86
N GLU B 318 -10.45 8.78 -7.80
CA GLU B 318 -10.64 9.42 -9.09
C GLU B 318 -9.86 8.70 -10.19
N PHE B 319 -10.49 8.53 -11.34
CA PHE B 319 -9.78 8.03 -12.52
C PHE B 319 -9.82 9.08 -13.62
N PHE B 320 -8.65 9.40 -14.18
CA PHE B 320 -8.57 10.38 -15.25
C PHE B 320 -7.44 10.04 -16.22
N THR B 321 -7.43 10.67 -17.39
CA THR B 321 -6.52 10.27 -18.45
C THR B 321 -5.62 11.41 -18.90
N GLY B 322 -4.41 11.07 -19.32
CA GLY B 322 -3.49 12.04 -19.89
C GLY B 322 -2.80 11.49 -21.12
N GLU B 323 -2.46 12.38 -22.06
CA GLU B 323 -1.78 11.97 -23.29
C GLU B 323 -0.36 12.51 -23.33
N LEU B 324 0.59 11.65 -23.70
CA LEU B 324 1.98 12.06 -23.76
C LEU B 324 2.21 13.03 -24.91
N VAL B 325 2.88 14.12 -24.59
CA VAL B 325 3.09 15.21 -25.54
C VAL B 325 4.33 14.95 -26.38
N ALA B 326 4.31 15.44 -27.61
CA ALA B 326 5.46 15.31 -28.49
C ALA B 326 6.67 15.96 -27.85
N GLY B 327 7.74 15.18 -27.72
CA GLY B 327 8.99 15.70 -27.18
C GLY B 327 9.10 15.59 -25.68
N TYR B 328 8.19 14.85 -25.04
CA TYR B 328 8.17 14.75 -23.59
C TYR B 328 9.45 14.10 -23.07
N GLN B 329 10.04 13.22 -23.85
CA GLN B 329 11.24 12.50 -23.42
C GLN B 329 12.41 13.46 -23.18
N ASN B 330 12.32 14.68 -23.68
CA ASN B 330 13.40 15.64 -23.51
C ASN B 330 13.22 16.51 -22.27
N HIS B 331 12.17 16.25 -21.50
CA HIS B 331 11.86 17.09 -20.36
C HIS B 331 11.65 16.27 -19.10
N LEU B 332 12.40 15.18 -19.00
CA LEU B 332 12.37 14.30 -17.84
C LEU B 332 13.60 14.55 -16.99
N GLN B 333 13.74 13.81 -15.89
CA GLN B 333 14.80 14.07 -14.93
C GLN B 333 15.52 12.78 -14.51
N LYS B 334 15.59 11.82 -15.43
CA LYS B 334 16.07 10.49 -15.10
C LYS B 334 17.43 10.50 -14.40
N GLU B 335 18.42 11.11 -15.04
CA GLU B 335 19.77 11.17 -14.47
C GLU B 335 19.76 11.77 -13.06
N THR B 336 19.02 12.86 -12.88
CA THR B 336 18.96 13.55 -11.60
C THR B 336 18.32 12.67 -10.54
N HIS B 337 17.28 11.94 -10.93
CA HIS B 337 16.57 11.08 -9.98
C HIS B 337 17.40 9.88 -9.56
N LEU B 338 18.06 9.23 -10.53
CA LEU B 338 18.91 8.10 -10.23
C LEU B 338 20.05 8.51 -9.32
N ALA B 339 20.62 9.69 -9.56
CA ALA B 339 21.69 10.19 -8.73
C ALA B 339 21.19 10.40 -7.31
N LEU B 340 20.02 11.04 -7.20
CA LEU B 340 19.38 11.26 -5.91
C LEU B 340 19.25 9.94 -5.15
N LEU B 341 18.76 8.91 -5.82
CA LEU B 341 18.55 7.61 -5.18
C LEU B 341 19.87 6.91 -4.87
N ASP B 342 20.82 7.00 -5.78
CA ASP B 342 22.08 6.28 -5.65
C ASP B 342 23.00 6.91 -4.59
N ASN B 343 22.87 8.21 -4.40
CA ASN B 343 23.77 8.92 -3.50
C ASN B 343 23.31 8.93 -2.03
N ARG B 344 22.21 8.26 -1.74
CA ARG B 344 21.71 8.20 -0.38
C ARG B 344 22.61 7.35 0.50
N THR B 345 22.59 7.63 1.81
CA THR B 345 23.34 6.85 2.77
C THR B 345 22.49 5.69 3.30
N GLU B 346 23.03 4.48 3.25
CA GLU B 346 22.34 3.35 3.83
C GLU B 346 22.50 3.37 5.34
N LEU B 347 21.40 3.18 6.05
CA LEU B 347 21.41 3.13 7.49
C LEU B 347 21.29 1.69 7.95
N SER B 348 22.06 1.34 8.98
CA SER B 348 21.84 0.08 9.67
C SER B 348 20.46 0.20 10.29
N ILE B 349 19.89 -0.93 10.71
CA ILE B 349 18.58 -0.90 11.33
C ILE B 349 18.63 -0.20 12.68
N ALA B 350 19.76 -0.32 13.38
CA ALA B 350 19.93 0.37 14.66
C ALA B 350 19.89 1.88 14.46
N GLU B 351 20.61 2.36 13.45
CA GLU B 351 20.66 3.80 13.15
C GLU B 351 19.28 4.32 12.77
N TYR B 352 18.55 3.53 11.98
CA TYR B 352 17.21 3.91 11.55
C TYR B 352 16.24 3.98 12.71
N GLU B 353 16.29 2.99 13.60
CA GLU B 353 15.40 2.97 14.75
C GLU B 353 15.65 4.16 15.68
N ALA B 354 16.92 4.54 15.81
CA ALA B 354 17.29 5.67 16.65
C ALA B 354 16.77 6.97 16.05
N MET B 355 16.96 7.12 14.74
CA MET B 355 16.49 8.30 14.03
C MET B 355 14.96 8.37 14.07
N PHE B 356 14.32 7.21 14.00
CA PHE B 356 12.87 7.12 13.94
C PHE B 356 12.22 7.49 15.26
N ALA B 357 12.85 7.10 16.35
CA ALA B 357 12.28 7.29 17.70
C ALA B 357 12.41 8.73 18.19
N GLU B 358 13.36 9.47 17.62
CA GLU B 358 13.57 10.87 17.98
C GLU B 358 12.35 11.71 17.56
N THR B 359 11.97 12.68 18.39
CA THR B 359 10.81 13.52 18.10
C THR B 359 11.13 15.00 18.22
N LEU B 360 10.73 15.78 17.21
CA LEU B 360 10.90 17.22 17.25
C LEU B 360 9.94 17.82 18.28
N ASP B 361 10.47 18.59 19.22
CA ASP B 361 9.65 19.23 20.24
C ASP B 361 9.60 20.73 19.99
N THR B 362 8.52 21.21 19.38
CA THR B 362 8.44 22.61 18.98
C THR B 362 8.20 23.55 20.17
N ASP B 363 7.93 22.99 21.35
CA ASP B 363 7.74 23.80 22.55
C ASP B 363 9.04 24.48 22.97
N ILE B 364 10.17 23.89 22.59
CA ILE B 364 11.46 24.37 23.07
C ILE B 364 12.26 25.11 21.99
N ASP B 365 12.76 26.29 22.34
CA ASP B 365 13.64 27.02 21.44
C ASP B 365 14.93 26.23 21.29
N GLN B 366 15.37 26.05 20.07
CA GLN B 366 16.49 25.17 19.81
C GLN B 366 17.09 25.42 18.44
N THR B 367 18.29 24.88 18.23
CA THR B 367 18.92 24.92 16.94
C THR B 367 19.11 23.50 16.45
N LEU B 368 18.97 23.30 15.14
CA LEU B 368 19.18 22.01 14.52
C LEU B 368 20.30 22.11 13.51
N GLU B 369 21.05 21.02 13.37
CA GLU B 369 22.18 21.01 12.45
C GLU B 369 22.02 19.86 11.47
N ASP B 370 21.69 20.22 10.23
CA ASP B 370 21.51 19.27 9.15
C ASP B 370 22.11 19.92 7.92
N GLU B 371 22.87 19.15 7.14
CA GLU B 371 23.58 19.71 6.00
C GLU B 371 22.65 19.89 4.80
N LEU B 372 21.48 19.27 4.86
CA LEU B 372 20.56 19.30 3.72
C LEU B 372 19.91 20.68 3.57
N LYS B 373 19.90 21.19 2.34
CA LYS B 373 19.24 22.47 2.05
C LYS B 373 17.74 22.39 2.40
N TYR B 374 17.22 23.45 2.99
CA TYR B 374 15.82 23.54 3.38
C TYR B 374 15.45 22.62 4.56
N SER B 375 16.47 22.06 5.22
CA SER B 375 16.21 21.34 6.47
C SER B 375 15.91 22.38 7.55
N ILE B 376 15.33 21.93 8.65
CA ILE B 376 15.03 22.83 9.76
C ILE B 376 16.32 23.22 10.46
N SER B 377 16.53 24.52 10.63
CA SER B 377 17.75 25.01 11.24
C SER B 377 17.52 25.51 12.67
N ALA B 378 16.27 25.83 13.00
CA ALA B 378 15.96 26.37 14.32
C ALA B 378 14.47 26.36 14.62
N ILE B 379 14.14 26.29 15.91
CA ILE B 379 12.79 26.55 16.39
C ILE B 379 12.84 27.73 17.34
N ASN B 380 11.97 28.71 17.12
CA ASN B 380 11.87 29.87 17.98
C ASN B 380 10.42 30.24 18.20
N ASN B 381 9.95 30.12 19.45
CA ASN B 381 8.56 30.40 19.76
C ASN B 381 7.66 29.53 18.88
N THR B 382 8.06 28.27 18.73
CA THR B 382 7.36 27.27 17.92
C THR B 382 7.48 27.49 16.41
N VAL B 383 8.13 28.58 16.00
CA VAL B 383 8.28 28.89 14.57
C VAL B 383 9.53 28.23 14.00
N ARG B 384 9.37 27.53 12.88
CA ARG B 384 10.47 26.84 12.23
C ARG B 384 11.21 27.77 11.26
N SER B 385 12.53 27.73 11.31
CA SER B 385 13.37 28.37 10.31
C SER B 385 14.04 27.29 9.48
N TYR B 386 14.32 27.58 8.22
CA TYR B 386 14.93 26.63 7.29
C TYR B 386 16.22 27.19 6.71
N ARG B 387 17.25 26.36 6.61
CA ARG B 387 18.53 26.82 6.09
C ARG B 387 18.54 26.82 4.57
N ASN B 388 19.37 27.69 3.99
CA ASN B 388 19.49 27.77 2.54
C ASN B 388 20.70 27.00 2.04
N THR C 3 10.44 -21.93 43.04
CA THR C 3 10.12 -22.65 41.78
C THR C 3 11.35 -23.38 41.24
N GLY C 4 11.25 -23.88 40.01
CA GLY C 4 12.36 -24.59 39.38
C GLY C 4 12.00 -25.04 37.98
N SER C 5 12.91 -25.77 37.32
CA SER C 5 12.69 -26.19 35.94
C SER C 5 11.61 -27.26 35.83
N MET C 6 11.34 -27.96 36.93
CA MET C 6 10.28 -28.96 36.92
C MET C 6 8.90 -28.31 37.10
N THR C 7 8.88 -26.98 37.20
CA THR C 7 7.63 -26.24 37.12
C THR C 7 7.32 -26.02 35.64
N ILE C 8 6.31 -26.71 35.13
CA ILE C 8 6.02 -26.73 33.71
C ILE C 8 4.54 -26.54 33.42
N GLY C 9 4.22 -25.94 32.28
CA GLY C 9 2.84 -25.74 31.89
C GLY C 9 2.67 -24.81 30.72
N ILE C 10 1.55 -24.08 30.72
CA ILE C 10 1.20 -23.20 29.61
C ILE C 10 1.88 -21.85 29.78
N ASP C 11 2.78 -21.54 28.85
CA ASP C 11 3.51 -20.27 28.87
C ASP C 11 2.67 -19.18 28.19
N LYS C 12 2.09 -19.51 27.04
CA LYS C 12 1.23 -18.58 26.31
C LYS C 12 0.07 -19.32 25.67
N ILE C 13 -1.05 -18.61 25.49
CA ILE C 13 -2.25 -19.26 24.97
C ILE C 13 -3.12 -18.25 24.22
N SER C 14 -3.63 -18.66 23.07
CA SER C 14 -4.47 -17.79 22.25
C SER C 14 -5.42 -18.63 21.41
N PHE C 15 -6.50 -18.01 20.95
CA PHE C 15 -7.44 -18.69 20.07
C PHE C 15 -7.69 -17.87 18.82
N PHE C 16 -8.12 -18.57 17.76
CA PHE C 16 -8.56 -17.92 16.54
C PHE C 16 -9.89 -18.49 16.08
N VAL C 17 -10.76 -17.62 15.58
CA VAL C 17 -12.01 -18.05 14.96
C VAL C 17 -12.14 -17.31 13.63
N PRO C 18 -12.90 -17.89 12.69
CA PRO C 18 -13.08 -17.25 11.39
C PRO C 18 -13.80 -15.92 11.53
N PRO C 19 -13.75 -15.08 10.49
CA PRO C 19 -14.29 -13.72 10.56
C PRO C 19 -15.80 -13.64 10.27
N TYR C 20 -16.53 -14.73 10.49
CA TYR C 20 -17.97 -14.72 10.25
C TYR C 20 -18.72 -15.41 11.39
N TYR C 21 -19.94 -14.96 11.63
CA TYR C 21 -20.82 -15.62 12.60
C TYR C 21 -22.28 -15.38 12.25
N ILE C 22 -23.16 -16.18 12.84
CA ILE C 22 -24.59 -15.93 12.74
C ILE C 22 -25.15 -15.74 14.14
N ASP C 23 -26.20 -14.93 14.24
CA ASP C 23 -26.86 -14.70 15.51
C ASP C 23 -27.91 -15.77 15.76
N MET C 24 -27.95 -16.30 16.99
CA MET C 24 -28.80 -17.44 17.29
C MET C 24 -30.29 -17.10 17.30
N THR C 25 -30.64 -15.83 17.53
CA THR C 25 -32.02 -15.42 17.39
C THR C 25 -32.40 -15.56 15.92
N ALA C 26 -31.51 -15.11 15.04
CA ALA C 26 -31.71 -15.27 13.60
C ALA C 26 -31.92 -16.74 13.24
N LEU C 27 -31.07 -17.61 13.76
CA LEU C 27 -31.18 -19.03 13.44
C LEU C 27 -32.49 -19.59 13.98
N ALA C 28 -32.84 -19.21 15.20
CA ALA C 28 -34.05 -19.70 15.85
C ALA C 28 -35.29 -19.34 15.04
N GLU C 29 -35.36 -18.10 14.57
CA GLU C 29 -36.48 -17.65 13.73
C GLU C 29 -36.56 -18.49 12.45
N ALA C 30 -35.41 -18.67 11.80
CA ALA C 30 -35.33 -19.48 10.59
C ALA C 30 -35.79 -20.91 10.82
N ARG C 31 -35.53 -21.42 12.02
CA ARG C 31 -35.88 -22.80 12.36
C ARG C 31 -37.22 -22.86 13.09
N ASN C 32 -37.97 -21.76 13.05
CA ASN C 32 -39.22 -21.62 13.79
C ASN C 32 -39.17 -22.22 15.21
N VAL C 33 -38.20 -21.76 16.00
CA VAL C 33 -38.13 -22.14 17.40
C VAL C 33 -37.97 -20.88 18.25
N ASP C 34 -38.42 -20.94 19.50
CA ASP C 34 -38.27 -19.82 20.41
C ASP C 34 -36.77 -19.56 20.60
N PRO C 35 -36.34 -18.32 20.32
CA PRO C 35 -34.91 -18.00 20.47
C PRO C 35 -34.39 -18.41 21.85
N GLY C 36 -35.27 -18.33 22.86
CA GLY C 36 -34.91 -18.75 24.21
C GLY C 36 -34.35 -20.17 24.25
N LYS C 37 -34.84 -21.03 23.38
CA LYS C 37 -34.36 -22.41 23.33
C LYS C 37 -32.85 -22.47 23.06
N PHE C 38 -32.37 -21.58 22.20
CA PHE C 38 -30.95 -21.54 21.89
C PHE C 38 -30.16 -20.73 22.93
N HIS C 39 -30.59 -19.50 23.20
CA HIS C 39 -29.87 -18.61 24.09
C HIS C 39 -29.79 -19.13 25.53
N ILE C 40 -30.85 -19.79 25.98
CA ILE C 40 -30.94 -20.21 27.38
C ILE C 40 -30.97 -21.73 27.54
N GLY C 41 -31.89 -22.39 26.83
CA GLY C 41 -32.01 -23.83 26.92
C GLY C 41 -30.71 -24.52 26.59
N ILE C 42 -30.12 -24.15 25.46
CA ILE C 42 -28.85 -24.72 25.01
C ILE C 42 -27.67 -23.87 25.47
N GLY C 43 -27.86 -22.55 25.43
CA GLY C 43 -26.89 -21.63 26.00
C GLY C 43 -25.85 -21.09 25.02
N GLN C 44 -26.29 -20.74 23.81
CA GLN C 44 -25.39 -20.20 22.79
C GLN C 44 -25.97 -18.93 22.18
N ASP C 45 -25.11 -17.98 21.84
CA ASP C 45 -25.55 -16.67 21.35
C ASP C 45 -25.08 -16.36 19.93
N GLN C 46 -23.84 -16.70 19.63
CA GLN C 46 -23.29 -16.47 18.29
C GLN C 46 -22.49 -17.69 17.85
N MET C 47 -22.71 -18.11 16.61
CA MET C 47 -22.06 -19.30 16.08
C MET C 47 -21.01 -18.93 15.03
N ALA C 48 -19.80 -19.44 15.22
CA ALA C 48 -18.73 -19.21 14.25
C ALA C 48 -18.95 -20.10 13.04
N VAL C 49 -18.66 -19.55 11.86
CA VAL C 49 -18.78 -20.34 10.63
C VAL C 49 -17.73 -19.87 9.62
N ASN C 50 -17.29 -20.78 8.77
CA ASN C 50 -16.20 -20.48 7.84
C ASN C 50 -16.53 -20.98 6.45
N PRO C 51 -15.93 -20.35 5.43
CA PRO C 51 -16.05 -20.81 4.04
C PRO C 51 -15.10 -21.97 3.74
N ILE C 52 -15.24 -22.56 2.56
CA ILE C 52 -14.44 -23.73 2.19
C ILE C 52 -12.96 -23.39 2.00
N SER C 53 -12.65 -22.11 1.95
CA SER C 53 -11.27 -21.65 1.76
C SER C 53 -10.51 -21.63 3.08
N GLN C 54 -11.14 -22.11 4.14
CA GLN C 54 -10.51 -22.11 5.46
C GLN C 54 -10.67 -23.48 6.12
N ASP C 55 -9.53 -24.07 6.48
CA ASP C 55 -9.52 -25.37 7.15
C ASP C 55 -8.74 -25.29 8.45
N ILE C 56 -8.48 -26.45 9.08
CA ILE C 56 -7.79 -26.45 10.37
C ILE C 56 -6.40 -25.81 10.30
N VAL C 57 -5.72 -25.96 9.17
CA VAL C 57 -4.41 -25.34 9.02
C VAL C 57 -4.54 -23.82 9.08
N THR C 58 -5.60 -23.30 8.47
CA THR C 58 -5.82 -21.87 8.45
C THR C 58 -5.97 -21.32 9.87
N PHE C 59 -6.80 -21.99 10.68
CA PHE C 59 -7.08 -21.55 12.04
C PHE C 59 -5.88 -21.77 12.96
N ALA C 60 -5.18 -22.89 12.77
CA ALA C 60 -4.03 -23.23 13.59
C ALA C 60 -2.89 -22.23 13.40
N ALA C 61 -2.63 -21.87 12.15
CA ALA C 61 -1.53 -20.96 11.83
C ALA C 61 -1.81 -19.56 12.35
N ASN C 62 -3.03 -19.08 12.16
CA ASN C 62 -3.40 -17.77 12.68
C ASN C 62 -3.31 -17.73 14.21
N ALA C 63 -3.79 -18.80 14.85
CA ALA C 63 -3.76 -18.87 16.31
C ALA C 63 -2.33 -18.90 16.84
N ALA C 64 -1.49 -19.77 16.27
CA ALA C 64 -0.12 -19.91 16.72
C ALA C 64 0.69 -18.64 16.45
N GLU C 65 0.42 -17.99 15.33
CA GLU C 65 1.18 -16.81 14.95
C GLU C 65 0.99 -15.65 15.94
N ALA C 66 -0.09 -15.72 16.73
CA ALA C 66 -0.40 -14.66 17.68
C ALA C 66 0.44 -14.75 18.95
N ILE C 67 1.12 -15.88 19.17
CA ILE C 67 1.88 -16.08 20.40
C ILE C 67 3.36 -16.38 20.19
N LEU C 68 3.76 -16.73 18.97
CA LEU C 68 5.14 -17.17 18.73
C LEU C 68 6.11 -16.02 18.49
N THR C 69 7.22 -16.03 19.23
CA THR C 69 8.31 -15.09 19.02
C THR C 69 9.49 -15.81 18.38
N LYS C 70 10.52 -15.05 18.02
CA LYS C 70 11.75 -15.61 17.48
C LYS C 70 12.33 -16.67 18.40
N GLU C 71 12.34 -16.38 19.70
CA GLU C 71 12.93 -17.26 20.69
C GLU C 71 12.19 -18.60 20.70
N ASP C 72 10.87 -18.54 20.57
CA ASP C 72 10.03 -19.73 20.62
C ASP C 72 10.31 -20.62 19.42
N LYS C 73 10.43 -20.00 18.25
CA LYS C 73 10.68 -20.72 17.02
C LYS C 73 12.00 -21.48 17.03
N GLU C 74 12.97 -20.97 17.78
CA GLU C 74 14.27 -21.64 17.90
C GLU C 74 14.24 -22.78 18.92
N ALA C 75 13.40 -22.64 19.95
CA ALA C 75 13.40 -23.58 21.06
C ALA C 75 12.32 -24.66 20.95
N ILE C 76 11.37 -24.49 20.04
CA ILE C 76 10.35 -25.50 19.81
C ILE C 76 10.92 -26.67 19.03
N ASP C 77 10.86 -27.87 19.61
CA ASP C 77 11.35 -29.06 18.91
C ASP C 77 10.28 -30.14 18.83
N MET C 78 9.04 -29.77 19.09
CA MET C 78 7.90 -30.66 18.85
C MET C 78 6.64 -29.85 18.57
N VAL C 79 5.96 -30.20 17.49
CA VAL C 79 4.71 -29.53 17.12
C VAL C 79 3.60 -30.56 17.03
N ILE C 80 2.51 -30.31 17.76
CA ILE C 80 1.40 -31.25 17.84
C ILE C 80 0.07 -30.58 17.52
N VAL C 81 -0.68 -31.17 16.61
CA VAL C 81 -2.03 -30.73 16.35
C VAL C 81 -3.03 -31.77 16.85
N GLY C 82 -3.93 -31.37 17.74
CA GLY C 82 -5.03 -32.21 18.14
C GLY C 82 -6.28 -31.84 17.35
N THR C 83 -6.87 -32.82 16.67
CA THR C 83 -8.02 -32.54 15.82
C THR C 83 -8.84 -33.78 15.52
N GLU C 84 -10.10 -33.57 15.15
CA GLU C 84 -10.94 -34.61 14.59
C GLU C 84 -11.52 -34.09 13.28
N SER C 85 -10.84 -33.10 12.71
CA SER C 85 -11.26 -32.47 11.45
C SER C 85 -10.14 -32.54 10.42
N SER C 86 -9.45 -33.68 10.38
CA SER C 86 -8.27 -33.86 9.53
C SER C 86 -8.60 -33.68 8.05
N ILE C 87 -7.58 -33.30 7.28
CA ILE C 87 -7.72 -33.13 5.84
C ILE C 87 -6.87 -34.14 5.08
N ASP C 88 -6.14 -34.98 5.82
CA ASP C 88 -5.37 -36.05 5.21
C ASP C 88 -5.35 -37.25 6.15
N GLU C 89 -5.43 -38.45 5.59
CA GLU C 89 -5.44 -39.69 6.36
C GLU C 89 -4.03 -40.13 6.76
N SER C 90 -3.03 -39.47 6.16
CA SER C 90 -1.64 -39.86 6.40
C SER C 90 -0.79 -38.70 6.90
N LYS C 91 -0.82 -37.58 6.18
CA LYS C 91 0.05 -36.46 6.50
C LYS C 91 -0.53 -35.59 7.64
N ALA C 92 0.26 -35.39 8.68
CA ALA C 92 -0.18 -34.63 9.84
C ALA C 92 -0.25 -33.14 9.53
N ALA C 93 -1.37 -32.50 9.91
CA ALA C 93 -1.53 -31.07 9.72
C ALA C 93 -0.38 -30.32 10.36
N ALA C 94 0.18 -30.91 11.42
CA ALA C 94 1.27 -30.30 12.18
C ALA C 94 2.47 -29.98 11.29
N VAL C 95 2.65 -30.77 10.24
CA VAL C 95 3.81 -30.61 9.36
C VAL C 95 3.72 -29.29 8.62
N VAL C 96 2.54 -28.99 8.07
CA VAL C 96 2.34 -27.74 7.34
C VAL C 96 2.43 -26.56 8.32
N LEU C 97 1.85 -26.74 9.50
CA LEU C 97 1.92 -25.72 10.55
C LEU C 97 3.38 -25.41 10.90
N HIS C 98 4.21 -26.45 10.93
CA HIS C 98 5.62 -26.28 11.26
C HIS C 98 6.31 -25.37 10.25
N ARG C 99 5.98 -25.54 8.97
CA ARG C 99 6.56 -24.72 7.91
C ARG C 99 6.06 -23.28 8.00
N LEU C 100 4.75 -23.12 8.08
CA LEU C 100 4.14 -21.80 8.08
C LEU C 100 4.63 -20.93 9.23
N MET C 101 4.90 -21.55 10.38
CA MET C 101 5.30 -20.80 11.56
C MET C 101 6.78 -20.50 11.59
N GLY C 102 7.53 -21.10 10.67
CA GLY C 102 8.96 -20.88 10.58
C GLY C 102 9.72 -21.46 11.78
N ILE C 103 9.18 -22.52 12.36
CA ILE C 103 9.83 -23.18 13.47
C ILE C 103 11.10 -23.91 13.01
N GLN C 104 12.13 -23.91 13.85
CA GLN C 104 13.41 -24.54 13.52
C GLN C 104 13.18 -25.97 13.05
N PRO C 105 14.01 -26.44 12.11
CA PRO C 105 13.76 -27.67 11.34
C PRO C 105 13.81 -28.96 12.15
N PHE C 106 14.69 -29.02 13.16
CA PHE C 106 14.91 -30.26 13.87
C PHE C 106 13.87 -30.49 14.96
N ALA C 107 12.63 -30.66 14.52
CA ALA C 107 11.50 -30.89 15.40
C ALA C 107 10.69 -32.07 14.87
N ARG C 108 10.01 -32.79 15.76
CA ARG C 108 9.05 -33.80 15.32
C ARG C 108 7.65 -33.20 15.33
N SER C 109 6.88 -33.49 14.30
CA SER C 109 5.53 -32.95 14.15
C SER C 109 4.54 -34.09 13.89
N PHE C 110 3.42 -34.09 14.61
CA PHE C 110 2.40 -35.11 14.39
C PHE C 110 0.99 -34.66 14.82
N GLU C 111 0.01 -35.48 14.45
CA GLU C 111 -1.39 -35.25 14.75
C GLU C 111 -1.84 -36.23 15.81
N ILE C 112 -2.63 -35.77 16.76
CA ILE C 112 -3.26 -36.67 17.73
C ILE C 112 -4.76 -36.69 17.51
N LYS C 113 -5.33 -37.89 17.48
CA LYS C 113 -6.76 -38.05 17.26
C LYS C 113 -7.44 -38.83 18.39
N GLU C 114 -8.40 -38.17 19.03
CA GLU C 114 -9.35 -38.82 19.93
C GLU C 114 -10.45 -37.81 20.23
N ALA C 115 -11.31 -37.61 19.25
CA ALA C 115 -12.42 -36.69 19.34
C ALA C 115 -11.95 -35.35 19.91
N CYS C 116 -12.64 -34.84 20.92
CA CYS C 116 -12.32 -33.54 21.50
C CYS C 116 -11.23 -33.63 22.58
N TYR C 117 -10.58 -34.79 22.68
CA TYR C 117 -9.56 -35.01 23.72
C TYR C 117 -8.13 -34.85 23.20
N GLY C 118 -7.99 -34.80 21.88
CA GLY C 118 -6.68 -34.85 21.24
C GLY C 118 -5.66 -33.83 21.72
N ALA C 119 -6.08 -32.58 21.89
CA ALA C 119 -5.14 -31.53 22.28
C ALA C 119 -4.66 -31.73 23.71
N THR C 120 -5.55 -32.24 24.56
CA THR C 120 -5.20 -32.54 25.95
C THR C 120 -4.07 -33.57 26.01
N ALA C 121 -4.20 -34.64 25.24
CA ALA C 121 -3.15 -35.64 25.16
C ALA C 121 -1.84 -34.95 24.79
N GLY C 122 -1.90 -34.07 23.81
CA GLY C 122 -0.74 -33.31 23.39
C GLY C 122 -0.14 -32.47 24.50
N LEU C 123 -1.01 -31.86 25.31
CA LEU C 123 -0.56 -31.00 26.41
C LEU C 123 0.16 -31.82 27.47
N GLN C 124 -0.39 -32.97 27.81
CA GLN C 124 0.21 -33.81 28.85
C GLN C 124 1.52 -34.40 28.36
N LEU C 125 1.57 -34.79 27.10
CA LEU C 125 2.81 -35.30 26.51
C LEU C 125 3.84 -34.18 26.46
N ALA C 126 3.39 -32.98 26.14
CA ALA C 126 4.28 -31.83 26.05
C ALA C 126 4.95 -31.53 27.39
N LYS C 127 4.19 -31.59 28.48
CA LYS C 127 4.74 -31.26 29.79
C LYS C 127 5.85 -32.25 30.17
N ASN C 128 5.65 -33.52 29.84
CA ASN C 128 6.64 -34.55 30.13
C ASN C 128 7.93 -34.28 29.36
N HIS C 129 7.78 -33.98 28.08
CA HIS C 129 8.91 -33.70 27.21
C HIS C 129 9.76 -32.55 27.75
N VAL C 130 9.10 -31.49 28.18
CA VAL C 130 9.80 -30.30 28.66
C VAL C 130 10.46 -30.55 30.01
N ALA C 131 9.90 -31.48 30.79
CA ALA C 131 10.48 -31.84 32.07
C ALA C 131 11.87 -32.42 31.86
N LEU C 132 12.01 -33.26 30.84
CA LEU C 132 13.29 -33.91 30.55
C LEU C 132 14.18 -33.05 29.69
N HIS C 133 13.60 -32.05 29.04
CA HIS C 133 14.35 -31.12 28.19
C HIS C 133 13.89 -29.69 28.50
N PRO C 134 14.29 -29.15 29.66
CA PRO C 134 13.78 -27.86 30.13
C PRO C 134 14.17 -26.66 29.27
N ASP C 135 15.07 -26.84 28.30
CA ASP C 135 15.47 -25.75 27.42
C ASP C 135 14.63 -25.74 26.14
N LYS C 136 13.78 -26.75 25.98
CA LYS C 136 12.95 -26.88 24.80
C LYS C 136 11.51 -26.50 25.08
N LYS C 137 10.78 -26.15 24.03
CA LYS C 137 9.36 -25.83 24.15
C LYS C 137 8.54 -26.72 23.23
N VAL C 138 7.23 -26.74 23.45
CA VAL C 138 6.34 -27.53 22.61
C VAL C 138 5.13 -26.69 22.22
N LEU C 139 4.83 -26.68 20.93
CA LEU C 139 3.63 -26.03 20.44
C LEU C 139 2.50 -27.04 20.33
N VAL C 140 1.44 -26.83 21.08
CA VAL C 140 0.26 -27.68 20.98
C VAL C 140 -0.94 -26.86 20.50
N VAL C 141 -1.50 -27.23 19.36
CA VAL C 141 -2.63 -26.50 18.82
C VAL C 141 -3.85 -27.41 18.65
N ALA C 142 -4.95 -27.00 19.28
CA ALA C 142 -6.24 -27.62 19.05
C ALA C 142 -6.90 -26.91 17.88
N ALA C 143 -7.38 -27.67 16.91
CA ALA C 143 -8.05 -27.10 15.75
C ALA C 143 -9.17 -28.01 15.28
N ASP C 144 -10.32 -27.43 14.98
CA ASP C 144 -11.49 -28.21 14.57
C ASP C 144 -12.56 -27.38 13.90
N ILE C 145 -13.38 -28.05 13.11
CA ILE C 145 -14.56 -27.44 12.50
C ILE C 145 -15.76 -28.29 12.90
N ALA C 146 -16.64 -27.71 13.72
CA ALA C 146 -17.73 -28.47 14.31
C ALA C 146 -19.02 -28.23 13.53
N LYS C 147 -19.35 -29.17 12.65
CA LYS C 147 -20.56 -29.06 11.83
C LYS C 147 -21.40 -30.34 11.96
N TYR C 148 -22.68 -30.15 12.26
CA TYR C 148 -23.60 -31.28 12.39
C TYR C 148 -24.55 -31.35 11.19
N GLY C 149 -24.89 -30.18 10.64
CA GLY C 149 -25.74 -30.11 9.46
C GLY C 149 -26.89 -29.14 9.64
N LEU C 150 -27.41 -28.64 8.52
CA LEU C 150 -28.55 -27.74 8.55
C LEU C 150 -29.78 -28.51 9.05
N ASN C 151 -30.55 -27.87 9.93
CA ASN C 151 -31.75 -28.48 10.49
C ASN C 151 -31.49 -29.72 11.33
N SER C 152 -30.24 -29.93 11.71
CA SER C 152 -29.88 -31.03 12.60
C SER C 152 -30.10 -30.59 14.03
N GLY C 153 -30.12 -31.56 14.95
CA GLY C 153 -30.22 -31.26 16.36
C GLY C 153 -29.04 -30.46 16.86
N GLY C 154 -27.84 -30.86 16.47
CA GLY C 154 -26.62 -30.25 16.97
C GLY C 154 -26.23 -28.93 16.33
N GLU C 155 -27.00 -28.50 15.33
CA GLU C 155 -26.68 -27.29 14.58
C GLU C 155 -26.37 -26.09 15.48
N PRO C 156 -27.26 -25.80 16.44
CA PRO C 156 -27.05 -24.63 17.31
C PRO C 156 -25.79 -24.72 18.19
N THR C 157 -25.10 -25.86 18.19
CA THR C 157 -23.90 -26.02 18.99
C THR C 157 -22.63 -25.87 18.14
N GLN C 158 -22.81 -25.73 16.83
CA GLN C 158 -21.69 -25.69 15.90
C GLN C 158 -20.69 -24.59 16.22
N GLY C 159 -19.50 -24.72 15.64
CA GLY C 159 -18.43 -23.76 15.82
C GLY C 159 -17.23 -24.12 14.97
N ALA C 160 -16.19 -23.30 15.02
CA ALA C 160 -14.98 -23.52 14.23
C ALA C 160 -13.87 -22.59 14.71
N GLY C 161 -12.64 -23.10 14.74
CA GLY C 161 -11.50 -22.30 15.15
C GLY C 161 -10.38 -23.15 15.70
N ALA C 162 -9.45 -22.50 16.40
CA ALA C 162 -8.30 -23.18 16.97
C ALA C 162 -7.83 -22.48 18.25
N VAL C 163 -7.18 -23.25 19.11
CA VAL C 163 -6.53 -22.70 20.30
C VAL C 163 -5.08 -23.16 20.31
N ALA C 164 -4.16 -22.21 20.32
CA ALA C 164 -2.73 -22.51 20.34
C ALA C 164 -2.17 -22.36 21.75
N MET C 165 -1.36 -23.32 22.16
CA MET C 165 -0.73 -23.30 23.47
C MET C 165 0.77 -23.52 23.33
N LEU C 166 1.55 -22.71 24.03
CA LEU C 166 2.99 -22.90 24.09
C LEU C 166 3.33 -23.47 25.46
N VAL C 167 3.92 -24.66 25.46
CA VAL C 167 4.26 -25.36 26.69
C VAL C 167 5.75 -25.24 26.96
N SER C 168 6.10 -24.91 28.20
CA SER C 168 7.50 -24.68 28.56
C SER C 168 7.75 -24.83 30.06
N SER C 169 9.04 -24.85 30.40
CA SER C 169 9.46 -24.85 31.80
C SER C 169 9.37 -23.43 32.32
N GLU C 170 9.08 -23.29 33.61
CA GLU C 170 8.87 -21.97 34.21
C GLU C 170 7.91 -21.14 33.37
N PRO C 171 6.69 -21.66 33.18
CA PRO C 171 5.66 -21.02 32.36
C PRO C 171 5.10 -19.75 33.01
N ARG C 172 4.60 -18.84 32.19
CA ARG C 172 4.13 -17.55 32.66
C ARG C 172 2.66 -17.51 33.06
N ILE C 173 1.88 -18.51 32.63
CA ILE C 173 0.45 -18.48 32.90
C ILE C 173 -0.05 -19.54 33.89
N LEU C 174 0.12 -20.81 33.55
CA LEU C 174 -0.45 -21.89 34.37
C LEU C 174 0.52 -23.06 34.53
N ALA C 175 0.84 -23.39 35.77
CA ALA C 175 1.75 -24.49 36.08
C ALA C 175 0.95 -25.75 36.36
N LEU C 176 1.20 -26.80 35.57
CA LEU C 176 0.47 -28.04 35.68
C LEU C 176 0.98 -28.92 36.83
N LYS C 177 0.06 -29.57 37.53
CA LYS C 177 0.42 -30.46 38.64
C LYS C 177 0.50 -31.91 38.15
N GLU C 178 0.86 -32.82 39.04
CA GLU C 178 0.96 -34.24 38.73
C GLU C 178 -0.17 -35.02 39.39
N ASP C 179 -1.40 -34.58 39.15
CA ASP C 179 -2.57 -35.18 39.78
C ASP C 179 -3.51 -35.78 38.75
N ASN C 180 -3.02 -36.01 37.54
CA ASN C 180 -3.86 -36.44 36.44
C ASN C 180 -4.59 -37.75 36.76
N VAL C 181 -5.88 -37.80 36.41
CA VAL C 181 -6.63 -39.04 36.41
C VAL C 181 -7.31 -39.22 35.07
N MET C 182 -7.01 -40.34 34.42
CA MET C 182 -7.45 -40.60 33.05
C MET C 182 -8.50 -41.70 33.06
N LEU C 183 -9.33 -41.76 32.01
CA LEU C 183 -10.35 -42.81 31.90
C LEU C 183 -10.64 -43.14 30.44
N THR C 184 -10.78 -44.43 30.14
CA THR C 184 -11.15 -44.88 28.81
C THR C 184 -12.29 -45.88 28.85
N GLN C 185 -13.33 -45.60 28.06
CA GLN C 185 -14.43 -46.53 27.86
C GLN C 185 -14.71 -46.66 26.37
N ASP C 186 -15.24 -47.81 25.96
CA ASP C 186 -15.60 -48.01 24.56
C ASP C 186 -17.11 -47.77 24.40
N ILE C 187 -17.46 -46.52 24.10
CA ILE C 187 -18.86 -46.13 23.98
C ILE C 187 -19.07 -45.33 22.70
N TYR C 188 -20.09 -45.70 21.94
CA TYR C 188 -20.38 -45.04 20.67
C TYR C 188 -21.41 -43.94 20.84
N ASP C 189 -21.03 -42.89 21.56
CA ASP C 189 -21.89 -41.73 21.76
C ASP C 189 -21.80 -40.79 20.56
N PHE C 190 -20.60 -40.70 19.99
CA PHE C 190 -20.35 -39.81 18.87
C PHE C 190 -19.12 -40.32 18.12
N TRP C 191 -19.24 -40.40 16.80
CA TRP C 191 -18.14 -40.87 15.97
C TRP C 191 -18.35 -40.43 14.54
N ARG C 192 -17.30 -40.52 13.72
CA ARG C 192 -17.40 -40.13 12.32
C ARG C 192 -16.58 -41.06 11.42
N PRO C 193 -17.24 -42.08 10.85
CA PRO C 193 -16.55 -43.06 10.02
C PRO C 193 -15.82 -42.42 8.84
N THR C 194 -14.72 -43.03 8.43
CA THR C 194 -13.98 -42.58 7.26
C THR C 194 -14.95 -42.38 6.09
N GLY C 195 -14.90 -41.20 5.47
CA GLY C 195 -15.74 -40.92 4.32
C GLY C 195 -17.05 -40.23 4.65
N HIS C 196 -17.29 -39.97 5.93
CA HIS C 196 -18.47 -39.24 6.38
C HIS C 196 -18.11 -37.80 6.69
N PRO C 197 -18.57 -36.85 5.86
CA PRO C 197 -18.35 -35.43 6.14
C PRO C 197 -18.91 -35.00 7.49
N TYR C 198 -20.06 -35.57 7.86
CA TYR C 198 -20.74 -35.21 9.11
C TYR C 198 -20.74 -36.39 10.07
N PRO C 199 -20.74 -36.11 11.37
CA PRO C 199 -20.64 -37.17 12.39
C PRO C 199 -21.92 -37.93 12.62
N MET C 200 -21.78 -39.13 13.18
CA MET C 200 -22.90 -39.89 13.72
C MET C 200 -22.97 -39.57 15.21
N VAL C 201 -24.16 -39.28 15.72
CA VAL C 201 -24.28 -38.92 17.13
C VAL C 201 -25.54 -39.47 17.79
N ASP C 202 -25.35 -39.97 19.01
CA ASP C 202 -26.45 -40.41 19.85
C ASP C 202 -26.54 -39.44 21.03
N GLY C 203 -27.33 -38.39 20.85
CA GLY C 203 -27.41 -37.30 21.82
C GLY C 203 -27.54 -37.71 23.27
N PRO C 204 -28.58 -38.48 23.61
CA PRO C 204 -28.80 -38.85 25.01
C PRO C 204 -27.62 -39.62 25.60
N LEU C 205 -27.11 -40.59 24.85
CA LEU C 205 -25.96 -41.36 25.30
C LEU C 205 -24.76 -40.45 25.54
N SER C 206 -24.54 -39.52 24.62
CA SER C 206 -23.38 -38.63 24.72
C SER C 206 -23.44 -37.78 25.98
N ASN C 207 -24.61 -37.22 26.27
CA ASN C 207 -24.76 -36.39 27.46
C ASN C 207 -24.56 -37.18 28.74
N GLU C 208 -25.15 -38.36 28.82
CA GLU C 208 -25.00 -39.18 30.01
C GLU C 208 -23.56 -39.71 30.15
N THR C 209 -22.94 -40.06 29.03
CA THR C 209 -21.56 -40.53 29.05
C THR C 209 -20.64 -39.41 29.52
N TYR C 210 -20.91 -38.21 29.01
CA TYR C 210 -20.16 -37.02 29.38
C TYR C 210 -20.29 -36.74 30.87
N ILE C 211 -21.53 -36.67 31.36
CA ILE C 211 -21.78 -36.38 32.77
C ILE C 211 -21.14 -37.42 33.68
N GLN C 212 -21.33 -38.69 33.34
CA GLN C 212 -20.84 -39.78 34.17
C GLN C 212 -19.32 -39.91 34.10
N SER C 213 -18.74 -39.53 32.97
CA SER C 213 -17.29 -39.56 32.82
C SER C 213 -16.64 -38.59 33.79
N PHE C 214 -17.22 -37.41 33.95
CA PHE C 214 -16.70 -36.44 34.90
C PHE C 214 -16.84 -36.98 36.32
N ALA C 215 -17.99 -37.58 36.61
CA ALA C 215 -18.24 -38.10 37.94
C ALA C 215 -17.20 -39.16 38.30
N GLN C 216 -16.85 -40.00 37.32
CA GLN C 216 -15.93 -41.09 37.57
C GLN C 216 -14.49 -40.61 37.79
N VAL C 217 -13.98 -39.79 36.90
CA VAL C 217 -12.59 -39.32 37.03
C VAL C 217 -12.46 -38.38 38.23
N TRP C 218 -13.51 -37.64 38.54
CA TRP C 218 -13.49 -36.77 39.71
C TRP C 218 -13.42 -37.59 40.99
N ASP C 219 -14.30 -38.58 41.11
CA ASP C 219 -14.30 -39.42 42.30
C ASP C 219 -12.95 -40.09 42.50
N GLU C 220 -12.41 -40.67 41.43
CA GLU C 220 -11.11 -41.33 41.53
C GLU C 220 -10.04 -40.32 41.93
N HIS C 221 -10.08 -39.14 41.32
CA HIS C 221 -9.16 -38.07 41.67
C HIS C 221 -9.23 -37.77 43.16
N LYS C 222 -10.45 -37.61 43.65
CA LYS C 222 -10.69 -37.37 45.07
C LYS C 222 -10.11 -38.49 45.91
N LYS C 223 -10.33 -39.73 45.48
CA LYS C 223 -9.82 -40.89 46.21
C LYS C 223 -8.29 -40.85 46.33
N ARG C 224 -7.62 -40.46 45.25
CA ARG C 224 -6.17 -40.46 45.22
C ARG C 224 -5.56 -39.24 45.92
N THR C 225 -6.13 -38.07 45.69
CA THR C 225 -5.51 -36.83 46.14
C THR C 225 -6.11 -36.28 47.43
N GLY C 226 -7.33 -36.70 47.74
CA GLY C 226 -8.02 -36.20 48.93
C GLY C 226 -8.58 -34.81 48.72
N LEU C 227 -8.42 -34.28 47.51
CA LEU C 227 -8.91 -32.94 47.20
C LEU C 227 -10.40 -32.96 46.90
N ASP C 228 -11.07 -31.86 47.20
CA ASP C 228 -12.50 -31.73 46.89
C ASP C 228 -12.78 -30.33 46.32
N PHE C 229 -14.05 -30.02 46.14
CA PHE C 229 -14.44 -28.77 45.48
C PHE C 229 -13.95 -27.53 46.23
N ALA C 230 -13.86 -27.63 47.55
CA ALA C 230 -13.41 -26.50 48.36
C ALA C 230 -11.98 -26.10 48.02
N ASP C 231 -11.22 -27.03 47.46
CA ASP C 231 -9.80 -26.81 47.17
C ASP C 231 -9.56 -26.22 45.78
N TYR C 232 -10.64 -25.98 45.03
CA TYR C 232 -10.52 -25.42 43.70
C TYR C 232 -11.15 -24.04 43.61
N ASP C 233 -10.38 -23.07 43.11
CA ASP C 233 -10.89 -21.71 42.91
C ASP C 233 -11.79 -21.67 41.68
N ALA C 234 -11.58 -22.60 40.76
CA ALA C 234 -12.40 -22.67 39.56
C ALA C 234 -12.23 -24.01 38.86
N LEU C 235 -13.24 -24.38 38.06
CA LEU C 235 -13.17 -25.55 37.20
C LEU C 235 -13.49 -25.16 35.77
N ALA C 236 -12.60 -25.52 34.85
CA ALA C 236 -12.87 -25.33 33.42
C ALA C 236 -13.23 -26.67 32.81
N PHE C 237 -14.21 -26.66 31.90
CA PHE C 237 -14.74 -27.89 31.33
C PHE C 237 -14.68 -27.89 29.81
N HIS C 238 -14.42 -29.05 29.23
CA HIS C 238 -14.81 -29.27 27.86
C HIS C 238 -16.31 -29.36 27.89
N ILE C 239 -16.95 -28.77 26.89
CA ILE C 239 -18.40 -28.82 26.78
C ILE C 239 -18.86 -29.03 25.35
N PRO C 240 -19.92 -29.83 25.16
CA PRO C 240 -20.60 -29.95 23.87
C PRO C 240 -21.41 -28.68 23.60
N TYR C 241 -21.89 -28.08 24.68
CA TYR C 241 -22.57 -26.79 24.66
C TYR C 241 -22.76 -26.37 26.11
N THR C 242 -22.89 -25.07 26.34
CA THR C 242 -22.74 -24.51 27.69
C THR C 242 -23.63 -25.16 28.75
N LYS C 243 -24.91 -25.38 28.43
CA LYS C 243 -25.84 -25.96 29.40
C LYS C 243 -25.33 -27.29 29.94
N MET C 244 -24.77 -28.12 29.07
CA MET C 244 -24.32 -29.45 29.45
C MET C 244 -23.19 -29.41 30.46
N GLY C 245 -22.27 -28.46 30.29
CA GLY C 245 -21.17 -28.30 31.23
C GLY C 245 -21.69 -28.04 32.63
N LYS C 246 -22.61 -27.09 32.75
CA LYS C 246 -23.22 -26.77 34.03
C LYS C 246 -23.90 -28.00 34.61
N LYS C 247 -24.59 -28.75 33.75
CA LYS C 247 -25.33 -29.92 34.18
C LYS C 247 -24.41 -30.99 34.77
N ALA C 248 -23.32 -31.29 34.06
CA ALA C 248 -22.35 -32.27 34.54
C ALA C 248 -21.79 -31.82 35.88
N LEU C 249 -21.43 -30.54 35.95
CA LEU C 249 -20.85 -29.95 37.15
C LEU C 249 -21.81 -30.07 38.34
N LEU C 250 -23.06 -29.66 38.13
CA LEU C 250 -24.07 -29.71 39.19
C LEU C 250 -24.30 -31.12 39.71
N ALA C 251 -24.30 -32.10 38.81
CA ALA C 251 -24.56 -33.48 39.19
C ALA C 251 -23.59 -33.98 40.25
N LYS C 252 -22.37 -33.45 40.24
CA LYS C 252 -21.32 -33.90 41.14
C LYS C 252 -21.14 -32.95 42.31
N ILE C 253 -21.04 -31.66 42.01
CA ILE C 253 -20.82 -30.64 43.04
C ILE C 253 -22.03 -30.49 43.93
N SER C 254 -23.14 -31.10 43.52
CA SER C 254 -24.37 -31.05 44.28
C SER C 254 -24.11 -31.27 45.78
N ASP C 255 -23.31 -32.28 46.09
CA ASP C 255 -23.09 -32.71 47.47
C ASP C 255 -22.60 -31.58 48.40
N GLN C 256 -22.02 -30.53 47.82
CA GLN C 256 -21.31 -29.52 48.60
C GLN C 256 -22.20 -28.40 49.14
N THR C 257 -21.57 -27.44 49.82
CA THR C 257 -22.28 -26.32 50.42
C THR C 257 -22.76 -25.32 49.37
N GLU C 258 -23.53 -24.33 49.85
CA GLU C 258 -24.02 -23.25 48.99
C GLU C 258 -22.87 -22.35 48.56
N ALA C 259 -21.92 -22.13 49.46
CA ALA C 259 -20.77 -21.28 49.17
C ALA C 259 -19.93 -21.85 48.03
N GLU C 260 -19.44 -23.07 48.23
CA GLU C 260 -18.55 -23.69 47.25
C GLU C 260 -19.25 -23.88 45.91
N GLN C 261 -20.51 -24.30 45.94
CA GLN C 261 -21.24 -24.53 44.68
C GLN C 261 -21.42 -23.24 43.89
N GLU C 262 -21.86 -22.18 44.57
CA GLU C 262 -22.06 -20.90 43.92
C GLU C 262 -20.75 -20.36 43.36
N ARG C 263 -19.66 -20.58 44.09
CA ARG C 263 -18.36 -20.05 43.68
C ARG C 263 -17.91 -20.71 42.38
N ILE C 264 -18.03 -22.04 42.32
CA ILE C 264 -17.60 -22.79 41.15
C ILE C 264 -18.51 -22.47 39.96
N LEU C 265 -19.81 -22.31 40.24
CA LEU C 265 -20.77 -21.98 39.18
C LEU C 265 -20.49 -20.60 38.58
N ALA C 266 -20.13 -19.65 39.44
CA ALA C 266 -19.85 -18.30 39.01
C ALA C 266 -18.64 -18.29 38.08
N ARG C 267 -17.63 -19.08 38.43
CA ARG C 267 -16.43 -19.17 37.60
C ARG C 267 -16.76 -19.85 36.29
N TYR C 268 -17.69 -20.81 36.34
CA TYR C 268 -18.09 -21.53 35.13
C TYR C 268 -18.71 -20.56 34.13
N GLU C 269 -19.58 -19.68 34.61
CA GLU C 269 -20.20 -18.66 33.77
C GLU C 269 -19.13 -17.82 33.09
N GLU C 270 -18.07 -17.50 33.83
CA GLU C 270 -16.97 -16.72 33.28
C GLU C 270 -16.21 -17.52 32.20
N SER C 271 -16.14 -18.83 32.38
CA SER C 271 -15.41 -19.68 31.44
C SER C 271 -16.13 -19.82 30.10
N ILE C 272 -17.44 -19.59 30.08
CA ILE C 272 -18.22 -19.82 28.86
C ILE C 272 -18.63 -18.54 28.14
N ILE C 273 -18.05 -17.41 28.54
CA ILE C 273 -18.36 -16.14 27.90
C ILE C 273 -17.94 -16.14 26.42
N TYR C 274 -16.73 -16.59 26.14
CA TYR C 274 -16.26 -16.68 24.77
C TYR C 274 -16.98 -17.79 24.01
N SER C 275 -17.18 -18.93 24.67
CA SER C 275 -17.86 -20.05 24.04
C SER C 275 -19.24 -19.64 23.51
N ARG C 276 -19.90 -18.74 24.23
CA ARG C 276 -21.23 -18.28 23.86
C ARG C 276 -21.23 -17.50 22.54
N ARG C 277 -20.08 -16.95 22.19
CA ARG C 277 -19.96 -16.14 20.99
C ARG C 277 -19.26 -16.89 19.85
N VAL C 278 -18.96 -18.17 20.07
CA VAL C 278 -18.15 -18.93 19.13
C VAL C 278 -18.74 -20.29 18.81
N GLY C 279 -19.09 -21.04 19.85
CA GLY C 279 -19.64 -22.37 19.69
C GLY C 279 -18.64 -23.44 20.12
N ASN C 280 -18.86 -24.67 19.66
CA ASN C 280 -18.02 -25.81 20.03
C ASN C 280 -16.78 -25.88 19.15
N LEU C 281 -15.60 -25.87 19.78
CA LEU C 281 -14.34 -25.99 19.05
C LEU C 281 -13.79 -27.41 19.15
N TYR C 282 -14.65 -28.35 19.57
CA TYR C 282 -14.22 -29.72 19.82
C TYR C 282 -12.98 -29.76 20.71
N THR C 283 -11.82 -30.05 20.13
CA THR C 283 -10.59 -30.16 20.91
C THR C 283 -10.25 -28.86 21.63
N GLY C 284 -10.67 -27.73 21.07
CA GLY C 284 -10.31 -26.44 21.61
C GLY C 284 -11.29 -25.90 22.64
N SER C 285 -12.34 -26.65 22.92
CA SER C 285 -13.42 -26.17 23.79
C SER C 285 -12.99 -25.92 25.23
N LEU C 286 -12.30 -26.90 25.81
CA LEU C 286 -11.82 -26.78 27.18
C LEU C 286 -10.89 -25.59 27.29
N TYR C 287 -9.99 -25.46 26.31
CA TYR C 287 -8.93 -24.47 26.39
C TYR C 287 -9.41 -23.07 26.03
N LEU C 288 -10.44 -22.99 25.20
CA LEU C 288 -11.11 -21.72 24.99
C LEU C 288 -11.70 -21.28 26.33
N GLY C 289 -12.29 -22.24 27.04
CA GLY C 289 -12.88 -21.97 28.34
C GLY C 289 -11.87 -21.45 29.33
N LEU C 290 -10.67 -22.03 29.32
CA LEU C 290 -9.58 -21.59 30.19
C LEU C 290 -9.21 -20.14 29.88
N ILE C 291 -9.05 -19.82 28.60
CA ILE C 291 -8.74 -18.46 28.18
C ILE C 291 -9.85 -17.52 28.64
N SER C 292 -11.09 -17.91 28.37
CA SER C 292 -12.24 -17.11 28.73
C SER C 292 -12.24 -16.83 30.23
N LEU C 293 -12.01 -17.89 31.01
CA LEU C 293 -11.98 -17.80 32.46
C LEU C 293 -10.98 -16.76 32.92
N LEU C 294 -9.75 -16.87 32.45
CA LEU C 294 -8.67 -15.98 32.88
C LEU C 294 -8.88 -14.55 32.42
N GLU C 295 -9.47 -14.38 31.24
CA GLU C 295 -9.59 -13.06 30.65
C GLU C 295 -10.88 -12.34 31.06
N ASN C 296 -11.86 -13.09 31.55
CA ASN C 296 -13.12 -12.49 32.00
C ASN C 296 -13.25 -12.41 33.51
N ALA C 297 -12.57 -13.30 34.22
CA ALA C 297 -12.59 -13.25 35.67
C ALA C 297 -11.89 -11.99 36.15
N THR C 298 -12.34 -11.48 37.28
CA THR C 298 -11.72 -10.31 37.89
C THR C 298 -11.18 -10.64 39.28
N THR C 299 -11.61 -11.76 39.86
CA THR C 299 -11.29 -12.09 41.24
C THR C 299 -10.26 -13.21 41.37
N LEU C 300 -9.85 -13.79 40.26
CA LEU C 300 -8.80 -14.80 40.29
C LEU C 300 -7.45 -14.11 40.51
N THR C 301 -6.53 -14.82 41.16
CA THR C 301 -5.19 -14.31 41.40
C THR C 301 -4.16 -15.45 41.33
N ALA C 302 -2.90 -15.07 41.15
CA ALA C 302 -1.81 -16.03 41.20
C ALA C 302 -1.94 -16.89 42.45
N GLY C 303 -1.66 -18.17 42.33
CA GLY C 303 -1.77 -19.08 43.46
C GLY C 303 -3.05 -19.91 43.44
N ASN C 304 -4.09 -19.39 42.78
CA ASN C 304 -5.36 -20.11 42.70
C ASN C 304 -5.17 -21.43 41.96
N GLN C 305 -5.94 -22.45 42.37
CA GLN C 305 -5.87 -23.76 41.75
C GLN C 305 -7.02 -23.93 40.78
N ILE C 306 -6.70 -24.26 39.54
CA ILE C 306 -7.69 -24.43 38.49
C ILE C 306 -7.81 -25.89 38.11
N GLY C 307 -9.02 -26.43 38.18
CA GLY C 307 -9.28 -27.78 37.72
C GLY C 307 -9.70 -27.77 36.27
N LEU C 308 -9.24 -28.75 35.51
CA LEU C 308 -9.62 -28.86 34.11
C LEU C 308 -10.13 -30.26 33.82
N PHE C 309 -11.29 -30.34 33.19
CA PHE C 309 -11.89 -31.61 32.80
C PHE C 309 -11.95 -31.71 31.28
N SER C 310 -11.25 -32.69 30.73
CA SER C 310 -11.22 -32.90 29.30
C SER C 310 -12.03 -34.13 28.93
N TYR C 311 -12.72 -34.04 27.81
CA TYR C 311 -13.54 -35.14 27.32
C TYR C 311 -13.33 -35.34 25.83
N GLY C 312 -13.38 -36.60 25.42
CA GLY C 312 -13.41 -36.97 24.03
C GLY C 312 -14.43 -38.11 23.88
N SER C 313 -15.37 -37.98 22.95
CA SER C 313 -16.33 -39.06 22.71
C SER C 313 -15.57 -40.29 22.24
N GLY C 314 -16.10 -41.47 22.53
CA GLY C 314 -15.39 -42.68 22.16
C GLY C 314 -15.35 -43.79 23.21
N ALA C 315 -15.10 -43.47 24.48
CA ALA C 315 -14.89 -42.13 24.98
C ALA C 315 -13.74 -42.09 26.01
N VAL C 316 -13.00 -41.00 26.01
CA VAL C 316 -11.89 -40.81 26.93
C VAL C 316 -12.07 -39.52 27.73
N ALA C 317 -11.58 -39.50 28.97
CA ALA C 317 -11.68 -38.31 29.79
C ALA C 317 -10.45 -38.17 30.69
N GLU C 318 -10.19 -36.95 31.14
CA GLU C 318 -9.09 -36.70 32.04
C GLU C 318 -9.36 -35.47 32.89
N PHE C 319 -9.04 -35.58 34.18
CA PHE C 319 -9.09 -34.43 35.07
C PHE C 319 -7.69 -34.13 35.57
N PHE C 320 -7.29 -32.87 35.51
CA PHE C 320 -5.97 -32.46 35.96
C PHE C 320 -5.99 -31.01 36.45
N THR C 321 -4.95 -30.63 37.19
CA THR C 321 -4.94 -29.34 37.86
C THR C 321 -3.80 -28.45 37.39
N GLY C 322 -4.00 -27.14 37.47
CA GLY C 322 -2.95 -26.19 37.21
C GLY C 322 -2.99 -25.06 38.22
N GLU C 323 -1.87 -24.39 38.41
CA GLU C 323 -1.82 -23.26 39.33
C GLU C 323 -1.43 -21.99 38.57
N LEU C 324 -2.16 -20.90 38.82
CA LEU C 324 -1.89 -19.63 38.16
C LEU C 324 -0.58 -19.03 38.63
N VAL C 325 0.26 -18.65 37.67
CA VAL C 325 1.60 -18.16 37.96
C VAL C 325 1.61 -16.67 38.27
N ALA C 326 2.52 -16.26 39.15
CA ALA C 326 2.67 -14.84 39.46
C ALA C 326 2.90 -14.03 38.19
N GLY C 327 2.04 -13.04 37.97
CA GLY C 327 2.19 -12.13 36.85
C GLY C 327 1.48 -12.59 35.58
N TYR C 328 0.66 -13.63 35.70
CA TYR C 328 0.01 -14.22 34.54
C TYR C 328 -0.91 -13.23 33.82
N GLN C 329 -1.45 -12.27 34.55
CA GLN C 329 -2.39 -11.30 33.99
C GLN C 329 -1.74 -10.39 32.95
N ASN C 330 -0.40 -10.35 32.92
CA ASN C 330 0.32 -9.54 31.95
C ASN C 330 0.67 -10.33 30.70
N HIS C 331 0.19 -11.57 30.62
CA HIS C 331 0.53 -12.43 29.49
C HIS C 331 -0.72 -13.05 28.88
N LEU C 332 -1.82 -12.31 28.93
CA LEU C 332 -3.06 -12.73 28.29
C LEU C 332 -3.28 -11.89 27.04
N GLN C 333 -4.34 -12.16 26.30
CA GLN C 333 -4.60 -11.45 25.05
C GLN C 333 -6.05 -11.00 24.95
N LYS C 334 -6.54 -10.40 26.03
CA LYS C 334 -7.93 -9.99 26.11
C LYS C 334 -8.29 -9.00 25.01
N GLU C 335 -7.56 -7.88 24.95
CA GLU C 335 -7.81 -6.85 23.95
C GLU C 335 -7.85 -7.46 22.55
N THR C 336 -6.89 -8.32 22.27
CA THR C 336 -6.77 -8.93 20.94
C THR C 336 -7.96 -9.84 20.64
N HIS C 337 -8.31 -10.69 21.60
CA HIS C 337 -9.42 -11.63 21.42
C HIS C 337 -10.76 -10.92 21.24
N LEU C 338 -11.00 -9.89 22.05
CA LEU C 338 -12.25 -9.12 21.94
C LEU C 338 -12.40 -8.47 20.58
N ALA C 339 -11.31 -7.88 20.08
CA ALA C 339 -11.32 -7.29 18.74
C ALA C 339 -11.58 -8.37 17.69
N LEU C 340 -10.92 -9.52 17.85
CA LEU C 340 -11.13 -10.63 16.93
C LEU C 340 -12.61 -11.00 16.84
N LEU C 341 -13.27 -11.09 17.99
CA LEU C 341 -14.70 -11.42 18.03
C LEU C 341 -15.57 -10.27 17.53
N ASP C 342 -15.26 -9.05 17.98
CA ASP C 342 -16.08 -7.89 17.66
C ASP C 342 -16.03 -7.51 16.18
N ASN C 343 -14.90 -7.80 15.55
CA ASN C 343 -14.70 -7.38 14.16
C ASN C 343 -15.20 -8.37 13.13
N ARG C 344 -15.86 -9.43 13.58
CA ARG C 344 -16.39 -10.42 12.66
C ARG C 344 -17.59 -9.85 11.91
N THR C 345 -17.87 -10.41 10.75
CA THR C 345 -19.03 -9.99 9.96
C THR C 345 -20.22 -10.90 10.24
N GLU C 346 -21.34 -10.30 10.64
CA GLU C 346 -22.55 -11.09 10.86
C GLU C 346 -23.14 -11.50 9.54
N LEU C 347 -23.41 -12.80 9.39
CA LEU C 347 -24.04 -13.32 8.18
C LEU C 347 -25.53 -13.47 8.41
N SER C 348 -26.30 -13.19 7.37
CA SER C 348 -27.71 -13.54 7.38
C SER C 348 -27.78 -15.05 7.33
N ILE C 349 -28.89 -15.61 7.78
CA ILE C 349 -29.01 -17.06 7.80
C ILE C 349 -28.93 -17.64 6.39
N ALA C 350 -29.39 -16.87 5.41
CA ALA C 350 -29.34 -17.33 4.02
C ALA C 350 -27.89 -17.40 3.55
N GLU C 351 -27.10 -16.39 3.91
CA GLU C 351 -25.68 -16.35 3.54
C GLU C 351 -24.94 -17.50 4.22
N TYR C 352 -25.34 -17.81 5.44
CA TYR C 352 -24.73 -18.88 6.23
C TYR C 352 -25.02 -20.24 5.61
N GLU C 353 -26.26 -20.46 5.20
CA GLU C 353 -26.66 -21.74 4.64
C GLU C 353 -25.96 -21.99 3.30
N ALA C 354 -25.74 -20.93 2.55
CA ALA C 354 -25.03 -21.03 1.28
C ALA C 354 -23.57 -21.39 1.50
N MET C 355 -22.92 -20.64 2.39
CA MET C 355 -21.53 -20.88 2.72
C MET C 355 -21.35 -22.29 3.29
N PHE C 356 -22.29 -22.69 4.13
CA PHE C 356 -22.26 -23.98 4.82
C PHE C 356 -22.43 -25.16 3.87
N ALA C 357 -23.26 -24.98 2.85
CA ALA C 357 -23.61 -26.06 1.94
C ALA C 357 -22.52 -26.32 0.90
N GLU C 358 -21.68 -25.32 0.67
CA GLU C 358 -20.60 -25.43 -0.31
C GLU C 358 -19.58 -26.50 0.13
N THR C 359 -19.00 -27.21 -0.84
CA THR C 359 -18.03 -28.26 -0.54
C THR C 359 -16.77 -28.13 -1.38
N LEU C 360 -15.62 -28.27 -0.71
CA LEU C 360 -14.33 -28.25 -1.39
C LEU C 360 -14.09 -29.61 -2.06
N ASP C 361 -13.90 -29.59 -3.38
CA ASP C 361 -13.65 -30.81 -4.14
C ASP C 361 -12.17 -30.93 -4.50
N THR C 362 -11.41 -31.65 -3.70
CA THR C 362 -9.97 -31.70 -3.87
C THR C 362 -9.54 -32.50 -5.10
N ASP C 363 -10.48 -33.19 -5.74
CA ASP C 363 -10.20 -33.92 -6.97
C ASP C 363 -9.89 -32.97 -8.13
N ILE C 364 -10.41 -31.75 -8.04
CA ILE C 364 -10.31 -30.80 -9.14
C ILE C 364 -9.28 -29.70 -8.84
N ASP C 365 -8.34 -29.50 -9.77
CA ASP C 365 -7.40 -28.39 -9.66
C ASP C 365 -8.18 -27.09 -9.73
N GLN C 366 -7.93 -26.19 -8.80
CA GLN C 366 -8.71 -24.96 -8.70
C GLN C 366 -7.98 -23.88 -7.94
N THR C 367 -8.49 -22.66 -8.07
CA THR C 367 -7.99 -21.54 -7.27
C THR C 367 -9.10 -21.07 -6.36
N LEU C 368 -8.73 -20.54 -5.20
CA LEU C 368 -9.69 -20.02 -4.25
C LEU C 368 -9.29 -18.62 -3.82
N GLU C 369 -10.27 -17.73 -3.72
CA GLU C 369 -10.02 -16.36 -3.34
C GLU C 369 -10.57 -16.09 -1.94
N ASP C 370 -9.69 -15.57 -1.08
CA ASP C 370 -10.03 -15.31 0.31
C ASP C 370 -8.95 -14.37 0.85
N GLU C 371 -9.39 -13.35 1.57
CA GLU C 371 -8.47 -12.31 2.02
C GLU C 371 -7.78 -12.69 3.33
N LEU C 372 -8.31 -13.70 4.00
CA LEU C 372 -7.74 -14.15 5.26
C LEU C 372 -6.38 -14.81 5.06
N LYS C 373 -5.41 -14.41 5.88
CA LYS C 373 -4.09 -15.00 5.85
C LYS C 373 -4.17 -16.50 6.15
N TYR C 374 -3.35 -17.29 5.46
CA TYR C 374 -3.28 -18.74 5.68
C TYR C 374 -4.55 -19.45 5.23
N SER C 375 -5.35 -18.78 4.42
CA SER C 375 -6.47 -19.43 3.74
C SER C 375 -5.94 -20.20 2.54
N ILE C 376 -6.70 -21.19 2.09
CA ILE C 376 -6.33 -21.98 0.92
C ILE C 376 -6.37 -21.10 -0.33
N SER C 377 -5.28 -21.11 -1.09
CA SER C 377 -5.21 -20.29 -2.29
C SER C 377 -5.39 -21.13 -3.55
N ALA C 378 -5.10 -22.43 -3.46
CA ALA C 378 -5.18 -23.29 -4.62
C ALA C 378 -5.18 -24.78 -4.26
N ILE C 379 -5.76 -25.58 -5.15
CA ILE C 379 -5.63 -27.03 -5.09
C ILE C 379 -4.95 -27.49 -6.37
N ASN C 380 -3.88 -28.27 -6.22
CA ASN C 380 -3.17 -28.85 -7.35
C ASN C 380 -2.85 -30.32 -7.07
N ASN C 381 -3.43 -31.22 -7.86
CA ASN C 381 -3.22 -32.65 -7.66
C ASN C 381 -3.57 -33.03 -6.23
N THR C 382 -4.69 -32.48 -5.75
CA THR C 382 -5.23 -32.71 -4.41
C THR C 382 -4.44 -31.98 -3.32
N VAL C 383 -3.33 -31.36 -3.69
CA VAL C 383 -2.47 -30.69 -2.72
C VAL C 383 -2.94 -29.26 -2.47
N ARG C 384 -3.09 -28.90 -1.20
CA ARG C 384 -3.53 -27.57 -0.82
C ARG C 384 -2.35 -26.62 -0.69
N SER C 385 -2.48 -25.44 -1.29
CA SER C 385 -1.49 -24.38 -1.12
C SER C 385 -2.12 -23.30 -0.25
N TYR C 386 -1.33 -22.71 0.63
CA TYR C 386 -1.86 -21.70 1.55
C TYR C 386 -1.31 -20.30 1.31
N ARG C 387 -2.22 -19.34 1.41
CA ARG C 387 -1.93 -17.93 1.23
C ARG C 387 -1.21 -17.38 2.47
N ASN C 388 -0.07 -16.74 2.27
CA ASN C 388 0.60 -16.07 3.38
C ASN C 388 0.58 -14.55 3.25
N THR D 3 34.01 -29.33 3.88
CA THR D 3 34.84 -28.09 3.77
C THR D 3 36.25 -28.44 3.33
N GLY D 4 36.80 -27.65 2.41
CA GLY D 4 38.16 -27.83 1.96
C GLY D 4 38.28 -28.55 0.63
N SER D 5 37.17 -29.13 0.15
CA SER D 5 37.17 -29.80 -1.14
C SER D 5 37.38 -28.82 -2.28
N MET D 6 37.97 -29.31 -3.38
CA MET D 6 38.26 -28.46 -4.52
C MET D 6 36.98 -27.92 -5.14
N THR D 7 36.99 -26.64 -5.50
CA THR D 7 35.86 -26.06 -6.22
C THR D 7 36.28 -25.73 -7.63
N ILE D 8 35.38 -25.94 -8.57
CA ILE D 8 35.66 -25.74 -9.99
C ILE D 8 34.44 -25.08 -10.63
N GLY D 9 34.67 -24.14 -11.53
CA GLY D 9 33.55 -23.47 -12.17
C GLY D 9 33.93 -22.21 -12.92
N ILE D 10 32.96 -21.31 -13.03
CA ILE D 10 33.16 -20.09 -13.80
C ILE D 10 33.88 -19.04 -12.98
N ASP D 11 35.09 -18.70 -13.42
CA ASP D 11 35.91 -17.71 -12.75
C ASP D 11 35.60 -16.31 -13.26
N LYS D 12 35.42 -16.21 -14.57
CA LYS D 12 35.09 -14.94 -15.20
C LYS D 12 34.17 -15.19 -16.39
N ILE D 13 33.33 -14.21 -16.70
CA ILE D 13 32.35 -14.37 -17.76
C ILE D 13 31.91 -13.01 -18.28
N SER D 14 31.88 -12.87 -19.61
CA SER D 14 31.44 -11.62 -20.23
C SER D 14 30.82 -11.94 -21.58
N PHE D 15 30.02 -11.00 -22.11
CA PHE D 15 29.43 -11.19 -23.43
C PHE D 15 29.78 -10.02 -24.35
N PHE D 16 29.69 -10.27 -25.66
CA PHE D 16 29.87 -9.22 -26.65
C PHE D 16 28.79 -9.31 -27.72
N VAL D 17 28.28 -8.15 -28.13
CA VAL D 17 27.31 -8.07 -29.21
C VAL D 17 27.78 -7.01 -30.20
N PRO D 18 27.36 -7.13 -31.46
CA PRO D 18 27.77 -6.15 -32.47
C PRO D 18 27.30 -4.73 -32.11
N PRO D 19 27.91 -3.72 -32.74
CA PRO D 19 27.63 -2.32 -32.41
C PRO D 19 26.37 -1.75 -33.10
N TYR D 20 25.43 -2.62 -33.47
CA TYR D 20 24.19 -2.15 -34.06
C TYR D 20 22.98 -2.87 -33.49
N TYR D 21 21.83 -2.21 -33.58
CA TYR D 21 20.56 -2.82 -33.20
C TYR D 21 19.42 -2.11 -33.92
N ILE D 22 18.27 -2.78 -33.96
CA ILE D 22 17.05 -2.14 -34.42
C ILE D 22 15.97 -2.29 -33.36
N ASP D 23 15.19 -1.25 -33.16
CA ASP D 23 14.12 -1.24 -32.17
C ASP D 23 12.94 -2.07 -32.67
N MET D 24 12.33 -2.80 -31.76
CA MET D 24 11.26 -3.70 -32.12
C MET D 24 9.97 -2.97 -32.48
N THR D 25 9.79 -1.75 -31.98
CA THR D 25 8.65 -0.93 -32.41
C THR D 25 8.81 -0.59 -33.88
N ALA D 26 10.01 -0.14 -34.24
CA ALA D 26 10.31 0.22 -35.62
C ALA D 26 10.07 -0.96 -36.54
N LEU D 27 10.53 -2.14 -36.12
CA LEU D 27 10.33 -3.35 -36.92
C LEU D 27 8.84 -3.67 -37.00
N ALA D 28 8.17 -3.62 -35.85
CA ALA D 28 6.74 -3.89 -35.78
C ALA D 28 5.98 -3.01 -36.77
N GLU D 29 6.35 -1.74 -36.83
CA GLU D 29 5.66 -0.78 -37.69
C GLU D 29 5.95 -1.05 -39.16
N ALA D 30 7.17 -1.49 -39.47
CA ALA D 30 7.55 -1.79 -40.83
C ALA D 30 6.92 -3.10 -41.30
N ARG D 31 6.64 -3.99 -40.35
CA ARG D 31 5.99 -5.25 -40.65
C ARG D 31 4.48 -5.12 -40.48
N ASN D 32 4.02 -3.89 -40.31
CA ASN D 32 2.61 -3.62 -40.02
C ASN D 32 2.06 -4.63 -39.01
N VAL D 33 2.67 -4.65 -37.84
CA VAL D 33 2.24 -5.52 -36.76
C VAL D 33 2.21 -4.72 -35.46
N ASP D 34 1.32 -5.09 -34.55
CA ASP D 34 1.20 -4.41 -33.26
C ASP D 34 2.50 -4.52 -32.49
N PRO D 35 3.12 -3.37 -32.16
CA PRO D 35 4.39 -3.38 -31.41
C PRO D 35 4.34 -4.25 -30.16
N GLY D 36 3.14 -4.46 -29.63
CA GLY D 36 2.95 -5.27 -28.45
C GLY D 36 3.21 -6.74 -28.69
N LYS D 37 2.90 -7.22 -29.89
CA LYS D 37 3.09 -8.62 -30.21
C LYS D 37 4.58 -8.99 -30.14
N PHE D 38 5.45 -8.01 -30.34
CA PHE D 38 6.88 -8.24 -30.26
C PHE D 38 7.43 -7.97 -28.86
N HIS D 39 6.96 -6.91 -28.20
CA HIS D 39 7.48 -6.56 -26.88
C HIS D 39 6.96 -7.47 -25.80
N ILE D 40 5.71 -7.90 -25.94
CA ILE D 40 5.05 -8.68 -24.90
C ILE D 40 4.83 -10.10 -25.38
N GLY D 41 4.30 -10.24 -26.60
CA GLY D 41 4.01 -11.53 -27.17
C GLY D 41 5.24 -12.39 -27.36
N ILE D 42 6.29 -11.78 -27.92
CA ILE D 42 7.58 -12.46 -28.09
C ILE D 42 8.49 -12.14 -26.92
N GLY D 43 8.46 -10.88 -26.46
CA GLY D 43 9.23 -10.46 -25.30
C GLY D 43 10.62 -9.95 -25.62
N GLN D 44 10.74 -9.26 -26.76
CA GLN D 44 12.03 -8.71 -27.18
C GLN D 44 11.89 -7.22 -27.49
N ASP D 45 12.92 -6.46 -27.17
CA ASP D 45 12.87 -5.00 -27.32
C ASP D 45 13.88 -4.46 -28.33
N GLN D 46 15.10 -5.00 -28.31
CA GLN D 46 16.15 -4.57 -29.22
C GLN D 46 16.89 -5.76 -29.81
N MET D 47 16.99 -5.77 -31.14
CA MET D 47 17.60 -6.87 -31.86
C MET D 47 19.04 -6.54 -32.26
N ALA D 48 19.97 -7.41 -31.87
CA ALA D 48 21.37 -7.25 -32.25
C ALA D 48 21.53 -7.57 -33.73
N VAL D 49 22.20 -6.67 -34.46
CA VAL D 49 22.38 -6.84 -35.89
C VAL D 49 23.85 -6.66 -36.23
N ASN D 50 24.36 -7.51 -37.12
CA ASN D 50 25.76 -7.45 -37.52
C ASN D 50 25.93 -7.49 -39.02
N PRO D 51 26.93 -6.75 -39.54
CA PRO D 51 27.25 -6.79 -40.97
C PRO D 51 28.10 -8.01 -41.32
N ILE D 52 28.24 -8.30 -42.61
CA ILE D 52 28.96 -9.49 -43.06
C ILE D 52 30.45 -9.48 -42.70
N SER D 53 30.95 -8.35 -42.21
CA SER D 53 32.34 -8.24 -41.82
C SER D 53 32.59 -8.75 -40.40
N GLN D 54 31.54 -9.21 -39.74
CA GLN D 54 31.66 -9.72 -38.37
C GLN D 54 31.10 -11.14 -38.29
N ASP D 55 31.94 -12.09 -37.86
CA ASP D 55 31.53 -13.48 -37.75
C ASP D 55 31.75 -14.00 -36.33
N ILE D 56 31.61 -15.31 -36.13
CA ILE D 56 31.72 -15.86 -34.78
C ILE D 56 33.11 -15.67 -34.17
N VAL D 57 34.14 -15.55 -35.01
CA VAL D 57 35.47 -15.28 -34.51
C VAL D 57 35.56 -13.86 -33.96
N THR D 58 34.97 -12.91 -34.69
CA THR D 58 34.92 -11.52 -34.26
C THR D 58 34.30 -11.42 -32.87
N PHE D 59 33.17 -12.09 -32.69
CA PHE D 59 32.43 -12.00 -31.44
C PHE D 59 33.18 -12.71 -30.32
N ALA D 60 33.64 -13.93 -30.60
CA ALA D 60 34.34 -14.74 -29.61
C ALA D 60 35.62 -14.04 -29.13
N ALA D 61 36.35 -13.44 -30.07
CA ALA D 61 37.60 -12.76 -29.75
C ALA D 61 37.35 -11.55 -28.85
N ASN D 62 36.34 -10.76 -29.19
CA ASN D 62 36.03 -9.58 -28.39
C ASN D 62 35.51 -9.96 -27.00
N ALA D 63 34.71 -11.02 -26.93
CA ALA D 63 34.20 -11.48 -25.64
C ALA D 63 35.34 -11.97 -24.75
N ALA D 64 36.24 -12.77 -25.33
CA ALA D 64 37.32 -13.35 -24.55
C ALA D 64 38.33 -12.30 -24.10
N GLU D 65 38.56 -11.31 -24.96
CA GLU D 65 39.52 -10.25 -24.65
C GLU D 65 39.08 -9.44 -23.43
N ALA D 66 37.78 -9.46 -23.14
CA ALA D 66 37.24 -8.70 -22.03
C ALA D 66 37.61 -9.31 -20.67
N ILE D 67 37.97 -10.59 -20.66
CA ILE D 67 38.24 -11.27 -19.39
C ILE D 67 39.64 -11.90 -19.27
N LEU D 68 40.37 -12.02 -20.37
CA LEU D 68 41.66 -12.71 -20.32
C LEU D 68 42.83 -11.81 -19.93
N THR D 69 43.56 -12.22 -18.89
CA THR D 69 44.82 -11.58 -18.54
C THR D 69 45.97 -12.37 -19.13
N LYS D 70 47.18 -11.83 -19.02
CA LYS D 70 48.35 -12.55 -19.50
C LYS D 70 48.51 -13.87 -18.77
N GLU D 71 48.31 -13.84 -17.45
CA GLU D 71 48.42 -15.04 -16.63
C GLU D 71 47.46 -16.12 -17.09
N ASP D 72 46.22 -15.74 -17.35
CA ASP D 72 45.21 -16.67 -17.87
C ASP D 72 45.73 -17.32 -19.15
N LYS D 73 46.17 -16.47 -20.08
CA LYS D 73 46.61 -16.92 -21.39
C LYS D 73 47.71 -17.96 -21.30
N GLU D 74 48.45 -17.96 -20.18
CA GLU D 74 49.53 -18.91 -20.00
C GLU D 74 49.04 -20.20 -19.33
N ALA D 75 47.99 -20.08 -18.52
CA ALA D 75 47.49 -21.23 -17.76
C ALA D 75 46.43 -22.01 -18.53
N ILE D 76 45.92 -21.44 -19.61
CA ILE D 76 44.94 -22.10 -20.44
C ILE D 76 45.59 -23.14 -21.35
N ASP D 77 45.11 -24.36 -21.31
CA ASP D 77 45.62 -25.41 -22.19
C ASP D 77 44.49 -26.11 -22.96
N MET D 78 43.32 -25.47 -23.00
CA MET D 78 42.22 -25.95 -23.81
C MET D 78 41.29 -24.80 -24.20
N VAL D 79 41.02 -24.68 -25.49
CA VAL D 79 40.13 -23.64 -26.00
C VAL D 79 38.98 -24.28 -26.78
N ILE D 80 37.75 -23.99 -26.35
CA ILE D 80 36.57 -24.61 -26.94
C ILE D 80 35.58 -23.56 -27.39
N VAL D 81 35.09 -23.70 -28.62
CA VAL D 81 34.04 -22.85 -29.13
C VAL D 81 32.79 -23.68 -29.37
N GLY D 82 31.71 -23.31 -28.70
CA GLY D 82 30.41 -23.90 -28.97
C GLY D 82 29.64 -23.01 -29.92
N THR D 83 29.17 -23.58 -31.02
CA THR D 83 28.50 -22.79 -32.04
C THR D 83 27.71 -23.68 -33.00
N GLU D 84 26.70 -23.09 -33.61
CA GLU D 84 26.01 -23.70 -34.75
C GLU D 84 26.05 -22.72 -35.92
N SER D 85 27.06 -21.85 -35.91
CA SER D 85 27.19 -20.80 -36.91
C SER D 85 28.60 -20.82 -37.47
N SER D 86 29.14 -22.03 -37.60
CA SER D 86 30.51 -22.25 -38.03
C SER D 86 30.74 -21.67 -39.43
N ILE D 87 32.01 -21.40 -39.73
CA ILE D 87 32.38 -20.84 -41.02
C ILE D 87 33.26 -21.81 -41.81
N ASP D 88 33.58 -22.95 -41.20
CA ASP D 88 34.34 -23.99 -41.87
C ASP D 88 33.81 -25.35 -41.44
N GLU D 89 33.92 -26.33 -42.35
CA GLU D 89 33.45 -27.68 -42.08
C GLU D 89 34.52 -28.55 -41.40
N SER D 90 35.77 -28.08 -41.41
CA SER D 90 36.89 -28.85 -40.86
C SER D 90 37.63 -28.08 -39.76
N LYS D 91 38.11 -26.89 -40.11
CA LYS D 91 38.93 -26.09 -39.20
C LYS D 91 38.09 -25.47 -38.09
N ALA D 92 38.42 -25.82 -36.85
CA ALA D 92 37.70 -25.31 -35.69
C ALA D 92 37.92 -23.82 -35.54
N ALA D 93 36.84 -23.08 -35.31
CA ALA D 93 36.93 -21.65 -35.06
C ALA D 93 37.83 -21.37 -33.86
N ALA D 94 37.89 -22.32 -32.95
CA ALA D 94 38.70 -22.19 -31.74
C ALA D 94 40.18 -21.99 -32.07
N VAL D 95 40.62 -22.51 -33.20
CA VAL D 95 42.01 -22.40 -33.61
C VAL D 95 42.37 -20.94 -33.83
N VAL D 96 41.52 -20.21 -34.54
CA VAL D 96 41.76 -18.80 -34.82
C VAL D 96 41.66 -18.00 -33.53
N LEU D 97 40.74 -18.38 -32.66
CA LEU D 97 40.56 -17.71 -31.38
C LEU D 97 41.82 -17.88 -30.54
N HIS D 98 42.42 -19.06 -30.62
CA HIS D 98 43.65 -19.34 -29.86
C HIS D 98 44.77 -18.40 -30.27
N ARG D 99 44.87 -18.12 -31.57
CA ARG D 99 45.90 -17.21 -32.07
C ARG D 99 45.63 -15.77 -31.62
N LEU D 100 44.43 -15.29 -31.93
CA LEU D 100 44.07 -13.90 -31.66
C LEU D 100 44.23 -13.56 -30.18
N MET D 101 43.90 -14.52 -29.32
CA MET D 101 43.96 -14.29 -27.88
C MET D 101 45.35 -14.50 -27.30
N GLY D 102 46.29 -14.93 -28.13
CA GLY D 102 47.66 -15.10 -27.69
C GLY D 102 47.81 -16.16 -26.61
N ILE D 103 46.96 -17.17 -26.65
CA ILE D 103 47.05 -18.28 -25.71
C ILE D 103 48.32 -19.08 -25.96
N GLN D 104 48.92 -19.60 -24.90
CA GLN D 104 50.17 -20.35 -25.04
C GLN D 104 49.96 -21.53 -25.98
N PRO D 105 51.01 -21.90 -26.74
CA PRO D 105 50.91 -22.84 -27.86
C PRO D 105 50.44 -24.25 -27.48
N PHE D 106 50.83 -24.74 -26.31
CA PHE D 106 50.57 -26.13 -25.96
C PHE D 106 49.17 -26.32 -25.38
N ALA D 107 48.17 -26.14 -26.23
CA ALA D 107 46.78 -26.30 -25.85
C ALA D 107 46.04 -27.01 -26.98
N ARG D 108 44.93 -27.66 -26.65
CA ARG D 108 44.10 -28.25 -27.69
C ARG D 108 42.93 -27.32 -27.95
N SER D 109 42.55 -27.20 -29.22
CA SER D 109 41.47 -26.31 -29.63
C SER D 109 40.49 -27.04 -30.54
N PHE D 110 39.21 -26.84 -30.30
CA PHE D 110 38.18 -27.49 -31.13
C PHE D 110 36.79 -26.88 -30.97
N GLU D 111 35.92 -27.16 -31.93
CA GLU D 111 34.53 -26.74 -31.89
C GLU D 111 33.64 -27.84 -31.35
N ILE D 112 32.56 -27.45 -30.68
CA ILE D 112 31.52 -28.40 -30.30
C ILE D 112 30.22 -27.97 -30.96
N LYS D 113 29.55 -28.93 -31.61
CA LYS D 113 28.28 -28.66 -32.27
C LYS D 113 27.16 -29.52 -31.72
N GLU D 114 26.12 -28.84 -31.25
CA GLU D 114 24.82 -29.46 -30.99
C GLU D 114 23.83 -28.33 -30.71
N ALA D 115 23.47 -27.61 -31.77
CA ALA D 115 22.55 -26.49 -31.67
C ALA D 115 23.00 -25.53 -30.57
N CYS D 116 22.08 -25.12 -29.70
CA CYS D 116 22.35 -24.14 -28.66
C CYS D 116 22.93 -24.78 -27.40
N TYR D 117 23.32 -26.05 -27.48
CA TYR D 117 23.81 -26.78 -26.30
C TYR D 117 25.34 -26.88 -26.28
N GLY D 118 25.97 -26.56 -27.42
CA GLY D 118 27.39 -26.76 -27.59
C GLY D 118 28.28 -26.18 -26.50
N ALA D 119 28.01 -24.95 -26.07
CA ALA D 119 28.85 -24.32 -25.06
C ALA D 119 28.72 -25.03 -23.72
N THR D 120 27.51 -25.49 -23.39
CA THR D 120 27.28 -26.22 -22.14
C THR D 120 28.16 -27.46 -22.09
N ALA D 121 28.13 -28.24 -23.17
CA ALA D 121 29.01 -29.39 -23.29
C ALA D 121 30.42 -28.97 -22.96
N GLY D 122 30.89 -27.90 -23.60
CA GLY D 122 32.22 -27.38 -23.36
C GLY D 122 32.46 -27.06 -21.89
N LEU D 123 31.48 -26.43 -21.25
CA LEU D 123 31.62 -26.05 -19.85
C LEU D 123 31.80 -27.27 -18.96
N GLN D 124 30.97 -28.29 -19.17
CA GLN D 124 31.01 -29.48 -18.34
C GLN D 124 32.31 -30.24 -18.54
N LEU D 125 32.75 -30.33 -19.80
CA LEU D 125 34.01 -30.98 -20.12
C LEU D 125 35.18 -30.22 -19.53
N ALA D 126 35.10 -28.89 -19.57
CA ALA D 126 36.14 -28.04 -19.01
C ALA D 126 36.29 -28.28 -17.52
N LYS D 127 35.14 -28.38 -16.84
CA LYS D 127 35.10 -28.67 -15.41
C LYS D 127 35.86 -29.94 -15.08
N ASN D 128 35.58 -31.02 -15.81
CA ASN D 128 36.25 -32.29 -15.59
C ASN D 128 37.75 -32.19 -15.83
N HIS D 129 38.14 -31.44 -16.85
CA HIS D 129 39.54 -31.28 -17.21
C HIS D 129 40.31 -30.64 -16.07
N VAL D 130 39.74 -29.57 -15.51
CA VAL D 130 40.38 -28.85 -14.41
C VAL D 130 40.38 -29.72 -13.15
N ALA D 131 39.36 -30.55 -12.99
CA ALA D 131 39.30 -31.46 -11.86
C ALA D 131 40.54 -32.35 -11.82
N LEU D 132 41.01 -32.77 -12.99
CA LEU D 132 42.17 -33.64 -13.09
C LEU D 132 43.46 -32.85 -13.29
N HIS D 133 43.32 -31.55 -13.54
CA HIS D 133 44.47 -30.67 -13.70
C HIS D 133 44.14 -29.31 -13.09
N PRO D 134 44.12 -29.25 -11.75
CA PRO D 134 43.66 -28.07 -11.01
C PRO D 134 44.46 -26.79 -11.29
N ASP D 135 45.63 -26.93 -11.89
CA ASP D 135 46.47 -25.77 -12.17
C ASP D 135 46.25 -25.21 -13.57
N LYS D 136 45.42 -25.88 -14.36
CA LYS D 136 45.13 -25.43 -15.71
C LYS D 136 43.78 -24.72 -15.76
N LYS D 137 43.57 -23.94 -16.80
CA LYS D 137 42.28 -23.29 -17.03
C LYS D 137 41.80 -23.61 -18.44
N VAL D 138 40.52 -23.37 -18.68
CA VAL D 138 39.92 -23.59 -19.99
C VAL D 138 39.13 -22.37 -20.41
N LEU D 139 39.27 -21.98 -21.67
CA LEU D 139 38.45 -20.94 -22.25
C LEU D 139 37.33 -21.61 -23.04
N VAL D 140 36.10 -21.37 -22.61
CA VAL D 140 34.92 -21.83 -23.33
C VAL D 140 34.12 -20.63 -23.82
N VAL D 141 33.90 -20.56 -25.13
CA VAL D 141 33.15 -19.44 -25.68
C VAL D 141 31.95 -19.94 -26.47
N ALA D 142 30.78 -19.40 -26.14
CA ALA D 142 29.60 -19.58 -26.97
C ALA D 142 29.57 -18.45 -27.99
N ALA D 143 29.35 -18.78 -29.25
CA ALA D 143 29.28 -17.75 -30.29
C ALA D 143 28.31 -18.18 -31.39
N ASP D 144 27.44 -17.27 -31.80
CA ASP D 144 26.44 -17.55 -32.82
C ASP D 144 25.85 -16.28 -33.44
N ILE D 145 25.42 -16.41 -34.69
CA ILE D 145 24.57 -15.44 -35.35
C ILE D 145 23.22 -16.08 -35.64
N ALA D 146 22.16 -15.59 -35.00
CA ALA D 146 20.84 -16.18 -35.17
C ALA D 146 19.96 -15.37 -36.11
N LYS D 147 19.80 -15.88 -37.34
CA LYS D 147 19.01 -15.21 -38.37
C LYS D 147 17.95 -16.13 -38.93
N TYR D 148 16.74 -15.60 -39.09
CA TYR D 148 15.64 -16.38 -39.63
C TYR D 148 15.14 -15.85 -40.97
N GLY D 149 15.39 -14.57 -41.24
CA GLY D 149 15.04 -13.98 -42.52
C GLY D 149 14.05 -12.83 -42.40
N LEU D 150 14.21 -11.84 -43.27
CA LEU D 150 13.30 -10.69 -43.29
C LEU D 150 11.86 -11.17 -43.49
N ASN D 151 10.95 -10.68 -42.64
CA ASN D 151 9.54 -11.03 -42.70
C ASN D 151 9.24 -12.48 -42.29
N SER D 152 10.22 -13.13 -41.66
CA SER D 152 10.03 -14.47 -41.13
C SER D 152 9.40 -14.38 -39.74
N GLY D 153 8.70 -15.44 -39.34
CA GLY D 153 8.09 -15.47 -38.02
C GLY D 153 9.12 -15.36 -36.91
N GLY D 154 10.33 -15.86 -37.19
CA GLY D 154 11.39 -15.86 -36.20
C GLY D 154 12.24 -14.61 -36.19
N GLU D 155 11.95 -13.69 -37.11
CA GLU D 155 12.73 -12.47 -37.23
C GLU D 155 12.89 -11.75 -35.90
N PRO D 156 11.79 -11.54 -35.16
CA PRO D 156 11.87 -10.77 -33.91
C PRO D 156 12.68 -11.44 -32.79
N THR D 157 13.07 -12.69 -32.99
CA THR D 157 13.85 -13.40 -31.97
C THR D 157 15.34 -13.38 -32.29
N GLN D 158 15.69 -12.80 -33.43
CA GLN D 158 17.06 -12.83 -33.93
C GLN D 158 18.05 -12.17 -32.98
N GLY D 159 19.33 -12.49 -33.17
CA GLY D 159 20.39 -11.94 -32.35
C GLY D 159 21.74 -12.36 -32.87
N ALA D 160 22.80 -11.90 -32.21
CA ALA D 160 24.17 -12.21 -32.63
C ALA D 160 25.13 -11.78 -31.53
N GLY D 161 26.18 -12.57 -31.33
CA GLY D 161 27.19 -12.25 -30.35
C GLY D 161 27.86 -13.46 -29.74
N ALA D 162 28.49 -13.28 -28.59
CA ALA D 162 29.24 -14.34 -27.95
C ALA D 162 29.29 -14.15 -26.44
N VAL D 163 29.45 -15.26 -25.72
CA VAL D 163 29.63 -15.22 -24.28
C VAL D 163 30.83 -16.08 -23.90
N ALA D 164 31.87 -15.45 -23.36
CA ALA D 164 33.11 -16.15 -23.03
C ALA D 164 33.20 -16.46 -21.54
N MET D 165 33.69 -17.66 -21.22
CA MET D 165 33.81 -18.08 -19.83
C MET D 165 35.22 -18.59 -19.56
N LEU D 166 35.78 -18.20 -18.43
CA LEU D 166 37.05 -18.76 -17.98
C LEU D 166 36.77 -19.76 -16.89
N VAL D 167 37.10 -21.03 -17.14
CA VAL D 167 36.86 -22.10 -16.17
C VAL D 167 38.14 -22.47 -15.45
N SER D 168 38.09 -22.56 -14.13
CA SER D 168 39.26 -22.88 -13.33
C SER D 168 38.88 -23.38 -11.95
N SER D 169 39.88 -23.79 -11.17
CA SER D 169 39.66 -24.15 -9.78
C SER D 169 39.53 -22.86 -8.96
N GLU D 170 38.94 -22.97 -7.77
CA GLU D 170 38.68 -21.81 -6.92
C GLU D 170 38.10 -20.66 -7.73
N PRO D 171 37.00 -20.92 -8.45
CA PRO D 171 36.40 -19.88 -9.29
C PRO D 171 35.83 -18.76 -8.44
N ARG D 172 35.90 -17.53 -8.95
CA ARG D 172 35.48 -16.36 -8.19
C ARG D 172 33.99 -16.04 -8.30
N ILE D 173 33.30 -16.70 -9.22
CA ILE D 173 31.88 -16.40 -9.44
C ILE D 173 30.94 -17.57 -9.13
N LEU D 174 31.06 -18.66 -9.88
CA LEU D 174 30.09 -19.76 -9.77
C LEU D 174 30.78 -21.11 -9.70
N ALA D 175 30.61 -21.80 -8.58
CA ALA D 175 31.15 -23.14 -8.39
C ALA D 175 30.12 -24.17 -8.84
N LEU D 176 30.53 -25.05 -9.75
CA LEU D 176 29.62 -26.03 -10.33
C LEU D 176 29.53 -27.31 -9.49
N LYS D 177 28.30 -27.82 -9.35
CA LYS D 177 28.06 -29.03 -8.58
C LYS D 177 28.07 -30.25 -9.50
N GLU D 178 28.01 -31.44 -8.91
CA GLU D 178 28.04 -32.68 -9.67
C GLU D 178 26.66 -33.33 -9.73
N ASP D 179 25.63 -32.53 -9.99
CA ASP D 179 24.26 -33.04 -10.01
C ASP D 179 23.67 -33.04 -11.41
N ASN D 180 24.54 -33.04 -12.43
CA ASN D 180 24.09 -32.94 -13.82
C ASN D 180 23.11 -34.03 -14.20
N VAL D 181 22.04 -33.65 -14.87
CA VAL D 181 21.12 -34.59 -15.48
C VAL D 181 21.05 -34.28 -16.97
N MET D 182 21.21 -35.30 -17.79
CA MET D 182 21.31 -35.12 -19.23
C MET D 182 20.19 -35.85 -19.94
N LEU D 183 19.85 -35.41 -21.15
CA LEU D 183 18.77 -36.03 -21.92
C LEU D 183 18.96 -35.86 -23.42
N THR D 184 18.80 -36.95 -24.16
CA THR D 184 18.88 -36.89 -25.61
C THR D 184 17.65 -37.55 -26.23
N GLN D 185 17.03 -36.81 -27.15
CA GLN D 185 15.88 -37.30 -27.91
C GLN D 185 16.11 -36.94 -29.37
N ASP D 186 15.83 -37.86 -30.28
CA ASP D 186 15.99 -37.59 -31.70
C ASP D 186 14.74 -36.95 -32.26
N ILE D 187 14.70 -35.61 -32.22
CA ILE D 187 13.54 -34.85 -32.66
C ILE D 187 13.97 -33.70 -33.57
N TYR D 188 13.35 -33.60 -34.74
CA TYR D 188 13.69 -32.56 -35.69
C TYR D 188 12.77 -31.36 -35.50
N ASP D 189 13.04 -30.59 -34.45
CA ASP D 189 12.28 -29.37 -34.18
C ASP D 189 12.92 -28.17 -34.85
N PHE D 190 14.24 -28.16 -34.88
CA PHE D 190 14.99 -27.11 -35.53
C PHE D 190 16.31 -27.73 -35.98
N TRP D 191 16.66 -27.54 -37.24
CA TRP D 191 17.92 -28.07 -37.76
C TRP D 191 18.35 -27.24 -38.96
N ARG D 192 19.58 -27.44 -39.42
CA ARG D 192 20.09 -26.71 -40.58
C ARG D 192 21.02 -27.60 -41.40
N PRO D 193 20.47 -28.25 -42.44
CA PRO D 193 21.25 -29.14 -43.31
C PRO D 193 22.37 -28.42 -44.03
N THR D 194 23.36 -29.18 -44.48
CA THR D 194 24.48 -28.62 -45.21
C THR D 194 23.94 -27.88 -46.43
N GLY D 195 24.47 -26.67 -46.67
CA GLY D 195 24.05 -25.87 -47.80
C GLY D 195 22.98 -24.86 -47.48
N HIS D 196 22.44 -24.92 -46.25
CA HIS D 196 21.38 -24.02 -45.84
C HIS D 196 21.91 -22.85 -45.02
N PRO D 197 21.86 -21.63 -45.58
CA PRO D 197 22.23 -20.46 -44.78
C PRO D 197 21.24 -20.19 -43.64
N TYR D 198 19.96 -20.49 -43.86
CA TYR D 198 18.93 -20.30 -42.84
C TYR D 198 18.46 -21.66 -42.33
N PRO D 199 17.92 -21.70 -41.11
CA PRO D 199 17.53 -22.99 -40.51
C PRO D 199 16.18 -23.50 -40.98
N MET D 200 15.98 -24.80 -40.83
CA MET D 200 14.68 -25.42 -41.00
C MET D 200 14.04 -25.49 -39.63
N VAL D 201 12.76 -25.15 -39.53
CA VAL D 201 12.10 -25.26 -38.23
C VAL D 201 10.62 -25.63 -38.32
N ASP D 202 10.20 -26.45 -37.36
CA ASP D 202 8.79 -26.72 -37.13
C ASP D 202 8.44 -26.05 -35.79
N GLY D 203 8.32 -24.72 -35.84
CA GLY D 203 8.23 -23.90 -34.65
C GLY D 203 7.41 -24.46 -33.51
N PRO D 204 6.15 -24.86 -33.80
CA PRO D 204 5.24 -25.37 -32.78
C PRO D 204 5.80 -26.60 -32.08
N LEU D 205 6.28 -27.56 -32.86
CA LEU D 205 6.97 -28.72 -32.31
C LEU D 205 8.17 -28.26 -31.48
N SER D 206 8.86 -27.23 -31.95
CA SER D 206 10.05 -26.73 -31.26
C SER D 206 9.74 -26.19 -29.88
N ASN D 207 8.71 -25.37 -29.78
CA ASN D 207 8.33 -24.79 -28.49
C ASN D 207 8.01 -25.87 -27.47
N GLU D 208 7.19 -26.83 -27.85
CA GLU D 208 6.77 -27.86 -26.90
C GLU D 208 7.91 -28.85 -26.62
N THR D 209 8.74 -29.12 -27.61
CA THR D 209 9.90 -29.98 -27.40
C THR D 209 10.80 -29.33 -26.36
N TYR D 210 10.93 -28.01 -26.43
CA TYR D 210 11.74 -27.26 -25.51
C TYR D 210 11.14 -27.27 -24.10
N ILE D 211 9.84 -27.02 -24.03
CA ILE D 211 9.15 -27.02 -22.73
C ILE D 211 9.19 -28.39 -22.07
N GLN D 212 8.93 -29.43 -22.85
CA GLN D 212 8.92 -30.80 -22.31
C GLN D 212 10.32 -31.30 -21.99
N SER D 213 11.32 -30.74 -22.65
CA SER D 213 12.70 -31.09 -22.35
C SER D 213 13.04 -30.66 -20.93
N PHE D 214 12.67 -29.43 -20.56
CA PHE D 214 12.93 -28.95 -19.21
C PHE D 214 12.18 -29.79 -18.18
N ALA D 215 10.92 -30.09 -18.47
CA ALA D 215 10.10 -30.88 -17.57
C ALA D 215 10.75 -32.23 -17.28
N GLN D 216 11.29 -32.85 -18.34
CA GLN D 216 11.87 -34.18 -18.21
C GLN D 216 13.16 -34.18 -17.39
N VAL D 217 14.08 -33.28 -17.72
CA VAL D 217 15.35 -33.24 -16.99
C VAL D 217 15.14 -32.74 -15.56
N TRP D 218 14.15 -31.89 -15.35
CA TRP D 218 13.86 -31.39 -14.01
C TRP D 218 13.29 -32.49 -13.13
N ASP D 219 12.36 -33.27 -13.67
CA ASP D 219 11.75 -34.35 -12.90
C ASP D 219 12.77 -35.43 -12.57
N GLU D 220 13.65 -35.73 -13.53
CA GLU D 220 14.68 -36.73 -13.32
C GLU D 220 15.68 -36.21 -12.28
N HIS D 221 15.96 -34.91 -12.34
CA HIS D 221 16.86 -34.28 -11.38
C HIS D 221 16.28 -34.38 -9.97
N LYS D 222 14.98 -34.14 -9.86
CA LYS D 222 14.30 -34.27 -8.57
C LYS D 222 14.31 -35.73 -8.12
N LYS D 223 14.23 -36.66 -9.07
CA LYS D 223 14.28 -38.08 -8.76
C LYS D 223 15.62 -38.48 -8.18
N ARG D 224 16.68 -37.80 -8.62
CA ARG D 224 18.05 -38.15 -8.22
C ARG D 224 18.56 -37.38 -7.00
N THR D 225 17.99 -36.20 -6.74
CA THR D 225 18.48 -35.32 -5.69
C THR D 225 17.44 -34.98 -4.63
N GLY D 226 16.17 -35.08 -4.99
CA GLY D 226 15.10 -34.71 -4.07
C GLY D 226 14.89 -33.21 -3.99
N LEU D 227 15.68 -32.45 -4.74
CA LEU D 227 15.60 -30.99 -4.73
C LEU D 227 14.43 -30.48 -5.56
N ASP D 228 13.81 -29.42 -5.07
CA ASP D 228 12.65 -28.82 -5.73
C ASP D 228 12.86 -27.31 -5.81
N PHE D 229 11.90 -26.60 -6.41
CA PHE D 229 12.05 -25.16 -6.65
C PHE D 229 12.36 -24.37 -5.38
N ALA D 230 11.82 -24.82 -4.26
CA ALA D 230 12.07 -24.15 -2.99
C ALA D 230 13.56 -24.07 -2.67
N ASP D 231 14.32 -25.04 -3.19
CA ASP D 231 15.74 -25.14 -2.88
C ASP D 231 16.64 -24.33 -3.81
N TYR D 232 16.04 -23.68 -4.82
CA TYR D 232 16.79 -22.87 -5.76
C TYR D 232 16.46 -21.39 -5.61
N ASP D 233 17.50 -20.59 -5.39
CA ASP D 233 17.34 -19.15 -5.21
C ASP D 233 17.13 -18.44 -6.55
N ALA D 234 17.53 -19.08 -7.64
CA ALA D 234 17.28 -18.55 -8.98
C ALA D 234 17.52 -19.61 -10.05
N LEU D 235 16.89 -19.42 -11.21
CA LEU D 235 17.05 -20.34 -12.34
C LEU D 235 17.43 -19.57 -13.60
N ALA D 236 18.49 -20.02 -14.26
CA ALA D 236 18.88 -19.44 -15.54
C ALA D 236 18.54 -20.41 -16.66
N PHE D 237 17.82 -19.92 -17.66
CA PHE D 237 17.30 -20.77 -18.72
C PHE D 237 17.89 -20.43 -20.07
N HIS D 238 18.17 -21.44 -20.89
CA HIS D 238 18.27 -21.19 -22.30
C HIS D 238 16.88 -20.81 -22.76
N ILE D 239 16.80 -19.84 -23.66
CA ILE D 239 15.52 -19.41 -24.21
C ILE D 239 15.65 -19.10 -25.70
N PRO D 240 14.64 -19.50 -26.50
CA PRO D 240 14.55 -19.11 -27.89
C PRO D 240 14.01 -17.68 -28.00
N TYR D 241 13.19 -17.31 -27.03
CA TYR D 241 12.81 -15.91 -26.79
C TYR D 241 12.13 -15.85 -25.43
N THR D 242 12.09 -14.65 -24.82
CA THR D 242 11.79 -14.55 -23.39
C THR D 242 10.42 -15.11 -23.01
N LYS D 243 9.42 -14.90 -23.87
CA LYS D 243 8.07 -15.33 -23.56
C LYS D 243 8.00 -16.86 -23.48
N MET D 244 8.75 -17.54 -24.33
CA MET D 244 8.70 -18.99 -24.41
C MET D 244 9.41 -19.63 -23.22
N GLY D 245 10.44 -18.96 -22.71
CA GLY D 245 11.13 -19.45 -21.53
C GLY D 245 10.26 -19.31 -20.30
N LYS D 246 9.46 -18.25 -20.26
CA LYS D 246 8.51 -18.04 -19.18
C LYS D 246 7.38 -19.06 -19.25
N LYS D 247 7.05 -19.48 -20.46
CA LYS D 247 6.05 -20.51 -20.65
C LYS D 247 6.55 -21.85 -20.14
N ALA D 248 7.81 -22.17 -20.43
CA ALA D 248 8.42 -23.40 -19.96
C ALA D 248 8.47 -23.41 -18.44
N LEU D 249 8.83 -22.27 -17.86
CA LEU D 249 8.92 -22.14 -16.42
C LEU D 249 7.56 -22.25 -15.75
N LEU D 250 6.60 -21.47 -16.24
CA LEU D 250 5.24 -21.48 -15.70
C LEU D 250 4.64 -22.87 -15.72
N ALA D 251 4.94 -23.63 -16.76
CA ALA D 251 4.36 -24.97 -16.93
C ALA D 251 4.75 -25.92 -15.81
N LYS D 252 5.93 -25.71 -15.23
CA LYS D 252 6.44 -26.60 -14.19
C LYS D 252 6.23 -26.07 -12.77
N ILE D 253 6.06 -24.76 -12.63
CA ILE D 253 5.89 -24.19 -11.30
C ILE D 253 4.41 -23.94 -10.98
N SER D 254 3.52 -24.51 -11.80
CA SER D 254 2.09 -24.27 -11.67
C SER D 254 1.51 -24.80 -10.35
N ASP D 255 2.21 -25.74 -9.73
CA ASP D 255 1.74 -26.35 -8.49
C ASP D 255 2.42 -25.76 -7.25
N GLN D 256 3.26 -24.75 -7.45
CA GLN D 256 3.92 -24.07 -6.34
C GLN D 256 3.01 -22.99 -5.76
N THR D 257 3.28 -22.59 -4.52
CA THR D 257 2.51 -21.53 -3.88
C THR D 257 2.67 -20.25 -4.69
N GLU D 258 1.70 -19.35 -4.56
CA GLU D 258 1.78 -18.08 -5.27
C GLU D 258 3.03 -17.32 -4.86
N ALA D 259 3.48 -17.52 -3.63
CA ALA D 259 4.67 -16.86 -3.12
C ALA D 259 5.92 -17.38 -3.80
N GLU D 260 5.96 -18.69 -4.03
CA GLU D 260 7.08 -19.32 -4.71
C GLU D 260 7.08 -18.95 -6.20
N GLN D 261 5.91 -19.02 -6.83
CA GLN D 261 5.80 -18.66 -8.25
C GLN D 261 6.30 -17.23 -8.49
N GLU D 262 5.86 -16.29 -7.65
CA GLU D 262 6.26 -14.90 -7.78
C GLU D 262 7.77 -14.75 -7.60
N ARG D 263 8.31 -15.43 -6.61
CA ARG D 263 9.74 -15.39 -6.33
C ARG D 263 10.52 -15.90 -7.55
N ILE D 264 10.08 -17.02 -8.10
CA ILE D 264 10.78 -17.66 -9.22
C ILE D 264 10.67 -16.81 -10.49
N LEU D 265 9.49 -16.24 -10.72
CA LEU D 265 9.24 -15.44 -11.91
C LEU D 265 10.01 -14.12 -11.85
N ALA D 266 10.13 -13.57 -10.64
CA ALA D 266 10.90 -12.35 -10.45
C ALA D 266 12.36 -12.59 -10.81
N ARG D 267 12.88 -13.75 -10.41
CA ARG D 267 14.26 -14.11 -10.77
C ARG D 267 14.40 -14.24 -12.27
N TYR D 268 13.41 -14.85 -12.91
CA TYR D 268 13.46 -15.00 -14.35
C TYR D 268 13.53 -13.63 -15.03
N GLU D 269 12.67 -12.70 -14.59
CA GLU D 269 12.65 -11.36 -15.15
C GLU D 269 14.04 -10.73 -15.14
N GLU D 270 14.77 -10.93 -14.05
CA GLU D 270 16.11 -10.39 -13.91
C GLU D 270 17.07 -11.07 -14.89
N SER D 271 16.81 -12.34 -15.20
CA SER D 271 17.70 -13.11 -16.07
C SER D 271 17.54 -12.76 -17.55
N ILE D 272 16.49 -12.02 -17.91
CA ILE D 272 16.22 -11.70 -19.32
C ILE D 272 16.39 -10.23 -19.67
N ILE D 273 16.90 -9.43 -18.74
CA ILE D 273 17.10 -8.00 -18.98
C ILE D 273 18.00 -7.74 -20.19
N TYR D 274 19.16 -8.38 -20.22
CA TYR D 274 20.06 -8.25 -21.36
C TYR D 274 19.50 -8.91 -22.60
N SER D 275 18.83 -10.04 -22.41
CA SER D 275 18.23 -10.76 -23.53
C SER D 275 17.26 -9.86 -24.30
N ARG D 276 16.45 -9.10 -23.58
CA ARG D 276 15.47 -8.21 -24.21
C ARG D 276 16.15 -7.17 -25.09
N ARG D 277 17.42 -6.90 -24.84
CA ARG D 277 18.15 -5.88 -25.58
C ARG D 277 19.14 -6.46 -26.59
N VAL D 278 19.13 -7.78 -26.76
CA VAL D 278 20.09 -8.43 -27.66
C VAL D 278 19.44 -9.41 -28.62
N GLY D 279 18.57 -10.28 -28.10
CA GLY D 279 17.96 -11.32 -28.91
C GLY D 279 18.58 -12.66 -28.63
N ASN D 280 18.34 -13.64 -29.50
CA ASN D 280 18.84 -15.00 -29.30
C ASN D 280 20.32 -15.13 -29.67
N LEU D 281 21.12 -15.64 -28.73
CA LEU D 281 22.53 -15.89 -28.98
C LEU D 281 22.77 -17.38 -29.16
N TYR D 282 21.69 -18.14 -29.37
CA TYR D 282 21.76 -19.58 -29.47
C TYR D 282 22.57 -20.19 -28.30
N THR D 283 23.79 -20.66 -28.57
CA THR D 283 24.58 -21.31 -27.53
C THR D 283 24.82 -20.40 -26.34
N GLY D 284 24.83 -19.09 -26.57
CA GLY D 284 25.16 -18.15 -25.51
C GLY D 284 23.98 -17.66 -24.69
N SER D 285 22.77 -18.05 -25.09
CA SER D 285 21.55 -17.54 -24.48
C SER D 285 21.46 -17.83 -22.97
N LEU D 286 21.74 -19.07 -22.59
CA LEU D 286 21.70 -19.45 -21.18
C LEU D 286 22.71 -18.64 -20.35
N TYR D 287 23.88 -18.43 -20.92
CA TYR D 287 24.97 -17.81 -20.18
C TYR D 287 24.84 -16.29 -20.17
N LEU D 288 24.21 -15.73 -21.19
CA LEU D 288 23.84 -14.32 -21.15
C LEU D 288 22.84 -14.13 -20.03
N GLY D 289 21.93 -15.09 -19.90
CA GLY D 289 20.94 -15.08 -18.83
C GLY D 289 21.58 -15.13 -17.46
N LEU D 290 22.64 -15.94 -17.34
CA LEU D 290 23.38 -16.03 -16.08
C LEU D 290 24.02 -14.70 -15.74
N ILE D 291 24.65 -14.07 -16.72
CA ILE D 291 25.28 -12.77 -16.52
C ILE D 291 24.21 -11.75 -16.11
N SER D 292 23.14 -11.70 -16.89
CA SER D 292 22.05 -10.76 -16.64
C SER D 292 21.49 -10.94 -15.24
N LEU D 293 21.28 -12.19 -14.84
CA LEU D 293 20.79 -12.49 -13.50
C LEU D 293 21.74 -11.95 -12.44
N LEU D 294 23.03 -12.26 -12.58
CA LEU D 294 24.01 -11.85 -11.58
C LEU D 294 24.22 -10.35 -11.54
N GLU D 295 24.10 -9.71 -12.69
CA GLU D 295 24.41 -8.28 -12.78
C GLU D 295 23.19 -7.39 -12.55
N ASN D 296 22.00 -7.97 -12.53
CA ASN D 296 20.78 -7.18 -12.34
C ASN D 296 20.06 -7.47 -11.03
N ALA D 297 20.27 -8.66 -10.47
CA ALA D 297 19.67 -8.99 -9.19
C ALA D 297 20.33 -8.18 -8.07
N THR D 298 19.57 -7.92 -7.01
CA THR D 298 20.09 -7.16 -5.87
C THR D 298 20.09 -8.00 -4.59
N THR D 299 19.25 -9.02 -4.54
CA THR D 299 19.07 -9.80 -3.32
C THR D 299 19.79 -11.15 -3.34
N LEU D 300 20.38 -11.51 -4.48
CA LEU D 300 21.18 -12.73 -4.53
C LEU D 300 22.43 -12.51 -3.69
N THR D 301 22.93 -13.59 -3.07
CA THR D 301 24.14 -13.48 -2.27
C THR D 301 24.93 -14.80 -2.25
N ALA D 302 26.12 -14.72 -1.69
CA ALA D 302 27.00 -15.88 -1.53
C ALA D 302 26.26 -17.08 -0.94
N GLY D 303 26.54 -18.26 -1.48
CA GLY D 303 25.93 -19.48 -0.99
C GLY D 303 24.67 -19.87 -1.74
N ASN D 304 24.02 -18.90 -2.38
CA ASN D 304 22.77 -19.16 -3.09
C ASN D 304 22.95 -20.20 -4.19
N GLN D 305 21.91 -20.99 -4.42
CA GLN D 305 21.94 -22.06 -5.41
C GLN D 305 21.29 -21.59 -6.70
N ILE D 306 22.02 -21.70 -7.80
CA ILE D 306 21.50 -21.33 -9.11
C ILE D 306 21.30 -22.60 -9.94
N GLY D 307 20.09 -22.76 -10.48
CA GLY D 307 19.81 -23.89 -11.36
C GLY D 307 19.91 -23.42 -12.80
N LEU D 308 20.64 -24.19 -13.62
CA LEU D 308 20.80 -23.83 -15.03
C LEU D 308 20.20 -24.91 -15.94
N PHE D 309 19.35 -24.50 -16.85
CA PHE D 309 18.78 -25.41 -17.85
C PHE D 309 19.31 -25.07 -19.23
N SER D 310 20.00 -26.03 -19.84
CA SER D 310 20.54 -25.85 -21.19
C SER D 310 19.75 -26.70 -22.18
N TYR D 311 19.51 -26.14 -23.36
CA TYR D 311 18.78 -26.85 -24.40
C TYR D 311 19.50 -26.72 -25.74
N GLY D 312 19.39 -27.78 -26.55
CA GLY D 312 19.87 -27.77 -27.91
C GLY D 312 18.83 -28.48 -28.76
N SER D 313 18.35 -27.81 -29.81
CA SER D 313 17.38 -28.44 -30.68
C SER D 313 18.01 -29.70 -31.26
N GLY D 314 17.19 -30.71 -31.54
CA GLY D 314 17.71 -31.92 -32.16
C GLY D 314 17.29 -33.26 -31.58
N ALA D 315 17.19 -33.41 -30.25
CA ALA D 315 17.38 -32.35 -29.27
C ALA D 315 18.10 -32.89 -28.04
N VAL D 316 18.91 -32.04 -27.42
CA VAL D 316 19.62 -32.40 -26.20
C VAL D 316 19.33 -31.37 -25.11
N ALA D 317 19.34 -31.81 -23.85
CA ALA D 317 19.05 -30.92 -22.73
C ALA D 317 19.83 -31.34 -21.49
N GLU D 318 20.06 -30.39 -20.59
CA GLU D 318 20.78 -30.69 -19.37
C GLU D 318 20.40 -29.71 -18.27
N PHE D 319 20.25 -30.21 -17.05
CA PHE D 319 20.04 -29.35 -15.90
C PHE D 319 21.17 -29.57 -14.89
N PHE D 320 21.81 -28.48 -14.47
CA PHE D 320 22.89 -28.56 -13.49
C PHE D 320 22.84 -27.38 -12.53
N THR D 321 23.60 -27.49 -11.44
CA THR D 321 23.53 -26.49 -10.38
C THR D 321 24.86 -25.79 -10.18
N GLY D 322 24.78 -24.53 -9.77
CA GLY D 322 25.97 -23.76 -9.43
C GLY D 322 25.73 -22.99 -8.16
N GLU D 323 26.79 -22.78 -7.39
CA GLU D 323 26.69 -21.99 -6.16
C GLU D 323 27.46 -20.68 -6.29
N LEU D 324 26.84 -19.58 -5.87
CA LEU D 324 27.50 -18.29 -5.91
C LEU D 324 28.64 -18.25 -4.90
N VAL D 325 29.82 -17.85 -5.37
CA VAL D 325 31.01 -17.79 -4.53
C VAL D 325 31.12 -16.42 -3.88
N ALA D 326 31.41 -16.39 -2.58
CA ALA D 326 31.53 -15.13 -1.87
C ALA D 326 32.47 -14.20 -2.61
N GLY D 327 32.07 -12.94 -2.73
CA GLY D 327 32.90 -11.94 -3.39
C GLY D 327 32.66 -11.84 -4.89
N TYR D 328 31.72 -12.64 -5.40
CA TYR D 328 31.47 -12.66 -6.84
C TYR D 328 31.03 -11.29 -7.37
N GLN D 329 30.32 -10.52 -6.54
CA GLN D 329 29.81 -9.22 -6.95
C GLN D 329 30.92 -8.28 -7.41
N ASN D 330 32.14 -8.54 -6.96
CA ASN D 330 33.28 -7.70 -7.35
C ASN D 330 34.02 -8.21 -8.56
N HIS D 331 33.46 -9.22 -9.23
CA HIS D 331 34.14 -9.84 -10.36
C HIS D 331 33.22 -9.95 -11.56
N LEU D 332 32.25 -9.04 -11.63
CA LEU D 332 31.35 -8.97 -12.76
C LEU D 332 31.70 -7.76 -13.65
N GLN D 333 30.89 -7.52 -14.69
CA GLN D 333 31.28 -6.55 -15.72
C GLN D 333 30.14 -5.62 -16.08
N LYS D 334 29.33 -5.28 -15.08
CA LYS D 334 28.10 -4.53 -15.34
C LYS D 334 28.33 -3.25 -16.13
N GLU D 335 29.30 -2.45 -15.71
CA GLU D 335 29.56 -1.16 -16.36
C GLU D 335 29.94 -1.36 -17.83
N THR D 336 30.86 -2.28 -18.07
CA THR D 336 31.31 -2.59 -19.42
C THR D 336 30.15 -3.03 -20.30
N HIS D 337 29.27 -3.87 -19.74
CA HIS D 337 28.17 -4.41 -20.51
C HIS D 337 27.14 -3.34 -20.87
N LEU D 338 26.79 -2.50 -19.91
CA LEU D 338 25.80 -1.45 -20.14
C LEU D 338 26.34 -0.45 -21.17
N ALA D 339 27.62 -0.15 -21.09
CA ALA D 339 28.25 0.74 -22.05
C ALA D 339 28.24 0.10 -23.43
N LEU D 340 28.49 -1.20 -23.48
CA LEU D 340 28.49 -1.92 -24.75
C LEU D 340 27.12 -1.82 -25.39
N LEU D 341 26.08 -2.03 -24.60
CA LEU D 341 24.71 -1.99 -25.09
C LEU D 341 24.27 -0.56 -25.45
N ASP D 342 24.60 0.38 -24.58
CA ASP D 342 24.14 1.76 -24.73
C ASP D 342 24.84 2.50 -25.86
N ASN D 343 26.07 2.12 -26.16
CA ASN D 343 26.86 2.82 -27.18
C ASN D 343 26.63 2.30 -28.58
N ARG D 344 25.72 1.34 -28.74
CA ARG D 344 25.37 0.83 -30.06
C ARG D 344 24.68 1.89 -30.91
N THR D 345 24.73 1.71 -32.22
CA THR D 345 24.03 2.61 -33.14
C THR D 345 22.70 2.01 -33.54
N GLU D 346 21.63 2.79 -33.41
CA GLU D 346 20.30 2.32 -33.80
C GLU D 346 20.13 2.38 -35.31
N LEU D 347 19.67 1.28 -35.89
CA LEU D 347 19.44 1.20 -37.32
C LEU D 347 17.99 1.48 -37.64
N SER D 348 17.76 2.23 -38.70
CA SER D 348 16.42 2.38 -39.24
C SER D 348 16.06 1.09 -39.94
N ILE D 349 14.78 0.92 -40.25
CA ILE D 349 14.33 -0.28 -40.96
C ILE D 349 15.09 -0.48 -42.27
N ALA D 350 15.37 0.62 -42.97
CA ALA D 350 16.06 0.56 -44.24
C ALA D 350 17.52 0.15 -44.07
N GLU D 351 18.17 0.70 -43.06
CA GLU D 351 19.56 0.41 -42.79
C GLU D 351 19.73 -1.04 -42.36
N TYR D 352 18.77 -1.53 -41.60
CA TYR D 352 18.79 -2.92 -41.12
C TYR D 352 18.62 -3.93 -42.25
N GLU D 353 17.64 -3.69 -43.12
CA GLU D 353 17.36 -4.63 -44.20
C GLU D 353 18.51 -4.71 -45.20
N ALA D 354 19.23 -3.61 -45.37
CA ALA D 354 20.38 -3.60 -46.27
C ALA D 354 21.54 -4.38 -45.68
N MET D 355 21.74 -4.24 -44.37
CA MET D 355 22.82 -4.91 -43.68
C MET D 355 22.55 -6.41 -43.55
N PHE D 356 21.28 -6.76 -43.34
CA PHE D 356 20.89 -8.14 -43.10
C PHE D 356 20.92 -8.97 -44.39
N ALA D 357 20.42 -8.37 -45.47
CA ALA D 357 20.31 -9.06 -46.75
C ALA D 357 21.68 -9.31 -47.37
N GLU D 358 22.62 -8.42 -47.09
CA GLU D 358 24.00 -8.59 -47.56
C GLU D 358 24.51 -9.94 -47.10
N THR D 359 24.90 -10.80 -48.04
CA THR D 359 25.43 -12.11 -47.67
C THR D 359 26.88 -12.25 -48.13
N LEU D 360 27.68 -12.84 -47.26
CA LEU D 360 29.09 -13.07 -47.55
C LEU D 360 29.25 -14.26 -48.48
N ASP D 361 29.89 -14.04 -49.63
CA ASP D 361 30.21 -15.13 -50.54
C ASP D 361 31.72 -15.33 -50.54
N THR D 362 32.16 -16.47 -50.02
CA THR D 362 33.57 -16.73 -49.80
C THR D 362 34.32 -17.13 -51.06
N ASP D 363 33.58 -17.54 -52.09
CA ASP D 363 34.19 -17.90 -53.36
C ASP D 363 34.77 -16.69 -54.07
N ILE D 364 34.28 -15.50 -53.71
CA ILE D 364 34.78 -14.26 -54.29
C ILE D 364 35.87 -13.65 -53.44
N ASP D 365 36.99 -13.31 -54.06
CA ASP D 365 38.05 -12.58 -53.38
C ASP D 365 37.61 -11.14 -53.19
N GLN D 366 37.71 -10.63 -51.97
CA GLN D 366 37.12 -9.34 -51.64
C GLN D 366 37.76 -8.75 -50.39
N THR D 367 37.60 -7.43 -50.23
CA THR D 367 37.96 -6.77 -48.98
C THR D 367 36.69 -6.30 -48.28
N LEU D 368 36.80 -6.05 -46.98
CA LEU D 368 35.69 -5.50 -46.21
C LEU D 368 36.22 -4.40 -45.30
N GLU D 369 35.42 -3.36 -45.12
CA GLU D 369 35.80 -2.27 -44.22
C GLU D 369 34.93 -2.31 -42.97
N ASP D 370 35.58 -2.28 -41.82
CA ASP D 370 34.90 -2.35 -40.55
C ASP D 370 35.88 -1.87 -39.49
N GLU D 371 35.40 -1.05 -38.56
CA GLU D 371 36.25 -0.44 -37.55
C GLU D 371 36.30 -1.25 -36.27
N LEU D 372 35.55 -2.36 -36.24
CA LEU D 372 35.50 -3.22 -35.07
C LEU D 372 36.71 -4.15 -35.03
N LYS D 373 37.40 -4.17 -33.91
CA LYS D 373 38.54 -5.06 -33.72
C LYS D 373 38.13 -6.51 -33.95
N TYR D 374 39.02 -7.28 -34.58
CA TYR D 374 38.77 -8.69 -34.87
C TYR D 374 37.68 -8.91 -35.92
N SER D 375 37.32 -7.85 -36.64
CA SER D 375 36.39 -7.96 -37.76
C SER D 375 37.14 -8.49 -38.97
N ILE D 376 36.40 -9.01 -39.95
CA ILE D 376 37.00 -9.52 -41.18
C ILE D 376 37.51 -8.37 -42.03
N SER D 377 38.77 -8.47 -42.44
CA SER D 377 39.40 -7.40 -43.23
C SER D 377 39.49 -7.79 -44.70
N ALA D 378 39.52 -9.09 -44.98
CA ALA D 378 39.63 -9.55 -46.35
C ALA D 378 39.38 -11.05 -46.45
N ILE D 379 38.83 -11.48 -47.58
CA ILE D 379 38.74 -12.89 -47.90
C ILE D 379 39.49 -13.15 -49.20
N ASN D 380 40.36 -14.16 -49.18
CA ASN D 380 41.20 -14.45 -50.33
C ASN D 380 41.48 -15.94 -50.38
N ASN D 381 41.02 -16.59 -51.45
CA ASN D 381 41.04 -18.03 -51.55
C ASN D 381 40.15 -18.65 -50.48
N THR D 382 39.09 -17.93 -50.14
CA THR D 382 38.13 -18.36 -49.11
C THR D 382 38.70 -18.21 -47.70
N VAL D 383 39.94 -17.74 -47.59
CA VAL D 383 40.58 -17.61 -46.28
C VAL D 383 40.35 -16.22 -45.70
N ARG D 384 39.67 -16.18 -44.57
CA ARG D 384 39.34 -14.92 -43.92
C ARG D 384 40.55 -14.38 -43.18
N SER D 385 40.70 -13.05 -43.21
CA SER D 385 41.75 -12.37 -42.46
C SER D 385 41.08 -11.43 -41.46
N TYR D 386 41.70 -11.26 -40.29
CA TYR D 386 41.09 -10.47 -39.22
C TYR D 386 42.00 -9.33 -38.77
N ARG D 387 41.43 -8.14 -38.65
CA ARG D 387 42.19 -6.99 -38.14
C ARG D 387 42.25 -7.09 -36.61
N ASN D 388 43.45 -6.89 -36.06
CA ASN D 388 43.69 -7.14 -34.65
C ASN D 388 44.57 -6.08 -34.01
C1 F24 E . -7.35 34.52 11.33
O1 F24 E . -5.11 41.64 23.32
C2 F24 E . -8.13 35.61 12.12
O2 F24 E . -7.23 34.42 8.94
C3 F24 E . -6.00 42.08 22.59
C4 F24 E . -7.43 33.16 12.06
O4 F24 E . -6.26 43.29 22.37
C5 F24 E . -7.24 36.52 13.02
O5 F24 E . -6.46 32.34 11.45
C6 F24 E . -6.87 41.03 21.89
O6 F24 E . -8.68 36.47 11.16
C7 F24 E . -6.24 38.83 20.19
C8 F24 E . -7.91 34.32 9.93
C9 F24 E . -7.73 41.32 20.92
C10 F24 E . -6.69 35.82 14.28
C11 F24 E . -5.99 36.78 15.28
C12 F24 E . -7.61 40.73 19.57
C13 F24 E . -5.97 40.21 16.62
C14 F24 E . -7.25 39.47 19.32
C16 F24 E . -7.53 38.82 17.99
C18 F24 E . -6.40 38.77 16.92
C20 F24 E . -6.79 38.07 15.58
C21 F24 E . -8.98 42.04 21.30
H1 F24 E . -6.27 34.81 11.26
H2 F24 E . -8.91 35.10 12.73
H4 F24 E . -8.44 32.73 11.97
H4A F24 E . -7.22 33.26 13.15
H5 F24 E . -7.82 37.40 13.33
H5A F24 E . -6.40 36.93 12.45
HO5 F24 E . -6.52 31.49 11.87
H6 F24 E . -6.91 40.09 22.44
HO6 F24 E . -9.30 37.06 11.59
H7 F24 E . -5.63 38.11 19.65
H7A F24 E . -6.69 38.29 21.03
H7B F24 E . -5.58 39.58 20.63
H10 F24 E . -7.51 35.27 14.80
H10A F24 E . -5.99 35.02 13.96
H11 F24 E . -5.77 36.25 16.22
H11A F24 E . -4.99 37.05 14.87
H12 F24 E . -7.94 41.41 18.78
H13 F24 E . -5.50 40.70 17.48
H13A F24 E . -6.81 40.85 16.33
H13B F24 E . -5.24 40.27 15.79
H16 F24 E . -8.42 39.32 17.54
H16A F24 E . -7.90 37.79 18.19
H18 F24 E . -5.51 38.23 17.36
H20 F24 E . -6.64 38.78 14.75
H20A F24 E . -7.86 37.84 15.58
H21 F24 E . -8.91 43.11 21.04
H21A F24 E . -9.88 41.66 20.80
H21B F24 E . -9.16 42.01 22.38
C1 F24 F . -3.66 6.20 2.34
O1 F24 F . 0.71 -7.32 5.31
C2 F24 F . -2.81 4.94 2.01
O2 F24 F . -4.75 7.49 0.65
C3 F24 F . 0.92 -6.86 6.45
C4 F24 F . -3.06 6.94 3.55
O4 F24 F . 1.61 -7.40 7.34
C5 F24 F . -3.19 3.66 2.83
O5 F24 F . -3.98 7.95 3.87
C6 F24 F . 0.28 -5.50 6.74
O6 F24 F . -3.08 4.62 0.66
C7 F24 F . -0.51 -1.71 7.37
C8 F24 F . -3.71 7.18 1.18
C9 F24 F . 0.55 -4.41 6.02
C10 F24 F . -2.16 3.28 3.92
C11 F24 F . -2.57 2.03 4.73
C12 F24 F . -0.51 -3.44 5.67
C13 F24 F . -3.17 -1.67 4.28
C14 F24 F . -0.49 -2.13 5.95
C16 F24 F . -0.82 -1.09 4.90
C18 F24 F . -2.28 -0.56 4.84
C20 F24 F . -2.47 0.71 3.94
C21 F24 F . 1.84 -4.34 5.30
H1 F24 F . -4.70 5.90 2.60
H2 F24 F . -1.73 5.20 2.18
H4 F24 F . -2.06 7.36 3.29
H4A F24 F . -2.91 6.27 4.42
H5 F24 F . -3.31 2.80 2.14
H5A F24 F . -4.17 3.78 3.30
HO5 F24 F . -3.62 8.45 4.60
H6 F24 F . -0.31 -5.47 7.65
HO6 F24 F . -2.43 3.98 0.36
H7 F24 F . -0.34 -0.63 7.49
H7A F24 F . 0.26 -2.21 7.97
H7B F24 F . -1.47 -1.96 7.83
H10 F24 F . -1.16 3.12 3.46
H10A F24 F . -2.02 4.15 4.58
H11 F24 F . -1.96 1.96 5.64
H11A F24 F . -3.60 2.16 5.09
H12 F24 F . -1.32 -3.88 5.07
H13 F24 F . -3.19 -2.55 4.94
H13A F24 F . -2.86 -2.03 3.29
H13B F24 F . -4.22 -1.36 4.16
H16 F24 F . -0.54 -1.51 3.91
H16A F24 F . -0.12 -0.24 5.04
H18 F24 F . -2.64 -0.31 5.86
H20 F24 F . -3.37 0.60 3.31
H20A F24 F . -1.63 0.78 3.23
H21 F24 F . 2.04 -5.29 4.77
H21A F24 F . 1.91 -3.54 4.55
H21B F24 F . 2.70 -4.23 5.98
C1 F24 G . -17.28 -34.48 20.99
O1 F24 G . -31.82 -31.19 20.63
C2 F24 G . -18.30 -33.37 21.41
O2 F24 G . -15.40 -35.23 22.27
C3 F24 G . -31.05 -31.96 20.03
C4 F24 G . -17.00 -34.45 19.48
O4 F24 G . -31.28 -33.16 19.73
C5 F24 G . -19.79 -33.83 21.45
O5 F24 G . -16.00 -35.39 19.24
C6 F24 G . -29.69 -31.38 19.67
O6 F24 G . -17.96 -32.99 22.71
C7 F24 G . -26.98 -32.92 19.25
C8 F24 G . -15.95 -34.31 21.70
C9 F24 G . -28.88 -30.82 20.57
C10 F24 G . -20.58 -33.58 20.16
C11 F24 G . -22.06 -33.99 20.25
C12 F24 G . -27.72 -31.53 21.12
C13 F24 G . -24.98 -34.04 22.19
C14 F24 G . -26.69 -32.00 20.37
C16 F24 G . -25.26 -31.93 20.87
C18 F24 G . -24.46 -33.26 20.98
C20 F24 G . -22.93 -33.06 21.15
C21 F24 G . -29.33 -29.56 21.24
H1 F24 G . -17.69 -35.49 21.24
H2 F24 G . -18.20 -32.53 20.66
H4 F24 G . -16.69 -33.43 19.15
H4A F24 G . -17.91 -34.71 18.88
H5 F24 G . -20.30 -33.32 22.31
H5A F24 G . -19.86 -34.91 21.72
HO5 F24 G . -15.77 -35.37 18.32
H6 F24 G . -29.59 -31.16 18.61
HO6 F24 G . -18.41 -32.17 22.93
H7 F24 G . -26.33 -32.75 18.39
H7A F24 G . -28.01 -32.82 18.89
H7B F24 G . -26.88 -33.97 19.57
H10 F24 G . -20.51 -32.51 19.88
H10A F24 G . -20.08 -34.10 19.33
H11 F24 G . -22.51 -34.05 19.24
H11A F24 G . -22.12 -35.03 20.63
H12 F24 G . -27.71 -31.60 22.20
H13 F24 G . -26.09 -34.10 22.21
H13A F24 G . -24.70 -33.58 23.15
H13B F24 G . -24.62 -35.07 22.23
H16 F24 G . -25.27 -31.42 21.86
H16A F24 G . -24.72 -31.22 20.23
H18 F24 G . -24.64 -33.88 20.09
H20 F24 G . -22.63 -33.22 22.20
H20A F24 G . -22.66 -32.01 20.93
H21 F24 G . -29.18 -29.62 22.33
H21A F24 G . -28.83 -28.66 20.89
H21B F24 G . -30.41 -29.40 21.10
C1 F24 H . 17.88 -23.53 -30.86
O1 F24 H . 5.13 -17.20 -34.74
C2 F24 H . 16.94 -22.33 -30.55
O2 F24 H . 18.98 -24.74 -29.13
C3 F24 H . 5.92 -17.68 -35.59
C4 F24 H . 18.62 -23.29 -32.20
O4 F24 H . 5.60 -18.25 -36.65
C5 F24 H . 15.58 -22.36 -31.30
O5 F24 H . 19.27 -24.50 -32.49
C6 F24 H . 7.40 -17.52 -35.26
O6 F24 H . 16.64 -22.41 -29.18
C7 F24 H . 10.26 -19.20 -35.61
C8 F24 H . 18.93 -23.73 -29.79
C9 F24 H . 7.90 -17.70 -34.04
C10 F24 H . 15.45 -21.31 -32.39
C11 F24 H . 14.11 -21.40 -33.16
C12 F24 H . 8.77 -18.85 -33.73
C13 F24 H . 10.43 -21.61 -32.47
C14 F24 H . 10.04 -18.98 -34.16
C16 F24 H . 11.16 -19.34 -33.22
C18 F24 H . 11.57 -20.84 -33.12
C20 F24 H . 12.87 -21.09 -32.30
C21 F24 H . 7.80 -16.58 -33.06
H1 F24 H . 17.28 -24.46 -30.96
H2 F24 H . 17.49 -21.39 -30.81
H4 F24 H . 19.32 -22.45 -32.12
H4A F24 H . 17.91 -23.04 -33.03
H5 F24 H . 14.75 -22.26 -30.57
H5A F24 H . 15.42 -23.36 -31.74
HO5 F24 H . 19.76 -24.38 -33.29
H6 F24 H . 7.99 -17.11 -36.07
HO6 F24 H . 16.22 -21.60 -28.91
H7 F24 H . 11.09 -18.60 -36.00
H7A F24 H . 9.38 -18.93 -36.22
H7B F24 H . 10.47 -20.25 -35.82
H10 F24 H . 15.55 -20.30 -31.95
H10A F24 H . 16.31 -21.39 -33.08
H11 F24 H . 14.13 -20.73 -34.04
H11A F24 H . 14.02 -22.42 -33.58
H12 F24 H . 8.25 -19.66 -33.23
H13 F24 H . 9.51 -21.58 -33.07
H13A F24 H . 10.16 -21.22 -31.48
H13B F24 H . 10.67 -22.68 -32.31
H16 F24 H . 10.88 -18.96 -32.21
H16A F24 H . 12.04 -18.72 -33.50
H18 F24 H . 11.73 -21.25 -34.15
H20 F24 H . 12.72 -21.91 -31.59
H20A F24 H . 13.09 -20.21 -31.67
H21 F24 H . 7.43 -16.95 -32.08
H21A F24 H . 8.75 -16.07 -32.87
H21B F24 H . 7.07 -15.82 -33.38
#